data_6F5I
#
_entry.id   6F5I
#
_cell.length_a   85.332
_cell.length_b   59.609
_cell.length_c   136.440
_cell.angle_alpha   90.000
_cell.angle_beta   102.150
_cell.angle_gamma   90.000
#
_symmetry.space_group_name_H-M   'P 1 21 1'
#
loop_
_entity.id
_entity.type
_entity.pdbx_description
1 polymer 'Purine nucleoside phosphorylase DeoD-type'
2 non-polymer METHANOL
3 water water
#
_entity_poly.entity_id   1
_entity_poly.type   'polypeptide(L)'
_entity_poly.pdbx_seq_one_letter_code
;MTPHINAKIGDFYPQCLLCGDPLRVSYIAKKFLQDAKEITNVRNMLGFSGKYKGRGISLMGHGMGIASCTIYVTELIKTY
QVKELLRIGTCGAISPKVGLKDIIMATGASTDSKTNRVRFLNHDLSATPDFELSLRAYQTAKRLGIDLKVGNVFSSDFFY
SFETHAFDLMAKYNHLAIEMEAAGLYATAMELNAKALCLCSVSDHLITKEALSPKERVESFDNMIILALEMMS
;
_entity_poly.pdbx_strand_id   A,B,C,D,E,F
#
loop_
_chem_comp.id
_chem_comp.type
_chem_comp.name
_chem_comp.formula
MOH non-polymer METHANOL 'C H4 O'
#
# COMPACT_ATOMS: atom_id res chain seq x y z
N MET A 1 -5.91 38.33 0.91
CA MET A 1 -6.09 37.82 -0.45
C MET A 1 -6.30 36.31 -0.48
N THR A 2 -5.40 35.58 0.17
CA THR A 2 -5.61 34.17 0.45
C THR A 2 -5.79 33.98 1.95
N PRO A 3 -6.29 32.82 2.39
CA PRO A 3 -6.45 32.59 3.83
C PRO A 3 -5.16 32.64 4.62
N HIS A 4 -4.00 32.74 3.98
CA HIS A 4 -2.74 32.62 4.69
C HIS A 4 -1.74 33.73 4.39
N ILE A 5 -1.85 34.42 3.28
CA ILE A 5 -0.93 35.51 2.95
C ILE A 5 -1.73 36.79 2.85
N ASN A 6 -1.13 37.87 3.34
CA ASN A 6 -1.77 39.16 3.58
C ASN A 6 -1.50 40.17 2.49
N ALA A 7 -0.75 39.78 1.47
CA ALA A 7 -0.11 40.73 0.59
C ALA A 7 -1.07 41.23 -0.48
N LYS A 8 -0.79 42.43 -0.98
CA LYS A 8 -1.35 42.84 -2.26
C LYS A 8 -0.67 42.06 -3.37
N ILE A 9 -1.39 41.82 -4.46
CA ILE A 9 -0.73 41.18 -5.60
C ILE A 9 0.29 42.17 -6.13
N GLY A 10 1.41 41.65 -6.61
CA GLY A 10 2.53 42.52 -6.93
C GLY A 10 3.53 42.72 -5.81
N ASP A 11 3.15 42.45 -4.54
CA ASP A 11 4.10 42.64 -3.44
C ASP A 11 5.30 41.70 -3.55
N PHE A 12 5.13 40.53 -4.15
CA PHE A 12 6.21 39.57 -4.27
C PHE A 12 6.97 39.79 -5.59
N TYR A 13 8.29 39.79 -5.50
CA TYR A 13 9.13 39.65 -6.68
C TYR A 13 9.00 38.23 -7.21
N PRO A 14 9.43 38.00 -8.46
CA PRO A 14 9.30 36.64 -9.03
C PRO A 14 10.26 35.64 -8.43
N GLN A 15 11.28 36.09 -7.70
CA GLN A 15 12.23 35.23 -7.00
C GLN A 15 12.02 35.39 -5.50
N CYS A 16 11.78 34.27 -4.82
CA CYS A 16 11.44 34.29 -3.40
C CYS A 16 12.29 33.25 -2.67
N LEU A 17 12.90 33.68 -1.55
CA LEU A 17 13.52 32.78 -0.58
C LEU A 17 12.49 32.33 0.45
N LEU A 18 12.52 31.03 0.78
CA LEU A 18 11.61 30.47 1.78
C LEU A 18 12.40 29.99 2.99
N CYS A 19 11.87 30.26 4.18
CA CYS A 19 12.26 29.55 5.40
C CYS A 19 11.01 29.02 6.08
N GLY A 20 11.19 27.99 6.90
CA GLY A 20 10.11 27.57 7.78
C GLY A 20 9.92 28.52 8.95
N ASP A 21 11.00 29.15 9.43
CA ASP A 21 10.98 29.99 10.63
C ASP A 21 10.77 31.45 10.25
N PRO A 22 9.69 32.09 10.69
CA PRO A 22 9.47 33.51 10.35
C PRO A 22 10.54 34.44 10.89
N LEU A 23 11.25 34.05 11.97
CA LEU A 23 12.29 34.91 12.49
C LEU A 23 13.51 34.93 11.60
N ARG A 24 13.90 33.76 11.05
CA ARG A 24 14.99 33.76 10.09
C ARG A 24 14.65 34.65 8.89
N VAL A 25 13.42 34.54 8.39
CA VAL A 25 12.96 35.45 7.35
C VAL A 25 13.20 36.90 7.77
N SER A 26 12.83 37.23 9.01
CA SER A 26 12.98 38.58 9.52
C SER A 26 14.45 38.96 9.69
N TYR A 27 15.29 37.98 10.00
CA TYR A 27 16.72 38.25 10.20
C TYR A 27 17.40 38.53 8.86
N ILE A 28 17.11 37.71 7.85
CA ILE A 28 17.64 37.96 6.51
C ILE A 28 17.19 39.33 6.02
N ALA A 29 15.92 39.65 6.28
CA ALA A 29 15.38 40.92 5.82
C ALA A 29 16.11 42.11 6.43
N LYS A 30 16.44 42.03 7.73
CA LYS A 30 17.10 43.17 8.38
C LYS A 30 18.57 43.29 7.98
N LYS A 31 19.28 42.17 7.91
CA LYS A 31 20.74 42.19 7.75
C LYS A 31 21.19 42.21 6.29
N PHE A 32 20.42 41.65 5.36
CA PHE A 32 20.91 41.50 4.00
C PHE A 32 20.11 42.25 2.95
N LEU A 33 18.87 42.62 3.21
CA LEU A 33 18.11 43.31 2.18
C LEU A 33 18.28 44.82 2.26
N GLN A 34 17.99 45.47 1.13
CA GLN A 34 17.83 46.92 1.06
C GLN A 34 16.37 47.23 0.76
N ASP A 35 15.85 48.30 1.38
CA ASP A 35 14.47 48.76 1.15
C ASP A 35 13.42 47.73 1.58
N ALA A 36 13.74 46.94 2.60
CA ALA A 36 12.87 45.85 3.03
C ALA A 36 11.52 46.37 3.51
N LYS A 37 10.46 45.76 3.02
CA LYS A 37 9.12 46.09 3.46
C LYS A 37 8.41 44.79 3.83
N GLU A 38 7.68 44.80 4.94
CA GLU A 38 6.90 43.64 5.37
C GLU A 38 5.61 43.57 4.55
N ILE A 39 5.43 42.49 3.79
CA ILE A 39 4.24 42.40 2.94
C ILE A 39 3.14 41.49 3.50
N THR A 40 3.45 40.54 4.38
CA THR A 40 2.41 39.68 4.94
C THR A 40 2.78 39.31 6.37
N ASN A 41 1.73 39.02 7.18
CA ASN A 41 1.90 38.76 8.61
C ASN A 41 0.82 37.85 9.21
N VAL A 42 0.04 37.13 8.39
CA VAL A 42 -0.97 36.21 8.90
C VAL A 42 -0.30 35.07 9.67
N ARG A 43 -0.81 34.79 10.88
CA ARG A 43 -0.26 33.73 11.75
C ARG A 43 1.19 33.99 12.16
N ASN A 44 1.58 35.25 12.27
CA ASN A 44 2.97 35.64 12.49
C ASN A 44 3.91 35.03 11.46
N MET A 45 3.38 34.65 10.30
CA MET A 45 4.16 34.11 9.19
C MET A 45 4.51 35.26 8.24
N LEU A 46 5.67 35.89 8.48
CA LEU A 46 6.01 37.13 7.80
C LEU A 46 6.59 36.88 6.41
N GLY A 47 6.30 37.82 5.50
CA GLY A 47 7.00 37.89 4.23
C GLY A 47 7.53 39.29 4.01
N PHE A 48 8.58 39.39 3.18
CA PHE A 48 9.22 40.66 2.88
C PHE A 48 9.61 40.74 1.42
N SER A 49 9.58 41.97 0.88
CA SER A 49 10.21 42.30 -0.39
C SER A 49 11.24 43.41 -0.19
N GLY A 50 12.31 43.33 -0.98
CA GLY A 50 13.42 44.27 -0.89
C GLY A 50 14.33 44.07 -2.09
N LYS A 51 15.53 44.66 -2.01
CA LYS A 51 16.53 44.51 -3.05
C LYS A 51 17.81 43.91 -2.47
N TYR A 52 18.53 43.17 -3.30
CA TYR A 52 19.85 42.66 -2.92
C TYR A 52 20.80 42.92 -4.09
N LYS A 53 21.66 43.92 -3.91
CA LYS A 53 22.55 44.40 -4.96
C LYS A 53 21.76 44.75 -6.22
N GLY A 54 20.72 45.53 -6.03
CA GLY A 54 19.99 46.14 -7.13
C GLY A 54 18.83 45.35 -7.67
N ARG A 55 18.58 44.14 -7.18
CA ARG A 55 17.59 43.26 -7.79
C ARG A 55 16.50 42.88 -6.80
N GLY A 56 15.27 42.79 -7.30
CA GLY A 56 14.17 42.42 -6.43
C GLY A 56 14.32 41.00 -5.90
N ILE A 57 14.01 40.83 -4.62
CA ILE A 57 14.02 39.54 -3.94
C ILE A 57 12.94 39.58 -2.86
N SER A 58 12.18 38.49 -2.77
CA SER A 58 11.18 38.31 -1.72
C SER A 58 11.60 37.20 -0.77
N LEU A 59 11.01 37.24 0.41
CA LEU A 59 11.24 36.25 1.45
C LEU A 59 9.90 35.81 1.99
N MET A 60 9.73 34.51 2.26
CA MET A 60 8.47 34.03 2.82
C MET A 60 8.72 32.95 3.85
N GLY A 61 8.04 33.06 5.00
CA GLY A 61 8.01 31.98 5.95
C GLY A 61 6.97 30.94 5.55
N HIS A 62 7.30 29.67 5.80
CA HIS A 62 6.40 28.59 5.36
C HIS A 62 6.16 27.51 6.41
N GLY A 63 6.50 27.75 7.69
CA GLY A 63 6.08 26.75 8.69
C GLY A 63 6.79 25.40 8.55
N MET A 64 6.38 24.45 9.39
CA MET A 64 7.07 23.16 9.45
C MET A 64 6.21 22.06 8.87
N GLY A 65 6.81 21.23 8.02
CA GLY A 65 6.14 20.06 7.48
C GLY A 65 5.65 20.24 6.04
N ILE A 66 5.48 19.11 5.37
CA ILE A 66 5.02 19.11 3.99
C ILE A 66 3.69 19.85 3.83
N ALA A 67 2.73 19.59 4.73
CA ALA A 67 1.39 20.19 4.59
C ALA A 67 1.46 21.70 4.69
N SER A 68 2.12 22.22 5.73
CA SER A 68 2.23 23.67 5.86
C SER A 68 3.03 24.26 4.72
N CYS A 69 4.13 23.60 4.36
CA CYS A 69 4.95 24.14 3.28
C CYS A 69 4.15 24.21 2.00
N THR A 70 3.35 23.18 1.73
CA THR A 70 2.55 23.13 0.50
C THR A 70 1.51 24.25 0.47
N ILE A 71 1.01 24.67 1.63
CA ILE A 71 0.05 25.76 1.63
C ILE A 71 0.68 27.05 1.10
N TYR A 72 1.86 27.38 1.58
CA TYR A 72 2.45 28.69 1.27
C TYR A 72 3.00 28.74 -0.15
N VAL A 73 3.68 27.70 -0.63
CA VAL A 73 4.20 27.83 -1.97
C VAL A 73 3.07 27.76 -2.99
N THR A 74 2.04 26.94 -2.76
CA THR A 74 0.89 26.94 -3.66
C THR A 74 0.36 28.35 -3.83
N GLU A 75 0.19 29.05 -2.71
CA GLU A 75 -0.35 30.40 -2.75
C GLU A 75 0.62 31.36 -3.44
N LEU A 76 1.92 31.25 -3.15
CA LEU A 76 2.90 32.11 -3.79
C LEU A 76 2.83 31.96 -5.31
N ILE A 77 2.72 30.72 -5.79
CA ILE A 77 2.73 30.47 -7.24
C ILE A 77 1.42 30.90 -7.86
N LYS A 78 0.30 30.38 -7.36
CA LYS A 78 -0.97 30.57 -8.03
C LYS A 78 -1.49 31.99 -7.88
N THR A 79 -1.35 32.58 -6.69
CA THR A 79 -1.93 33.88 -6.46
C THR A 79 -0.92 35.02 -6.61
N TYR A 80 0.30 34.84 -6.14
CA TYR A 80 1.24 35.95 -6.05
C TYR A 80 2.29 35.87 -7.14
N GLN A 81 2.13 34.94 -8.08
CA GLN A 81 2.87 34.86 -9.34
C GLN A 81 4.38 34.74 -9.13
N VAL A 82 4.81 34.14 -8.02
CA VAL A 82 6.21 33.76 -7.83
C VAL A 82 6.60 32.70 -8.86
N LYS A 83 7.81 32.81 -9.40
CA LYS A 83 8.29 31.90 -10.43
C LYS A 83 9.49 31.04 -10.01
N GLU A 84 10.37 31.56 -9.16
CA GLU A 84 11.51 30.82 -8.62
C GLU A 84 11.43 30.84 -7.11
N LEU A 85 11.68 29.69 -6.50
CA LEU A 85 11.53 29.52 -5.05
C LEU A 85 12.73 28.75 -4.53
N LEU A 86 13.36 29.29 -3.50
CA LEU A 86 14.61 28.77 -2.94
C LEU A 86 14.44 28.60 -1.43
N ARG A 87 14.23 27.38 -0.98
CA ARG A 87 14.15 27.12 0.45
C ARG A 87 15.54 27.05 1.05
N ILE A 88 15.75 27.73 2.16
CA ILE A 88 17.00 27.69 2.88
C ILE A 88 16.62 27.35 4.32
N GLY A 89 16.76 26.08 4.68
CA GLY A 89 16.32 25.62 5.97
C GLY A 89 17.39 24.89 6.74
N THR A 90 16.92 24.08 7.68
CA THR A 90 17.76 23.32 8.60
C THR A 90 17.42 21.84 8.45
N CYS A 91 18.39 20.99 8.76
CA CYS A 91 18.18 19.56 8.66
C CYS A 91 18.97 18.84 9.74
N GLY A 92 18.73 17.54 9.88
CA GLY A 92 19.49 16.69 10.75
C GLY A 92 20.35 15.74 9.93
N ALA A 93 21.63 15.67 10.29
CA ALA A 93 22.55 14.72 9.67
C ALA A 93 22.27 13.30 10.15
N ILE A 94 22.61 12.33 9.31
CA ILE A 94 22.33 10.92 9.59
C ILE A 94 23.53 10.05 9.26
N SER A 95 24.56 10.73 8.79
CA SER A 95 25.84 10.13 8.53
C SER A 95 26.86 10.91 9.37
N PRO A 96 27.72 10.11 10.10
CA PRO A 96 28.72 10.85 10.88
C PRO A 96 29.66 11.64 9.98
N LYS A 97 29.75 11.25 8.71
CA LYS A 97 30.60 11.94 7.76
C LYS A 97 30.19 13.39 7.53
N VAL A 98 28.88 13.65 7.52
CA VAL A 98 28.33 14.98 7.34
C VAL A 98 28.48 15.77 8.63
N GLY A 99 29.24 16.86 8.60
CA GLY A 99 29.45 17.62 9.81
C GLY A 99 28.23 18.40 10.23
N LEU A 100 28.44 19.29 11.19
CA LEU A 100 27.40 20.19 11.69
C LEU A 100 27.66 21.59 11.14
N LYS A 101 26.61 22.21 10.60
CA LYS A 101 26.59 23.45 9.83
C LYS A 101 26.93 23.28 8.34
N ASP A 102 27.24 22.08 7.85
CA ASP A 102 27.44 21.89 6.42
C ASP A 102 26.18 22.27 5.65
N ILE A 103 26.37 22.86 4.47
CA ILE A 103 25.27 23.23 3.57
C ILE A 103 25.07 22.14 2.54
N ILE A 104 23.87 21.57 2.51
CA ILE A 104 23.49 20.54 1.54
C ILE A 104 22.60 21.14 0.46
N MET A 105 22.77 20.71 -0.78
CA MET A 105 21.81 20.96 -1.85
C MET A 105 21.06 19.67 -2.15
N ALA A 106 19.73 19.74 -2.18
CA ALA A 106 18.89 18.55 -2.33
C ALA A 106 18.58 18.33 -3.80
N THR A 107 19.28 17.37 -4.42
CA THR A 107 18.99 16.96 -5.79
C THR A 107 17.74 16.12 -5.90
N GLY A 108 17.25 15.60 -4.78
CA GLY A 108 16.05 14.79 -4.74
C GLY A 108 15.60 14.69 -3.31
N ALA A 109 14.29 14.62 -3.11
CA ALA A 109 13.74 14.58 -1.76
C ALA A 109 12.81 13.37 -1.66
N SER A 110 13.36 12.26 -1.19
CA SER A 110 12.56 11.13 -0.76
C SER A 110 11.59 11.57 0.34
N THR A 111 10.62 10.70 0.65
CA THR A 111 9.68 11.05 1.71
C THR A 111 8.94 9.81 2.21
N ASP A 112 8.46 9.91 3.45
CA ASP A 112 7.57 8.92 4.04
C ASP A 112 6.14 9.43 4.08
N SER A 113 5.88 10.55 3.40
CA SER A 113 4.55 11.11 3.30
C SER A 113 3.72 10.32 2.28
N LYS A 114 2.40 10.42 2.40
CA LYS A 114 1.56 9.86 1.35
C LYS A 114 1.23 10.88 0.26
N THR A 115 1.70 12.14 0.39
CA THR A 115 1.17 13.22 -0.42
C THR A 115 1.45 13.01 -1.89
N ASN A 116 2.60 12.43 -2.23
CA ASN A 116 2.91 12.31 -3.65
C ASN A 116 2.20 11.13 -4.28
N ARG A 117 1.99 10.05 -3.53
CA ARG A 117 1.12 8.98 -4.01
C ARG A 117 -0.29 9.53 -4.27
N VAL A 118 -0.79 10.37 -3.36
CA VAL A 118 -2.09 10.99 -3.57
C VAL A 118 -2.06 11.90 -4.80
N ARG A 119 -1.00 12.70 -4.95
CA ARG A 119 -0.86 13.58 -6.10
C ARG A 119 -0.64 12.82 -7.41
N PHE A 120 0.02 11.65 -7.37
CA PHE A 120 0.66 11.07 -8.56
C PHE A 120 0.31 9.58 -8.69
N LEU A 121 -0.97 9.28 -8.92
CA LEU A 121 -1.43 7.98 -9.39
C LEU A 121 -1.08 6.85 -8.44
N ASN A 122 -0.79 7.17 -7.18
CA ASN A 122 -0.27 6.21 -6.21
C ASN A 122 1.00 5.48 -6.68
N HIS A 123 1.74 6.09 -7.61
CA HIS A 123 3.06 5.62 -7.98
C HIS A 123 4.13 6.34 -7.17
N ASP A 124 5.41 6.18 -7.57
CA ASP A 124 6.55 6.86 -6.95
C ASP A 124 6.87 8.12 -7.77
N LEU A 125 6.52 9.28 -7.24
CA LEU A 125 6.92 10.54 -7.84
C LEU A 125 8.32 10.89 -7.36
N SER A 126 9.26 11.05 -8.28
CA SER A 126 10.62 11.40 -7.87
C SER A 126 10.70 12.92 -7.73
N ALA A 127 10.65 13.40 -6.48
CA ALA A 127 10.60 14.83 -6.17
C ALA A 127 11.97 15.45 -6.33
N THR A 128 12.10 16.38 -7.26
CA THR A 128 13.41 16.90 -7.66
C THR A 128 13.32 18.41 -7.86
N PRO A 129 14.45 19.11 -7.79
CA PRO A 129 14.46 20.54 -8.09
C PRO A 129 14.54 20.78 -9.59
N ASP A 130 14.26 22.03 -9.95
CA ASP A 130 14.59 22.52 -11.28
C ASP A 130 16.10 22.50 -11.46
N PHE A 131 16.55 22.09 -12.64
CA PHE A 131 17.98 21.87 -12.81
C PHE A 131 18.75 23.17 -12.98
N GLU A 132 18.20 24.16 -13.69
CA GLU A 132 18.91 25.43 -13.82
C GLU A 132 19.11 26.10 -12.48
N LEU A 133 18.16 25.95 -11.56
CA LEU A 133 18.36 26.48 -10.21
C LEU A 133 19.50 25.78 -9.51
N SER A 134 19.54 24.45 -9.61
CA SER A 134 20.57 23.72 -8.90
C SER A 134 21.95 24.03 -9.47
N LEU A 135 22.05 24.06 -10.81
CA LEU A 135 23.26 24.51 -11.49
C LEU A 135 23.73 25.88 -11.00
N ARG A 136 22.82 26.85 -10.95
CA ARG A 136 23.22 28.17 -10.46
C ARG A 136 23.65 28.14 -8.99
N ALA A 137 23.15 27.19 -8.20
CA ALA A 137 23.60 27.06 -6.81
C ALA A 137 24.95 26.38 -6.73
N TYR A 138 25.18 25.38 -7.57
CA TYR A 138 26.49 24.74 -7.62
C TYR A 138 27.57 25.72 -8.10
N GLN A 139 27.32 26.40 -9.24
CA GLN A 139 28.33 27.32 -9.79
C GLN A 139 28.62 28.48 -8.84
N THR A 140 27.58 28.99 -8.18
CA THR A 140 27.75 30.14 -7.30
C THR A 140 28.56 29.77 -6.07
N ALA A 141 28.24 28.62 -5.45
CA ALA A 141 29.01 28.23 -4.28
C ALA A 141 30.46 27.98 -4.63
N LYS A 142 30.71 27.38 -5.81
CA LYS A 142 32.07 27.26 -6.32
C LYS A 142 32.75 28.63 -6.44
N ARG A 143 32.09 29.59 -7.11
CA ARG A 143 32.62 30.94 -7.23
C ARG A 143 32.91 31.55 -5.85
N LEU A 144 32.06 31.30 -4.87
CA LEU A 144 32.25 31.83 -3.53
C LEU A 144 33.16 30.97 -2.68
N GLY A 145 33.53 29.78 -3.13
CA GLY A 145 34.35 28.92 -2.31
C GLY A 145 33.65 28.44 -1.05
N ILE A 146 32.35 28.15 -1.15
CA ILE A 146 31.56 27.82 0.04
C ILE A 146 31.58 26.33 0.36
N ASP A 147 31.69 25.48 -0.66
CA ASP A 147 31.68 24.03 -0.53
C ASP A 147 30.30 23.54 -0.14
N LEU A 148 29.68 22.83 -1.06
CA LEU A 148 28.29 22.48 -1.03
C LEU A 148 28.21 20.98 -1.22
N LYS A 149 27.48 20.30 -0.34
CA LYS A 149 27.30 18.88 -0.47
C LYS A 149 26.00 18.61 -1.22
N VAL A 150 26.04 17.64 -2.13
CA VAL A 150 24.94 17.42 -3.06
C VAL A 150 24.46 15.98 -2.94
N GLY A 151 23.15 15.82 -2.83
CA GLY A 151 22.56 14.50 -2.75
C GLY A 151 21.07 14.60 -2.47
N ASN A 152 20.47 13.46 -2.15
CA ASN A 152 19.09 13.44 -1.71
C ASN A 152 19.00 13.76 -0.22
N VAL A 153 17.87 14.33 0.17
CA VAL A 153 17.47 14.43 1.56
C VAL A 153 16.20 13.60 1.73
N PHE A 154 15.87 13.29 2.99
CA PHE A 154 14.65 12.55 3.33
C PHE A 154 13.69 13.53 4.00
N SER A 155 12.58 13.84 3.33
CA SER A 155 11.54 14.67 3.92
C SER A 155 10.59 13.78 4.71
N SER A 156 10.55 13.96 6.03
CA SER A 156 9.69 13.17 6.88
C SER A 156 8.53 14.00 7.40
N ASP A 157 7.41 13.31 7.70
CA ASP A 157 6.36 13.89 8.53
C ASP A 157 6.70 13.88 10.02
N PHE A 158 7.80 13.23 10.41
CA PHE A 158 8.19 13.11 11.81
C PHE A 158 9.51 13.80 12.04
N PHE A 159 9.50 14.83 12.89
CA PHE A 159 10.76 15.30 13.46
C PHE A 159 11.35 14.25 14.39
N TYR A 160 10.52 13.63 15.24
CA TYR A 160 10.98 12.57 16.14
C TYR A 160 10.70 11.22 15.48
N SER A 161 11.74 10.63 14.89
CA SER A 161 11.55 9.48 14.00
C SER A 161 11.14 8.24 14.79
N PHE A 162 10.24 7.45 14.22
CA PHE A 162 9.96 6.12 14.76
C PHE A 162 10.76 5.04 14.07
N GLU A 163 11.75 5.43 13.27
CA GLU A 163 12.52 4.52 12.45
C GLU A 163 13.98 4.95 12.47
N THR A 164 14.52 5.26 13.64
CA THR A 164 15.95 5.58 13.73
C THR A 164 16.81 4.43 13.21
N HIS A 165 16.31 3.20 13.32
CA HIS A 165 17.04 2.02 12.86
C HIS A 165 17.28 2.03 11.37
N ALA A 166 16.65 2.93 10.64
CA ALA A 166 16.73 2.98 9.19
C ALA A 166 17.65 4.08 8.68
N PHE A 167 18.18 4.93 9.57
CA PHE A 167 19.06 6.01 9.16
C PHE A 167 20.24 5.52 8.33
N ASP A 168 20.79 4.32 8.64
CA ASP A 168 21.93 3.84 7.88
C ASP A 168 21.56 3.52 6.44
N LEU A 169 20.39 2.89 6.24
CA LEU A 169 19.96 2.58 4.88
C LEU A 169 19.68 3.85 4.08
N MET A 170 19.12 4.88 4.73
CA MET A 170 18.93 6.15 4.06
C MET A 170 20.27 6.73 3.64
N ALA A 171 21.24 6.73 4.56
CA ALA A 171 22.58 7.21 4.24
C ALA A 171 23.23 6.38 3.13
N LYS A 172 22.94 5.08 3.09
CA LYS A 172 23.53 4.23 2.05
C LYS A 172 23.00 4.61 0.67
N TYR A 173 21.74 5.02 0.60
CA TYR A 173 21.14 5.48 -0.65
C TYR A 173 21.33 6.96 -0.88
N ASN A 174 22.45 7.54 -0.43
CA ASN A 174 22.86 8.90 -0.78
C ASN A 174 21.93 9.97 -0.19
N HIS A 175 21.32 9.68 0.96
CA HIS A 175 20.53 10.68 1.69
C HIS A 175 21.43 11.35 2.72
N LEU A 176 21.61 12.67 2.59
CA LEU A 176 22.58 13.38 3.41
C LEU A 176 22.00 13.93 4.70
N ALA A 177 20.69 14.18 4.72
CA ALA A 177 20.04 14.69 5.92
C ALA A 177 18.56 14.38 5.87
N ILE A 178 17.91 14.53 7.02
CA ILE A 178 16.47 14.51 7.13
C ILE A 178 15.99 15.92 7.38
N GLU A 179 15.03 16.37 6.59
CA GLU A 179 14.28 17.58 6.91
C GLU A 179 12.82 17.22 6.67
N MET A 180 11.95 18.22 6.60
CA MET A 180 10.51 17.94 6.63
C MET A 180 9.69 18.67 5.58
N GLU A 181 10.31 19.35 4.62
CA GLU A 181 9.56 20.18 3.67
C GLU A 181 9.89 19.94 2.19
N ALA A 182 11.05 19.37 1.86
CA ALA A 182 11.59 19.47 0.51
C ALA A 182 10.75 18.70 -0.50
N ALA A 183 10.23 17.54 -0.11
CA ALA A 183 9.33 16.81 -0.99
C ALA A 183 8.08 17.62 -1.27
N GLY A 184 7.58 18.36 -0.28
CA GLY A 184 6.41 19.20 -0.52
C GLY A 184 6.70 20.30 -1.52
N LEU A 185 7.77 21.07 -1.29
CA LEU A 185 8.16 22.13 -2.19
C LEU A 185 8.34 21.62 -3.63
N TYR A 186 9.11 20.54 -3.77
CA TYR A 186 9.44 20.03 -5.10
C TYR A 186 8.18 19.56 -5.82
N ALA A 187 7.32 18.83 -5.11
CA ALA A 187 6.09 18.31 -5.69
C ALA A 187 5.15 19.43 -6.11
N THR A 188 5.02 20.45 -5.27
CA THR A 188 4.10 21.54 -5.59
C THR A 188 4.60 22.37 -6.77
N ALA A 189 5.92 22.59 -6.87
CA ALA A 189 6.43 23.34 -8.01
C ALA A 189 6.40 22.49 -9.28
N MET A 190 6.48 21.17 -9.16
CA MET A 190 6.27 20.34 -10.34
C MET A 190 4.81 20.38 -10.77
N GLU A 191 3.89 20.33 -9.82
CA GLU A 191 2.47 20.41 -10.14
C GLU A 191 2.16 21.70 -10.90
N LEU A 192 2.76 22.82 -10.47
CA LEU A 192 2.42 24.12 -10.98
C LEU A 192 3.47 24.71 -11.93
N ASN A 193 4.44 23.90 -12.37
CA ASN A 193 5.34 24.30 -13.45
C ASN A 193 6.22 25.49 -13.04
N ALA A 194 6.63 25.52 -11.77
CA ALA A 194 7.55 26.55 -11.31
C ALA A 194 8.89 25.93 -10.96
N LYS A 195 9.84 26.81 -10.67
CA LYS A 195 11.24 26.47 -10.43
C LYS A 195 11.53 26.55 -8.94
N ALA A 196 12.03 25.45 -8.37
CA ALA A 196 12.28 25.42 -6.93
C ALA A 196 13.53 24.60 -6.62
N LEU A 197 14.14 24.90 -5.46
CA LEU A 197 15.35 24.25 -5.00
C LEU A 197 15.40 24.34 -3.48
N CYS A 198 16.02 23.33 -2.87
CA CYS A 198 16.20 23.29 -1.42
C CYS A 198 17.69 23.22 -1.10
N LEU A 199 18.15 24.19 -0.33
CA LEU A 199 19.40 24.12 0.42
C LEU A 199 19.07 24.07 1.90
N CYS A 200 19.86 23.34 2.65
CA CYS A 200 19.63 23.33 4.09
C CYS A 200 20.94 23.11 4.82
N SER A 201 21.12 23.85 5.89
CA SER A 201 22.31 23.73 6.71
C SER A 201 22.05 22.77 7.85
N VAL A 202 23.01 21.88 8.10
CA VAL A 202 22.88 20.90 9.17
C VAL A 202 22.78 21.63 10.50
N SER A 203 21.64 21.44 11.17
CA SER A 203 21.37 22.05 12.45
C SER A 203 21.38 21.04 13.59
N ASP A 204 20.88 19.85 13.33
CA ASP A 204 20.84 18.80 14.33
C ASP A 204 21.66 17.63 13.80
N HIS A 205 22.06 16.72 14.67
CA HIS A 205 22.75 15.51 14.25
C HIS A 205 22.08 14.34 14.97
N LEU A 206 21.49 13.43 14.20
CA LEU A 206 20.64 12.41 14.79
C LEU A 206 21.40 11.18 15.22
N ILE A 207 22.70 11.11 14.98
CA ILE A 207 23.48 9.97 15.44
C ILE A 207 24.25 10.36 16.71
N THR A 208 25.04 11.44 16.65
CA THR A 208 25.85 11.85 17.78
C THR A 208 25.14 12.83 18.71
N LYS A 209 23.93 13.28 18.35
CA LYS A 209 22.99 14.01 19.21
C LYS A 209 23.39 15.47 19.46
N GLU A 210 24.23 16.06 18.61
CA GLU A 210 24.46 17.49 18.70
C GLU A 210 23.21 18.26 18.33
N ALA A 211 23.19 19.48 18.85
CA ALA A 211 22.18 20.50 18.65
C ALA A 211 22.86 21.66 19.40
N LEU A 212 22.65 22.92 19.04
CA LEU A 212 21.75 23.48 18.07
C LEU A 212 21.49 24.69 18.93
N SER A 213 20.27 25.21 18.89
CA SER A 213 19.78 26.34 19.69
C SER A 213 18.77 27.13 18.92
N PRO A 214 17.57 27.39 19.63
CA PRO A 214 16.60 28.17 18.84
C PRO A 214 17.18 29.43 18.21
N LYS A 215 17.88 30.28 18.98
CA LYS A 215 18.43 31.50 18.39
C LYS A 215 19.53 31.16 17.39
N GLU A 216 20.32 30.13 17.68
CA GLU A 216 21.41 29.74 16.80
C GLU A 216 20.98 29.32 15.39
N ARG A 217 19.72 28.94 15.23
CA ARG A 217 19.22 28.59 13.91
C ARG A 217 18.76 29.85 13.19
N VAL A 218 18.50 30.94 13.93
CA VAL A 218 18.15 32.20 13.32
C VAL A 218 19.39 32.81 12.67
N GLU A 219 20.43 33.00 13.48
CA GLU A 219 21.74 33.41 12.99
C GLU A 219 22.51 32.14 12.61
N SER A 220 23.82 32.26 12.43
CA SER A 220 24.78 31.16 12.33
C SER A 220 24.77 30.45 10.96
N PHE A 221 23.90 30.83 10.01
CA PHE A 221 23.87 30.20 8.69
C PHE A 221 24.13 31.22 7.59
N ASP A 222 24.84 32.30 7.94
CA ASP A 222 25.00 33.43 7.03
C ASP A 222 25.57 32.99 5.69
N ASN A 223 26.46 32.01 5.69
CA ASN A 223 26.98 31.51 4.41
C ASN A 223 25.84 31.02 3.52
N MET A 224 24.92 30.22 4.08
CA MET A 224 23.81 29.71 3.30
C MET A 224 22.94 30.85 2.75
N ILE A 225 22.76 31.92 3.53
CA ILE A 225 21.94 33.05 3.09
C ILE A 225 22.61 33.77 1.93
N ILE A 226 23.90 34.10 2.08
CA ILE A 226 24.62 34.81 1.02
C ILE A 226 24.59 34.00 -0.27
N LEU A 227 24.95 32.71 -0.21
CA LEU A 227 24.91 31.86 -1.41
C LEU A 227 23.56 31.91 -2.10
N ALA A 228 22.47 31.93 -1.32
CA ALA A 228 21.14 31.94 -1.91
C ALA A 228 20.83 33.29 -2.53
N LEU A 229 21.11 34.37 -1.79
CA LEU A 229 20.98 35.71 -2.37
C LEU A 229 21.85 35.86 -3.61
N GLU A 230 23.13 35.50 -3.51
CA GLU A 230 24.03 35.59 -4.66
C GLU A 230 23.47 34.89 -5.90
N MET A 231 22.95 33.68 -5.72
CA MET A 231 22.47 32.96 -6.90
C MET A 231 21.17 33.52 -7.47
N MET A 232 20.57 34.52 -6.82
CA MET A 232 19.31 35.10 -7.24
C MET A 232 19.49 36.50 -7.83
N SER A 233 20.72 36.91 -8.13
CA SER A 233 21.02 38.27 -8.57
C SER A 233 21.83 38.28 -9.85
N MET B 1 -36.25 -12.97 2.91
CA MET B 1 -36.24 -11.56 2.51
C MET B 1 -34.84 -11.11 2.05
N THR B 2 -33.83 -11.39 2.85
CA THR B 2 -32.43 -11.25 2.47
C THR B 2 -31.80 -12.63 2.36
N PRO B 3 -30.61 -12.74 1.73
CA PRO B 3 -29.96 -14.05 1.62
C PRO B 3 -29.60 -14.68 2.95
N HIS B 4 -29.52 -13.92 4.04
CA HIS B 4 -28.99 -14.46 5.28
C HIS B 4 -29.93 -14.32 6.47
N ILE B 5 -31.12 -13.73 6.30
CA ILE B 5 -32.07 -13.53 7.38
C ILE B 5 -33.47 -13.95 6.92
N ASN B 6 -34.05 -14.89 7.66
CA ASN B 6 -35.35 -15.55 7.49
C ASN B 6 -36.55 -14.71 7.89
N ALA B 7 -36.34 -13.55 8.47
CA ALA B 7 -37.37 -12.87 9.25
C ALA B 7 -38.30 -12.04 8.37
N LYS B 8 -39.49 -11.79 8.89
CA LYS B 8 -40.45 -10.91 8.26
C LYS B 8 -40.10 -9.47 8.57
N ILE B 9 -40.30 -8.58 7.60
CA ILE B 9 -40.22 -7.15 7.85
C ILE B 9 -41.09 -6.83 9.08
N GLY B 10 -40.57 -5.99 9.97
CA GLY B 10 -41.26 -5.70 11.21
C GLY B 10 -41.05 -6.68 12.35
N ASP B 11 -40.27 -7.75 12.16
CA ASP B 11 -40.02 -8.68 13.25
C ASP B 11 -38.99 -8.15 14.24
N PHE B 12 -37.98 -7.42 13.77
CA PHE B 12 -36.97 -6.85 14.65
C PHE B 12 -37.49 -5.56 15.28
N TYR B 13 -37.06 -5.31 16.52
CA TYR B 13 -37.20 -3.99 17.12
C TYR B 13 -36.13 -3.05 16.56
N PRO B 14 -36.33 -1.73 16.69
CA PRO B 14 -35.29 -0.82 16.20
C PRO B 14 -33.98 -0.93 16.98
N GLN B 15 -33.97 -1.57 18.14
CA GLN B 15 -32.74 -1.77 18.90
C GLN B 15 -32.40 -3.26 18.93
N CYS B 16 -31.14 -3.59 18.67
CA CYS B 16 -30.72 -4.98 18.55
C CYS B 16 -29.37 -5.19 19.20
N LEU B 17 -29.28 -6.22 20.02
CA LEU B 17 -28.01 -6.76 20.51
C LEU B 17 -27.39 -7.73 19.50
N LEU B 18 -26.06 -7.72 19.45
CA LEU B 18 -25.34 -8.58 18.52
C LEU B 18 -24.32 -9.43 19.26
N CYS B 19 -24.22 -10.69 18.83
CA CYS B 19 -23.17 -11.60 19.22
C CYS B 19 -22.63 -12.28 17.98
N GLY B 20 -21.36 -12.68 18.04
CA GLY B 20 -20.86 -13.61 17.04
C GLY B 20 -21.44 -15.00 17.22
N ASP B 21 -21.61 -15.43 18.46
CA ASP B 21 -22.06 -16.79 18.74
C ASP B 21 -23.59 -16.84 18.75
N PRO B 22 -24.22 -17.53 17.81
CA PRO B 22 -25.69 -17.67 17.87
C PRO B 22 -26.18 -18.39 19.13
N LEU B 23 -25.35 -19.22 19.77
CA LEU B 23 -25.79 -19.91 20.99
C LEU B 23 -25.84 -18.96 22.16
N ARG B 24 -24.90 -18.02 22.24
CA ARG B 24 -24.97 -17.00 23.28
C ARG B 24 -26.20 -16.13 23.09
N VAL B 25 -26.49 -15.76 21.84
CA VAL B 25 -27.75 -15.11 21.51
C VAL B 25 -28.92 -15.91 22.08
N SER B 26 -28.91 -17.23 21.85
CA SER B 26 -29.99 -18.08 22.34
C SER B 26 -30.01 -18.14 23.88
N TYR B 27 -28.82 -18.20 24.49
CA TYR B 27 -28.71 -18.10 25.93
C TYR B 27 -29.34 -16.83 26.47
N ILE B 28 -29.07 -15.69 25.84
CA ILE B 28 -29.64 -14.44 26.31
C ILE B 28 -31.16 -14.48 26.22
N ALA B 29 -31.67 -15.09 25.16
CA ALA B 29 -33.11 -15.16 24.96
C ALA B 29 -33.78 -15.88 26.13
N LYS B 30 -33.32 -17.09 26.47
CA LYS B 30 -34.02 -17.91 27.45
C LYS B 30 -33.84 -17.36 28.85
N LYS B 31 -32.71 -16.73 29.13
CA LYS B 31 -32.36 -16.34 30.49
C LYS B 31 -32.76 -14.89 30.81
N PHE B 32 -32.87 -14.02 29.82
CA PHE B 32 -33.11 -12.63 30.15
C PHE B 32 -34.36 -12.03 29.50
N LEU B 33 -34.96 -12.69 28.52
CA LEU B 33 -36.13 -12.17 27.86
C LEU B 33 -37.35 -13.01 28.19
N GLN B 34 -38.52 -12.37 28.11
CA GLN B 34 -39.82 -13.02 28.16
C GLN B 34 -40.51 -12.86 26.82
N ASP B 35 -41.49 -13.73 26.54
CA ASP B 35 -42.27 -13.69 25.30
C ASP B 35 -41.37 -13.78 24.06
N ALA B 36 -40.24 -14.46 24.19
CA ALA B 36 -39.19 -14.43 23.18
C ALA B 36 -39.50 -15.42 22.05
N LYS B 37 -39.64 -14.90 20.85
CA LYS B 37 -39.81 -15.69 19.65
C LYS B 37 -38.53 -15.66 18.83
N GLU B 38 -38.14 -16.83 18.30
CA GLU B 38 -37.05 -16.90 17.35
C GLU B 38 -37.56 -16.48 15.98
N ILE B 39 -36.93 -15.45 15.39
CA ILE B 39 -37.43 -14.84 14.16
C ILE B 39 -36.58 -15.12 12.94
N THR B 40 -35.38 -15.68 13.09
CA THR B 40 -34.60 -16.06 11.93
C THR B 40 -33.69 -17.22 12.31
N ASN B 41 -33.33 -18.03 11.31
CA ASN B 41 -32.40 -19.12 11.62
C ASN B 41 -31.59 -19.55 10.40
N VAL B 42 -31.42 -18.70 9.38
CA VAL B 42 -30.65 -19.08 8.21
C VAL B 42 -29.22 -19.39 8.63
N ARG B 43 -28.69 -20.51 8.13
CA ARG B 43 -27.33 -20.97 8.45
C ARG B 43 -27.15 -21.14 9.96
N ASN B 44 -28.20 -21.52 10.68
CA ASN B 44 -28.17 -21.64 12.13
C ASN B 44 -27.84 -20.31 12.83
N MET B 45 -27.91 -19.19 12.13
CA MET B 45 -27.49 -17.92 12.74
C MET B 45 -28.75 -17.30 13.34
N LEU B 46 -28.96 -17.55 14.63
CA LEU B 46 -30.26 -17.33 15.24
C LEU B 46 -30.44 -15.87 15.60
N GLY B 47 -31.67 -15.38 15.42
CA GLY B 47 -32.06 -14.09 15.94
C GLY B 47 -33.37 -14.24 16.68
N PHE B 48 -33.61 -13.31 17.61
CA PHE B 48 -34.79 -13.38 18.47
C PHE B 48 -35.42 -12.01 18.63
N SER B 49 -36.67 -12.03 19.08
CA SER B 49 -37.39 -10.84 19.51
C SER B 49 -38.19 -11.15 20.78
N GLY B 50 -37.97 -10.35 21.82
CA GLY B 50 -38.56 -10.61 23.10
C GLY B 50 -38.59 -9.35 23.92
N LYS B 51 -38.94 -9.49 25.19
CA LYS B 51 -39.08 -8.33 26.06
C LYS B 51 -38.16 -8.46 27.28
N TYR B 52 -37.38 -7.43 27.52
CA TYR B 52 -36.52 -7.35 28.69
C TYR B 52 -37.24 -6.51 29.74
N LYS B 53 -37.74 -7.17 30.79
CA LYS B 53 -38.46 -6.51 31.86
C LYS B 53 -39.57 -5.63 31.31
N GLY B 54 -40.31 -6.18 30.34
CA GLY B 54 -41.35 -5.44 29.66
C GLY B 54 -40.92 -4.51 28.55
N ARG B 55 -39.66 -4.55 28.10
CA ARG B 55 -39.17 -3.60 27.10
C ARG B 55 -38.70 -4.36 25.85
N GLY B 56 -39.26 -3.98 24.71
CA GLY B 56 -38.94 -4.69 23.47
C GLY B 56 -37.48 -4.52 23.07
N ILE B 57 -36.89 -5.60 22.55
CA ILE B 57 -35.49 -5.62 22.13
C ILE B 57 -35.26 -6.84 21.24
N SER B 58 -34.35 -6.74 20.27
CA SER B 58 -34.00 -7.88 19.46
C SER B 58 -32.56 -8.31 19.72
N LEU B 59 -32.24 -9.53 19.28
CA LEU B 59 -30.95 -10.18 19.43
C LEU B 59 -30.61 -10.87 18.12
N MET B 60 -29.35 -10.77 17.68
CA MET B 60 -28.96 -11.39 16.42
C MET B 60 -27.53 -11.87 16.48
N GLY B 61 -27.28 -13.07 15.98
CA GLY B 61 -25.92 -13.52 15.77
C GLY B 61 -25.36 -12.97 14.47
N HIS B 62 -24.04 -12.73 14.45
CA HIS B 62 -23.41 -12.20 13.23
C HIS B 62 -22.16 -12.95 12.81
N GLY B 63 -21.97 -14.19 13.28
CA GLY B 63 -20.75 -14.91 12.87
C GLY B 63 -19.44 -14.23 13.27
N MET B 64 -18.35 -14.75 12.70
CA MET B 64 -17.01 -14.33 13.09
C MET B 64 -16.28 -13.62 11.95
N GLY B 65 -15.61 -12.51 12.27
CA GLY B 65 -14.88 -11.78 11.25
C GLY B 65 -15.64 -10.57 10.74
N ILE B 66 -14.89 -9.66 10.13
CA ILE B 66 -15.46 -8.42 9.64
C ILE B 66 -16.46 -8.68 8.51
N ALA B 67 -16.13 -9.59 7.58
CA ALA B 67 -17.01 -9.79 6.43
C ALA B 67 -18.34 -10.40 6.86
N SER B 68 -18.29 -11.41 7.73
CA SER B 68 -19.51 -11.98 8.29
C SER B 68 -20.34 -10.91 8.99
N CYS B 69 -19.71 -10.19 9.92
CA CYS B 69 -20.45 -9.19 10.68
C CYS B 69 -21.09 -8.17 9.74
N THR B 70 -20.36 -7.78 8.70
CA THR B 70 -20.84 -6.76 7.77
C THR B 70 -22.09 -7.21 7.01
N ILE B 71 -22.12 -8.47 6.58
CA ILE B 71 -23.30 -9.00 5.92
C ILE B 71 -24.53 -8.77 6.79
N TYR B 72 -24.49 -9.22 8.05
CA TYR B 72 -25.67 -9.21 8.91
C TYR B 72 -26.08 -7.79 9.29
N VAL B 73 -25.10 -6.96 9.64
CA VAL B 73 -25.36 -5.58 10.04
C VAL B 73 -25.97 -4.81 8.88
N THR B 74 -25.46 -5.03 7.66
CA THR B 74 -26.02 -4.36 6.47
C THR B 74 -27.48 -4.70 6.28
N GLU B 75 -27.83 -5.99 6.39
CA GLU B 75 -29.23 -6.39 6.17
C GLU B 75 -30.15 -5.91 7.29
N LEU B 76 -29.68 -5.93 8.54
CA LEU B 76 -30.47 -5.41 9.64
C LEU B 76 -30.80 -3.94 9.43
N ILE B 77 -29.81 -3.13 9.05
CA ILE B 77 -30.05 -1.69 8.84
C ILE B 77 -30.91 -1.46 7.61
N LYS B 78 -30.49 -1.96 6.44
CA LYS B 78 -31.15 -1.56 5.21
C LYS B 78 -32.55 -2.17 5.10
N THR B 79 -32.64 -3.47 5.33
CA THR B 79 -33.92 -4.17 5.16
C THR B 79 -34.79 -4.13 6.42
N TYR B 80 -34.21 -4.34 7.61
CA TYR B 80 -34.99 -4.62 8.81
C TYR B 80 -35.08 -3.42 9.76
N GLN B 81 -34.57 -2.26 9.35
CA GLN B 81 -34.81 -0.98 10.01
C GLN B 81 -34.20 -0.89 11.39
N VAL B 82 -33.25 -1.76 11.71
CA VAL B 82 -32.54 -1.58 12.96
C VAL B 82 -31.82 -0.24 12.91
N LYS B 83 -31.96 0.54 13.99
CA LYS B 83 -31.35 1.85 14.11
C LYS B 83 -30.21 1.88 15.13
N GLU B 84 -30.24 0.99 16.13
CA GLU B 84 -29.24 0.98 17.19
C GLU B 84 -28.73 -0.43 17.38
N LEU B 85 -27.43 -0.62 17.16
CA LEU B 85 -26.78 -1.91 17.17
C LEU B 85 -25.73 -1.90 18.28
N LEU B 86 -25.89 -2.79 19.24
CA LEU B 86 -24.98 -2.88 20.38
C LEU B 86 -24.39 -4.28 20.40
N ARG B 87 -23.14 -4.42 19.96
CA ARG B 87 -22.47 -5.70 19.96
C ARG B 87 -21.87 -6.02 21.32
N ILE B 88 -22.01 -7.27 21.75
CA ILE B 88 -21.46 -7.73 23.02
C ILE B 88 -20.77 -9.07 22.76
N GLY B 89 -19.44 -9.06 22.67
CA GLY B 89 -18.69 -10.25 22.42
C GLY B 89 -17.60 -10.53 23.43
N THR B 90 -16.65 -11.34 22.99
CA THR B 90 -15.45 -11.69 23.74
C THR B 90 -14.28 -11.05 23.00
N CYS B 91 -13.12 -11.02 23.62
CA CYS B 91 -11.92 -10.43 23.02
C CYS B 91 -10.70 -10.98 23.75
N GLY B 92 -9.53 -10.69 23.21
CA GLY B 92 -8.28 -11.11 23.81
C GLY B 92 -7.48 -9.95 24.38
N ALA B 93 -7.16 -10.04 25.66
CA ALA B 93 -6.40 -9.00 26.35
C ALA B 93 -4.96 -8.96 25.89
N ILE B 94 -4.45 -7.77 25.63
CA ILE B 94 -3.05 -7.69 25.24
C ILE B 94 -2.18 -7.10 26.33
N SER B 95 -2.75 -6.96 27.52
CA SER B 95 -1.99 -6.44 28.64
C SER B 95 -2.34 -6.93 30.05
N PRO B 96 -1.23 -6.85 30.88
CA PRO B 96 -1.40 -7.15 32.29
C PRO B 96 -2.30 -6.06 32.93
N LYS B 97 -2.47 -4.91 32.33
CA LYS B 97 -3.43 -3.94 32.84
C LYS B 97 -4.87 -4.56 32.83
N VAL B 98 -5.19 -5.37 31.81
CA VAL B 98 -6.53 -5.95 31.66
C VAL B 98 -6.74 -7.43 32.03
N GLY B 99 -7.74 -7.65 32.90
CA GLY B 99 -8.13 -8.97 33.37
C GLY B 99 -9.03 -9.78 32.46
N LEU B 100 -9.14 -11.08 32.72
CA LEU B 100 -9.95 -11.98 31.92
C LEU B 100 -11.47 -11.68 31.86
N LYS B 101 -12.05 -11.23 32.97
CA LYS B 101 -13.49 -10.95 32.96
C LYS B 101 -13.93 -9.52 32.62
N ASP B 102 -12.97 -8.62 32.42
CA ASP B 102 -13.21 -7.20 32.21
C ASP B 102 -14.11 -6.95 31.02
N ILE B 103 -14.87 -5.86 31.12
CA ILE B 103 -15.73 -5.35 30.06
C ILE B 103 -15.05 -4.13 29.48
N ILE B 104 -14.91 -4.10 28.17
CA ILE B 104 -14.26 -3.03 27.44
C ILE B 104 -15.32 -2.35 26.57
N MET B 105 -15.27 -1.03 26.49
CA MET B 105 -16.03 -0.29 25.50
C MET B 105 -15.06 0.23 24.45
N ALA B 106 -15.29 -0.14 23.19
CA ALA B 106 -14.40 0.22 22.09
C ALA B 106 -14.78 1.59 21.54
N THR B 107 -13.97 2.60 21.86
CA THR B 107 -14.20 3.93 21.33
C THR B 107 -13.55 4.13 19.99
N GLY B 108 -12.70 3.20 19.61
CA GLY B 108 -12.19 3.12 18.26
C GLY B 108 -11.87 1.67 18.00
N ALA B 109 -12.05 1.24 16.76
CA ALA B 109 -11.63 -0.08 16.32
C ALA B 109 -10.67 0.13 15.17
N SER B 110 -9.37 -0.03 15.47
CA SER B 110 -8.35 -0.20 14.45
C SER B 110 -8.47 -1.58 13.83
N THR B 111 -7.81 -1.77 12.70
CA THR B 111 -7.92 -3.05 12.01
C THR B 111 -6.74 -3.25 11.09
N ASP B 112 -6.40 -4.53 10.88
CA ASP B 112 -5.51 -4.95 9.80
C ASP B 112 -6.29 -5.40 8.58
N SER B 113 -7.58 -5.12 8.53
CA SER B 113 -8.39 -5.40 7.35
C SER B 113 -8.14 -4.35 6.26
N LYS B 114 -8.44 -4.73 5.03
CA LYS B 114 -8.43 -3.77 3.94
C LYS B 114 -9.81 -3.16 3.66
N THR B 115 -10.86 -3.67 4.30
CA THR B 115 -12.23 -3.29 3.92
C THR B 115 -12.43 -1.79 3.99
N ASN B 116 -11.87 -1.14 5.01
CA ASN B 116 -12.10 0.28 5.18
C ASN B 116 -11.30 1.10 4.16
N ARG B 117 -10.14 0.60 3.74
CA ARG B 117 -9.45 1.22 2.63
C ARG B 117 -10.23 1.08 1.34
N VAL B 118 -10.86 -0.08 1.13
CA VAL B 118 -11.71 -0.29 -0.03
C VAL B 118 -12.92 0.62 0.01
N ARG B 119 -13.52 0.77 1.20
CA ARG B 119 -14.68 1.63 1.36
C ARG B 119 -14.33 3.12 1.27
N PHE B 120 -13.13 3.51 1.72
CA PHE B 120 -12.88 4.89 2.12
C PHE B 120 -11.66 5.47 1.41
N LEU B 121 -11.69 5.50 0.08
CA LEU B 121 -10.74 6.25 -0.75
C LEU B 121 -9.31 5.81 -0.54
N ASN B 122 -9.11 4.57 -0.08
CA ASN B 122 -7.81 4.01 0.31
C ASN B 122 -7.09 4.84 1.36
N HIS B 123 -7.83 5.66 2.10
CA HIS B 123 -7.26 6.40 3.21
C HIS B 123 -7.58 5.67 4.51
N ASP B 124 -7.33 6.34 5.63
CA ASP B 124 -7.52 5.79 6.97
C ASP B 124 -8.88 6.21 7.49
N LEU B 125 -9.82 5.28 7.55
CA LEU B 125 -11.08 5.53 8.23
C LEU B 125 -10.89 5.23 9.71
N SER B 126 -11.08 6.23 10.58
CA SER B 126 -11.09 5.97 12.02
C SER B 126 -12.46 5.42 12.34
N ALA B 127 -12.55 4.09 12.51
CA ALA B 127 -13.81 3.44 12.78
C ALA B 127 -14.21 3.68 14.24
N THR B 128 -15.32 4.37 14.44
CA THR B 128 -15.78 4.82 15.74
C THR B 128 -17.25 4.49 15.97
N PRO B 129 -17.69 4.37 17.22
CA PRO B 129 -19.10 4.15 17.53
C PRO B 129 -19.88 5.46 17.57
N ASP B 130 -21.19 5.35 17.50
CA ASP B 130 -22.05 6.47 17.86
C ASP B 130 -21.72 6.94 19.29
N PHE B 131 -21.52 8.24 19.45
CA PHE B 131 -21.09 8.75 20.75
C PHE B 131 -22.21 8.71 21.77
N GLU B 132 -23.45 8.96 21.36
CA GLU B 132 -24.55 8.95 22.32
C GLU B 132 -24.70 7.59 22.98
N LEU B 133 -24.46 6.52 22.22
CA LEU B 133 -24.47 5.16 22.75
C LEU B 133 -23.35 4.93 23.76
N SER B 134 -22.16 5.47 23.47
CA SER B 134 -21.04 5.23 24.37
C SER B 134 -21.27 5.91 25.71
N LEU B 135 -21.97 7.03 25.67
CA LEU B 135 -22.34 7.77 26.88
C LEU B 135 -23.34 6.96 27.73
N ARG B 136 -24.42 6.46 27.12
CA ARG B 136 -25.36 5.61 27.85
C ARG B 136 -24.63 4.43 28.48
N ALA B 137 -23.81 3.73 27.70
CA ALA B 137 -23.02 2.63 28.24
C ALA B 137 -22.19 3.09 29.44
N TYR B 138 -21.46 4.19 29.29
CA TYR B 138 -20.69 4.74 30.40
C TYR B 138 -21.57 5.00 31.61
N GLN B 139 -22.68 5.71 31.40
CA GLN B 139 -23.55 6.08 32.51
C GLN B 139 -24.27 4.87 33.10
N THR B 140 -24.63 3.88 32.28
CA THR B 140 -25.32 2.70 32.80
C THR B 140 -24.35 1.84 33.60
N ALA B 141 -23.09 1.74 33.17
CA ALA B 141 -22.12 0.96 33.93
C ALA B 141 -21.84 1.62 35.28
N LYS B 142 -21.73 2.94 35.28
CA LYS B 142 -21.60 3.65 36.55
C LYS B 142 -22.81 3.40 37.43
N ARG B 143 -24.00 3.46 36.87
CA ARG B 143 -25.23 3.25 37.65
C ARG B 143 -25.24 1.88 38.31
N LEU B 144 -24.89 0.84 37.56
CA LEU B 144 -24.95 -0.54 38.00
C LEU B 144 -23.76 -0.96 38.85
N GLY B 145 -22.82 -0.07 39.12
CA GLY B 145 -21.61 -0.52 39.77
C GLY B 145 -20.83 -1.53 38.95
N ILE B 146 -20.73 -1.32 37.64
CA ILE B 146 -19.99 -2.20 36.75
C ILE B 146 -18.83 -1.40 36.18
N ASP B 147 -17.60 -1.75 36.56
CA ASP B 147 -16.47 -0.98 36.07
C ASP B 147 -16.20 -1.29 34.60
N LEU B 148 -16.10 -0.24 33.80
CA LEU B 148 -15.95 -0.36 32.35
C LEU B 148 -14.59 0.18 31.95
N LYS B 149 -13.73 -0.67 31.41
CA LYS B 149 -12.55 -0.18 30.72
C LYS B 149 -12.94 0.37 29.36
N VAL B 150 -12.31 1.49 28.99
CA VAL B 150 -12.67 2.29 27.84
C VAL B 150 -11.39 2.57 27.09
N GLY B 151 -11.43 2.42 25.77
CA GLY B 151 -10.24 2.56 24.94
C GLY B 151 -10.47 1.99 23.56
N ASN B 152 -9.39 1.88 22.80
CA ASN B 152 -9.44 1.25 21.49
C ASN B 152 -9.38 -0.26 21.62
N VAL B 153 -9.89 -0.91 20.59
CA VAL B 153 -9.78 -2.33 20.33
C VAL B 153 -9.10 -2.51 18.96
N PHE B 154 -8.42 -3.64 18.77
CA PHE B 154 -7.84 -3.98 17.47
C PHE B 154 -8.66 -5.10 16.81
N SER B 155 -9.31 -4.78 15.69
CA SER B 155 -10.16 -5.73 14.96
C SER B 155 -9.31 -6.44 13.92
N SER B 156 -9.02 -7.71 14.15
CA SER B 156 -8.11 -8.43 13.28
C SER B 156 -8.85 -9.41 12.38
N ASP B 157 -8.29 -9.64 11.19
CA ASP B 157 -8.71 -10.75 10.36
C ASP B 157 -8.16 -12.08 10.83
N PHE B 158 -7.27 -12.09 11.82
CA PHE B 158 -6.66 -13.32 12.32
C PHE B 158 -7.05 -13.55 13.78
N PHE B 159 -7.62 -14.72 14.07
CA PHE B 159 -7.68 -15.15 15.47
C PHE B 159 -6.32 -15.64 15.93
N TYR B 160 -5.60 -16.35 15.07
CA TYR B 160 -4.23 -16.80 15.34
C TYR B 160 -3.31 -15.82 14.62
N SER B 161 -2.80 -14.86 15.38
CA SER B 161 -2.08 -13.75 14.81
C SER B 161 -0.71 -14.17 14.27
N PHE B 162 -0.27 -13.45 13.24
CA PHE B 162 1.08 -13.58 12.71
C PHE B 162 1.98 -12.43 13.16
N GLU B 163 1.51 -11.60 14.09
CA GLU B 163 2.26 -10.45 14.56
C GLU B 163 2.12 -10.32 16.08
N THR B 164 2.33 -11.43 16.81
CA THR B 164 2.27 -11.35 18.27
C THR B 164 3.34 -10.41 18.81
N HIS B 165 4.47 -10.25 18.11
CA HIS B 165 5.49 -9.30 18.51
C HIS B 165 5.01 -7.86 18.58
N ALA B 166 3.87 -7.55 17.95
CA ALA B 166 3.40 -6.16 17.89
C ALA B 166 2.35 -5.84 18.93
N PHE B 167 1.98 -6.82 19.74
CA PHE B 167 0.99 -6.61 20.79
C PHE B 167 1.37 -5.47 21.75
N ASP B 168 2.64 -5.41 22.17
CA ASP B 168 3.08 -4.32 23.03
C ASP B 168 2.87 -2.97 22.35
N LEU B 169 3.12 -2.90 21.05
CA LEU B 169 2.90 -1.66 20.32
C LEU B 169 1.42 -1.27 20.34
N MET B 170 0.53 -2.23 20.04
CA MET B 170 -0.91 -1.99 20.13
C MET B 170 -1.31 -1.52 21.53
N ALA B 171 -0.77 -2.18 22.55
CA ALA B 171 -1.06 -1.78 23.90
C ALA B 171 -0.66 -0.33 24.16
N LYS B 172 0.46 0.08 23.57
CA LYS B 172 1.00 1.42 23.79
C LYS B 172 0.05 2.48 23.23
N TYR B 173 -0.57 2.21 22.07
CA TYR B 173 -1.53 3.14 21.51
C TYR B 173 -2.94 2.93 22.05
N ASN B 174 -3.05 2.45 23.30
CA ASN B 174 -4.34 2.33 23.99
C ASN B 174 -5.30 1.39 23.26
N HIS B 175 -4.80 0.20 22.94
CA HIS B 175 -5.59 -0.85 22.36
C HIS B 175 -5.69 -1.91 23.47
N LEU B 176 -6.79 -1.89 24.20
CA LEU B 176 -7.01 -2.80 25.32
C LEU B 176 -7.26 -4.25 25.04
N ALA B 177 -7.65 -4.57 23.82
CA ALA B 177 -7.98 -5.94 23.46
C ALA B 177 -7.95 -6.11 21.95
N ILE B 178 -7.91 -7.37 21.55
CA ILE B 178 -8.05 -7.79 20.16
C ILE B 178 -9.38 -8.52 20.04
N GLU B 179 -10.15 -8.17 19.03
CA GLU B 179 -11.30 -8.96 18.60
C GLU B 179 -11.35 -8.88 17.08
N MET B 180 -12.47 -9.28 16.46
CA MET B 180 -12.42 -9.52 15.03
C MET B 180 -13.54 -8.92 14.19
N GLU B 181 -14.45 -8.13 14.79
CA GLU B 181 -15.63 -7.66 14.08
C GLU B 181 -15.90 -6.16 14.22
N ALA B 182 -15.38 -5.51 15.26
CA ALA B 182 -15.83 -4.18 15.61
C ALA B 182 -15.57 -3.13 14.52
N ALA B 183 -14.47 -3.29 13.76
CA ALA B 183 -14.19 -2.30 12.73
C ALA B 183 -15.22 -2.38 11.62
N GLY B 184 -15.76 -3.58 11.37
CA GLY B 184 -16.76 -3.76 10.35
C GLY B 184 -18.10 -3.23 10.80
N LEU B 185 -18.45 -3.53 12.06
CA LEU B 185 -19.66 -2.98 12.66
C LEU B 185 -19.68 -1.45 12.57
N TYR B 186 -18.59 -0.82 13.04
CA TYR B 186 -18.51 0.64 13.03
C TYR B 186 -18.54 1.20 11.61
N ALA B 187 -17.75 0.63 10.71
CA ALA B 187 -17.71 1.18 9.35
C ALA B 187 -19.02 0.96 8.61
N THR B 188 -19.68 -0.17 8.87
CA THR B 188 -21.01 -0.36 8.26
C THR B 188 -22.02 0.60 8.85
N ALA B 189 -21.99 0.81 10.17
CA ALA B 189 -22.91 1.75 10.79
C ALA B 189 -22.66 3.18 10.31
N MET B 190 -21.40 3.57 10.22
CA MET B 190 -21.07 4.87 9.62
C MET B 190 -21.60 4.95 8.19
N GLU B 191 -21.38 3.91 7.39
CA GLU B 191 -21.85 3.88 6.01
C GLU B 191 -23.34 4.20 5.91
N LEU B 192 -24.15 3.65 6.82
CA LEU B 192 -25.59 3.64 6.64
C LEU B 192 -26.30 4.54 7.64
N ASN B 193 -25.57 5.47 8.25
CA ASN B 193 -26.13 6.43 9.18
C ASN B 193 -26.89 5.74 10.31
N ALA B 194 -26.29 4.68 10.85
CA ALA B 194 -26.84 3.99 12.01
C ALA B 194 -25.95 4.21 13.24
N LYS B 195 -26.49 3.82 14.39
CA LYS B 195 -25.82 3.99 15.67
C LYS B 195 -25.34 2.62 16.15
N ALA B 196 -24.02 2.48 16.36
CA ALA B 196 -23.46 1.23 16.83
C ALA B 196 -22.49 1.45 17.99
N LEU B 197 -22.41 0.45 18.86
CA LEU B 197 -21.46 0.44 19.96
C LEU B 197 -20.97 -0.98 20.10
N CYS B 198 -19.69 -1.16 20.45
CA CYS B 198 -19.19 -2.50 20.71
C CYS B 198 -18.63 -2.58 22.12
N LEU B 199 -19.16 -3.52 22.90
CA LEU B 199 -18.60 -3.88 24.21
C LEU B 199 -18.03 -5.29 24.16
N CYS B 200 -16.92 -5.51 24.86
CA CYS B 200 -16.20 -6.76 24.80
C CYS B 200 -15.90 -7.25 26.20
N SER B 201 -16.00 -8.56 26.38
CA SER B 201 -15.69 -9.20 27.62
C SER B 201 -14.42 -10.02 27.39
N VAL B 202 -13.37 -9.71 28.12
CA VAL B 202 -12.11 -10.43 27.97
C VAL B 202 -12.42 -11.90 28.26
N SER B 203 -11.95 -12.79 27.39
CA SER B 203 -12.03 -14.20 27.73
C SER B 203 -10.63 -14.82 27.77
N ASP B 204 -9.74 -14.33 26.92
CA ASP B 204 -8.36 -14.80 26.86
C ASP B 204 -7.41 -13.62 27.07
N HIS B 205 -6.34 -13.86 27.81
CA HIS B 205 -5.20 -12.94 27.87
C HIS B 205 -4.14 -13.47 26.91
N LEU B 206 -3.75 -12.64 25.94
CA LEU B 206 -2.88 -13.14 24.90
C LEU B 206 -1.41 -13.16 25.34
N ILE B 207 -1.04 -12.26 26.22
CA ILE B 207 0.32 -12.24 26.69
C ILE B 207 0.36 -13.03 27.98
N THR B 208 -0.32 -12.54 29.01
CA THR B 208 -0.31 -13.26 30.28
C THR B 208 -0.62 -14.79 30.05
N LYS B 209 -1.46 -15.14 29.07
CA LYS B 209 -1.78 -16.55 28.63
C LYS B 209 -3.02 -17.48 28.95
N GLU B 210 -3.93 -17.14 29.84
CA GLU B 210 -5.09 -18.03 30.11
C GLU B 210 -6.16 -18.09 28.99
N ALA B 211 -6.92 -19.20 28.92
CA ALA B 211 -7.96 -19.38 27.88
C ALA B 211 -9.32 -19.96 28.34
N LEU B 212 -10.42 -19.27 28.01
CA LEU B 212 -11.77 -19.71 28.37
C LEU B 212 -12.39 -20.83 27.50
N SER B 213 -13.14 -21.70 28.15
CA SER B 213 -13.82 -22.80 27.49
C SER B 213 -14.98 -22.35 26.60
N PRO B 214 -15.28 -23.22 25.56
CA PRO B 214 -16.41 -22.80 24.73
C PRO B 214 -17.65 -22.70 25.55
N LYS B 215 -17.73 -23.59 26.53
CA LYS B 215 -18.87 -23.71 27.40
C LYS B 215 -19.03 -22.50 28.29
N GLU B 216 -17.92 -21.95 28.80
CA GLU B 216 -18.07 -20.82 29.71
C GLU B 216 -18.34 -19.49 29.08
N ARG B 217 -19.62 -19.33 28.78
CA ARG B 217 -20.21 -18.12 28.23
C ARG B 217 -21.45 -17.87 29.06
N VAL B 218 -21.29 -17.74 30.38
CA VAL B 218 -22.45 -17.61 31.28
C VAL B 218 -22.51 -16.52 32.35
N GLU B 219 -22.18 -16.81 33.63
CA GLU B 219 -22.32 -15.76 34.65
C GLU B 219 -21.47 -14.57 34.30
N SER B 220 -20.23 -14.62 33.86
CA SER B 220 -19.40 -15.63 33.27
C SER B 220 -19.84 -15.68 31.81
N PHE B 221 -20.18 -14.55 31.15
CA PHE B 221 -20.19 -13.14 31.62
C PHE B 221 -21.50 -12.40 31.33
N ASP B 222 -22.49 -12.63 32.17
CA ASP B 222 -23.76 -11.99 31.95
C ASP B 222 -23.84 -10.57 32.52
N ASN B 223 -22.75 -10.15 33.16
CA ASN B 223 -22.64 -8.79 33.63
C ASN B 223 -22.64 -7.87 32.40
N MET B 224 -21.92 -8.28 31.36
CA MET B 224 -21.87 -7.53 30.11
C MET B 224 -23.28 -7.52 29.51
N ILE B 225 -23.96 -8.66 29.63
CA ILE B 225 -25.32 -8.81 29.12
C ILE B 225 -26.29 -7.88 29.84
N ILE B 226 -26.19 -7.82 31.16
CA ILE B 226 -27.06 -6.93 31.94
C ILE B 226 -26.80 -5.48 31.57
N LEU B 227 -25.52 -5.13 31.40
CA LEU B 227 -25.16 -3.78 30.96
C LEU B 227 -25.82 -3.44 29.64
N ALA B 228 -25.69 -4.34 28.66
CA ALA B 228 -26.23 -4.09 27.33
C ALA B 228 -27.75 -3.93 27.39
N LEU B 229 -28.42 -4.84 28.12
CA LEU B 229 -29.88 -4.81 28.18
C LEU B 229 -30.35 -3.56 28.91
N GLU B 230 -29.60 -3.13 29.93
CA GLU B 230 -30.03 -1.99 30.74
C GLU B 230 -29.90 -0.69 29.96
N MET B 231 -28.78 -0.49 29.25
CA MET B 231 -28.63 0.75 28.49
C MET B 231 -29.55 0.78 27.26
N MET B 232 -29.98 -0.38 26.75
CA MET B 232 -30.93 -0.43 25.64
C MET B 232 -32.38 -0.36 26.13
N SER B 233 -32.62 0.33 27.24
CA SER B 233 -33.96 0.45 27.81
C SER B 233 -33.96 1.53 28.87
N MET C 1 7.71 -4.30 -37.76
CA MET C 1 6.38 -4.94 -37.64
C MET C 1 5.78 -4.70 -36.27
N THR C 2 6.55 -5.01 -35.22
CA THR C 2 6.37 -4.46 -33.89
C THR C 2 7.74 -3.91 -33.48
N PRO C 3 7.80 -3.14 -32.40
CA PRO C 3 9.11 -2.64 -31.94
C PRO C 3 10.08 -3.73 -31.51
N HIS C 4 9.64 -4.97 -31.29
CA HIS C 4 10.51 -5.98 -30.73
C HIS C 4 10.58 -7.27 -31.53
N ILE C 5 9.73 -7.43 -32.54
CA ILE C 5 9.63 -8.64 -33.33
C ILE C 5 9.54 -8.22 -34.80
N ASN C 6 10.45 -8.72 -35.65
CA ASN C 6 10.40 -8.42 -37.08
C ASN C 6 10.01 -9.64 -37.90
N ALA C 7 9.26 -10.58 -37.33
CA ALA C 7 8.73 -11.71 -38.08
C ALA C 7 7.57 -11.26 -38.98
N LYS C 8 7.43 -11.94 -40.11
CA LYS C 8 6.29 -11.70 -40.97
C LYS C 8 5.02 -12.33 -40.37
N ILE C 9 3.88 -11.84 -40.84
CA ILE C 9 2.60 -12.40 -40.43
C ILE C 9 2.51 -13.85 -40.87
N GLY C 10 2.03 -14.70 -39.96
CA GLY C 10 1.96 -16.11 -40.25
C GLY C 10 3.26 -16.87 -40.03
N ASP C 11 4.33 -16.20 -39.63
CA ASP C 11 5.57 -16.91 -39.32
C ASP C 11 5.45 -17.72 -38.05
N PHE C 12 4.69 -17.25 -37.06
CA PHE C 12 4.57 -17.95 -35.78
C PHE C 12 3.45 -18.98 -35.87
N TYR C 13 3.75 -20.20 -35.43
CA TYR C 13 2.72 -21.20 -35.20
C TYR C 13 1.90 -20.83 -33.97
N PRO C 14 0.68 -21.39 -33.84
CA PRO C 14 -0.16 -21.05 -32.68
C PRO C 14 0.35 -21.61 -31.36
N GLN C 15 1.24 -22.59 -31.38
CA GLN C 15 1.90 -23.07 -30.17
C GLN C 15 3.34 -22.61 -30.19
N CYS C 16 3.82 -22.12 -29.07
CA CYS C 16 5.11 -21.46 -28.99
C CYS C 16 5.76 -21.76 -27.65
N LEU C 17 7.06 -22.04 -27.69
CA LEU C 17 7.89 -22.21 -26.50
C LEU C 17 8.62 -20.92 -26.17
N LEU C 18 8.75 -20.61 -24.89
CA LEU C 18 9.37 -19.38 -24.42
C LEU C 18 10.60 -19.68 -23.60
N CYS C 19 11.68 -18.92 -23.83
CA CYS C 19 12.81 -18.86 -22.91
C CYS C 19 13.29 -17.42 -22.74
N GLY C 20 14.04 -17.20 -21.68
CA GLY C 20 14.68 -15.91 -21.51
C GLY C 20 15.87 -15.78 -22.44
N ASP C 21 16.67 -16.84 -22.52
CA ASP C 21 17.97 -16.78 -23.16
C ASP C 21 17.85 -17.08 -24.64
N PRO C 22 18.20 -16.12 -25.52
CA PRO C 22 18.13 -16.40 -26.97
C PRO C 22 19.12 -17.46 -27.41
N LEU C 23 20.10 -17.80 -26.58
CA LEU C 23 21.03 -18.86 -26.94
C LEU C 23 20.41 -20.23 -26.78
N ARG C 24 19.40 -20.37 -25.90
CA ARG C 24 18.71 -21.64 -25.73
C ARG C 24 17.63 -21.83 -26.80
N VAL C 25 16.98 -20.74 -27.21
CA VAL C 25 16.09 -20.79 -28.37
C VAL C 25 16.84 -21.34 -29.57
N SER C 26 18.04 -20.82 -29.82
CA SER C 26 18.85 -21.34 -30.92
C SER C 26 19.25 -22.78 -30.67
N TYR C 27 19.56 -23.12 -29.42
CA TYR C 27 19.93 -24.49 -29.09
C TYR C 27 18.81 -25.46 -29.40
N ILE C 28 17.56 -25.07 -29.11
CA ILE C 28 16.45 -25.98 -29.32
C ILE C 28 16.13 -26.12 -30.79
N ALA C 29 16.20 -25.03 -31.54
CA ALA C 29 15.93 -25.07 -32.97
C ALA C 29 16.84 -26.08 -33.64
N LYS C 30 18.12 -26.04 -33.31
CA LYS C 30 19.06 -26.89 -34.01
C LYS C 30 18.90 -28.34 -33.59
N LYS C 31 18.72 -28.56 -32.28
CA LYS C 31 18.80 -29.90 -31.74
C LYS C 31 17.50 -30.67 -31.84
N PHE C 32 16.34 -30.00 -31.81
CA PHE C 32 15.10 -30.75 -31.69
C PHE C 32 14.05 -30.43 -32.75
N LEU C 33 14.26 -29.43 -33.60
CA LEU C 33 13.30 -29.11 -34.64
C LEU C 33 13.81 -29.53 -36.01
N GLN C 34 12.87 -29.97 -36.85
CA GLN C 34 13.16 -30.22 -38.26
C GLN C 34 12.93 -28.94 -39.04
N ASP C 35 13.89 -28.58 -39.91
CA ASP C 35 13.71 -27.47 -40.85
C ASP C 35 13.27 -26.20 -40.14
N ALA C 36 13.95 -25.90 -39.04
CA ALA C 36 13.72 -24.67 -38.32
C ALA C 36 14.27 -23.49 -39.13
N LYS C 37 13.58 -22.35 -39.04
CA LYS C 37 13.95 -21.13 -39.75
C LYS C 37 13.94 -19.98 -38.76
N GLU C 38 15.00 -19.20 -38.74
CA GLU C 38 15.02 -18.02 -37.90
C GLU C 38 14.06 -16.99 -38.48
N ILE C 39 13.07 -16.58 -37.69
CA ILE C 39 12.02 -15.71 -38.17
C ILE C 39 12.04 -14.33 -37.53
N THR C 40 12.75 -14.12 -36.43
CA THR C 40 12.88 -12.79 -35.86
C THR C 40 14.24 -12.69 -35.18
N ASN C 41 14.77 -11.47 -35.07
CA ASN C 41 16.13 -11.27 -34.57
C ASN C 41 16.37 -9.87 -34.04
N VAL C 42 15.29 -9.11 -33.77
CA VAL C 42 15.43 -7.80 -33.18
C VAL C 42 16.16 -7.90 -31.83
N ARG C 43 17.09 -6.99 -31.59
CA ARG C 43 17.81 -6.92 -30.30
C ARG C 43 18.51 -8.22 -29.98
N ASN C 44 18.91 -8.98 -31.00
CA ASN C 44 19.48 -10.30 -30.82
C ASN C 44 18.53 -11.25 -30.10
N MET C 45 17.25 -10.93 -30.04
CA MET C 45 16.26 -11.77 -29.36
C MET C 45 15.58 -12.65 -30.40
N LEU C 46 16.11 -13.84 -30.61
CA LEU C 46 15.73 -14.66 -31.75
C LEU C 46 14.40 -15.39 -31.53
N GLY C 47 13.74 -15.69 -32.64
CA GLY C 47 12.61 -16.59 -32.65
C GLY C 47 12.69 -17.48 -33.88
N PHE C 48 12.11 -18.68 -33.76
CA PHE C 48 12.15 -19.67 -34.83
C PHE C 48 10.78 -20.29 -35.02
N SER C 49 10.58 -20.88 -36.20
CA SER C 49 9.49 -21.80 -36.43
C SER C 49 10.05 -23.03 -37.14
N GLY C 50 9.74 -24.21 -36.61
CA GLY C 50 10.15 -25.47 -37.18
C GLY C 50 9.08 -26.51 -36.99
N LYS C 51 9.45 -27.80 -37.08
CA LYS C 51 8.51 -28.87 -36.84
C LYS C 51 9.13 -29.92 -35.92
N TYR C 52 8.25 -30.59 -35.19
CA TYR C 52 8.60 -31.67 -34.28
C TYR C 52 7.56 -32.77 -34.51
N LYS C 53 8.02 -33.96 -34.91
CA LYS C 53 7.12 -35.03 -35.32
C LYS C 53 6.09 -34.54 -36.33
N GLY C 54 6.55 -33.70 -37.26
CA GLY C 54 5.71 -33.18 -38.33
C GLY C 54 4.73 -32.08 -37.96
N ARG C 55 4.80 -31.56 -36.75
CA ARG C 55 3.83 -30.60 -36.24
C ARG C 55 4.50 -29.25 -35.99
N GLY C 56 3.80 -28.17 -36.34
CA GLY C 56 4.42 -26.85 -36.33
C GLY C 56 4.61 -26.34 -34.90
N ILE C 57 5.81 -25.83 -34.61
CA ILE C 57 6.12 -25.29 -33.29
C ILE C 57 7.04 -24.10 -33.45
N SER C 58 6.75 -23.04 -32.71
CA SER C 58 7.55 -21.82 -32.74
C SER C 58 8.29 -21.70 -31.41
N LEU C 59 9.35 -20.88 -31.44
CA LEU C 59 10.17 -20.62 -30.28
C LEU C 59 10.49 -19.14 -30.23
N MET C 60 10.56 -18.56 -29.03
CA MET C 60 10.83 -17.13 -28.90
C MET C 60 11.55 -16.85 -27.59
N GLY C 61 12.61 -16.04 -27.66
CA GLY C 61 13.23 -15.51 -26.46
C GLY C 61 12.47 -14.32 -25.91
N HIS C 62 12.69 -14.03 -24.63
CA HIS C 62 11.95 -12.91 -24.05
C HIS C 62 12.71 -12.12 -23.00
N GLY C 63 14.01 -12.35 -22.83
CA GLY C 63 14.74 -11.56 -21.87
C GLY C 63 14.41 -11.93 -20.43
N MET C 64 14.81 -11.04 -19.53
CA MET C 64 14.71 -11.25 -18.09
C MET C 64 13.71 -10.26 -17.47
N GLY C 65 12.91 -10.76 -16.54
CA GLY C 65 12.07 -9.90 -15.73
C GLY C 65 10.65 -9.82 -16.28
N ILE C 66 9.71 -9.50 -15.39
CA ILE C 66 8.32 -9.42 -15.78
C ILE C 66 8.10 -8.38 -16.88
N ALA C 67 8.85 -7.29 -16.86
CA ALA C 67 8.61 -6.23 -17.82
C ALA C 67 8.98 -6.68 -19.23
N SER C 68 10.16 -7.28 -19.40
CA SER C 68 10.54 -7.74 -20.73
C SER C 68 9.66 -8.89 -21.19
N CYS C 69 9.31 -9.80 -20.28
CA CYS C 69 8.49 -10.95 -20.65
C CYS C 69 7.14 -10.51 -21.20
N THR C 70 6.51 -9.54 -20.52
CA THR C 70 5.20 -9.05 -20.89
C THR C 70 5.18 -8.44 -22.29
N ILE C 71 6.22 -7.66 -22.62
CA ILE C 71 6.35 -7.11 -23.98
C ILE C 71 6.24 -8.22 -25.03
N TYR C 72 7.04 -9.28 -24.88
CA TYR C 72 7.06 -10.33 -25.89
C TYR C 72 5.78 -11.17 -25.87
N VAL C 73 5.29 -11.51 -24.69
CA VAL C 73 4.02 -12.24 -24.68
C VAL C 73 2.92 -11.39 -25.31
N THR C 74 2.89 -10.09 -24.98
CA THR C 74 1.81 -9.25 -25.49
C THR C 74 1.83 -9.20 -27.01
N GLU C 75 3.01 -9.05 -27.60
CA GLU C 75 3.10 -8.97 -29.05
C GLU C 75 2.80 -10.31 -29.71
N LEU C 76 3.30 -11.41 -29.15
CA LEU C 76 2.97 -12.72 -29.71
C LEU C 76 1.46 -12.96 -29.74
N ILE C 77 0.76 -12.62 -28.65
CA ILE C 77 -0.67 -12.90 -28.62
C ILE C 77 -1.42 -11.93 -29.52
N LYS C 78 -1.14 -10.64 -29.39
CA LYS C 78 -1.96 -9.70 -30.12
C LYS C 78 -1.60 -9.69 -31.60
N THR C 79 -0.31 -9.61 -31.92
CA THR C 79 0.09 -9.42 -33.30
C THR C 79 0.24 -10.73 -34.06
N TYR C 80 0.79 -11.76 -33.42
CA TYR C 80 1.12 -12.99 -34.11
C TYR C 80 0.17 -14.13 -33.81
N GLN C 81 -0.94 -13.87 -33.11
CA GLN C 81 -2.04 -14.81 -32.97
C GLN C 81 -1.61 -16.11 -32.28
N VAL C 82 -0.57 -16.08 -31.45
CA VAL C 82 -0.20 -17.29 -30.72
C VAL C 82 -1.23 -17.56 -29.63
N LYS C 83 -1.70 -18.80 -29.55
CA LYS C 83 -2.75 -19.18 -28.60
C LYS C 83 -2.21 -19.90 -27.37
N GLU C 84 -1.15 -20.67 -27.51
CA GLU C 84 -0.60 -21.44 -26.41
C GLU C 84 0.85 -21.06 -26.22
N LEU C 85 1.20 -20.70 -25.00
CA LEU C 85 2.55 -20.24 -24.67
C LEU C 85 3.09 -21.08 -23.54
N LEU C 86 4.17 -21.82 -23.80
CA LEU C 86 4.83 -22.66 -22.82
C LEU C 86 6.22 -22.11 -22.54
N ARG C 87 6.42 -21.54 -21.36
CA ARG C 87 7.72 -21.10 -20.92
C ARG C 87 8.51 -22.25 -20.30
N ILE C 88 9.73 -22.45 -20.77
CA ILE C 88 10.67 -23.38 -20.18
C ILE C 88 11.91 -22.58 -19.82
N GLY C 89 12.34 -22.66 -18.57
CA GLY C 89 13.54 -21.95 -18.18
C GLY C 89 14.15 -22.51 -16.93
N THR C 90 15.00 -21.75 -16.27
CA THR C 90 15.65 -22.17 -15.03
C THR C 90 15.14 -21.35 -13.85
N CYS C 91 15.49 -21.81 -12.65
CA CYS C 91 15.03 -21.15 -11.43
C CYS C 91 16.02 -21.45 -10.31
N GLY C 92 15.86 -20.70 -9.21
CA GLY C 92 16.58 -20.98 -7.98
C GLY C 92 15.67 -21.69 -7.00
N ALA C 93 15.88 -22.98 -6.80
CA ALA C 93 15.06 -23.73 -5.86
C ALA C 93 15.24 -23.21 -4.44
N ILE C 94 14.19 -23.31 -3.64
CA ILE C 94 14.23 -22.86 -2.26
C ILE C 94 13.51 -23.85 -1.35
N SER C 95 12.95 -24.91 -1.93
CA SER C 95 12.20 -25.92 -1.20
C SER C 95 13.01 -27.21 -1.07
N PRO C 96 12.81 -27.99 0.00
CA PRO C 96 13.49 -29.30 0.06
C PRO C 96 12.77 -30.37 -0.74
N LYS C 97 11.51 -30.12 -1.14
CA LYS C 97 10.75 -31.03 -1.98
C LYS C 97 11.34 -31.19 -3.38
N VAL C 98 12.24 -30.31 -3.79
CA VAL C 98 12.78 -30.32 -5.15
C VAL C 98 14.30 -30.41 -5.06
N GLY C 99 14.87 -31.38 -5.79
CA GLY C 99 16.29 -31.42 -6.06
C GLY C 99 16.60 -30.79 -7.39
N LEU C 100 17.88 -30.83 -7.76
CA LEU C 100 18.26 -30.35 -9.07
C LEU C 100 17.83 -31.37 -10.12
N LYS C 101 18.00 -30.98 -11.38
CA LYS C 101 17.40 -31.66 -12.53
C LYS C 101 15.89 -31.50 -12.55
N ASP C 102 15.27 -31.49 -11.35
CA ASP C 102 13.82 -31.55 -11.24
C ASP C 102 13.15 -30.47 -12.10
N ILE C 103 12.03 -30.84 -12.69
CA ILE C 103 11.18 -29.93 -13.46
C ILE C 103 10.00 -29.57 -12.58
N ILE C 104 9.75 -28.27 -12.46
CA ILE C 104 8.67 -27.71 -11.65
C ILE C 104 7.60 -27.18 -12.58
N MET C 105 6.35 -27.54 -12.30
CA MET C 105 5.21 -26.92 -12.97
C MET C 105 4.63 -25.87 -12.04
N ALA C 106 4.60 -24.63 -12.52
CA ALA C 106 4.22 -23.51 -11.65
C ALA C 106 2.71 -23.36 -11.71
N THR C 107 2.00 -23.96 -10.73
CA THR C 107 0.56 -23.82 -10.64
C THR C 107 0.13 -22.44 -10.19
N GLY C 108 1.05 -21.66 -9.63
CA GLY C 108 0.79 -20.26 -9.33
C GLY C 108 2.12 -19.53 -9.34
N ALA C 109 2.05 -18.22 -9.53
CA ALA C 109 3.26 -17.41 -9.49
C ALA C 109 2.99 -16.19 -8.62
N SER C 110 3.54 -16.22 -7.40
CA SER C 110 3.51 -15.07 -6.51
C SER C 110 4.59 -14.08 -6.94
N THR C 111 4.52 -12.86 -6.42
CA THR C 111 5.53 -11.90 -6.85
C THR C 111 5.61 -10.67 -5.93
N ASP C 112 6.76 -10.01 -5.98
CA ASP C 112 6.95 -8.71 -5.33
C ASP C 112 6.77 -7.56 -6.30
N SER C 113 6.39 -7.86 -7.55
CA SER C 113 6.17 -6.83 -8.55
C SER C 113 4.88 -6.07 -8.25
N LYS C 114 4.81 -4.84 -8.72
CA LYS C 114 3.57 -4.09 -8.58
C LYS C 114 2.66 -4.23 -9.79
N THR C 115 3.04 -5.05 -10.76
CA THR C 115 2.39 -5.00 -12.06
C THR C 115 0.98 -5.53 -12.01
N ASN C 116 0.73 -6.54 -11.17
CA ASN C 116 -0.59 -7.12 -11.12
C ASN C 116 -1.52 -6.26 -10.28
N ARG C 117 -0.98 -5.54 -9.31
CA ARG C 117 -1.77 -4.52 -8.63
C ARG C 117 -2.20 -3.41 -9.59
N VAL C 118 -1.30 -3.02 -10.50
CA VAL C 118 -1.65 -1.99 -11.48
C VAL C 118 -2.71 -2.53 -12.44
N ARG C 119 -2.52 -3.76 -12.92
CA ARG C 119 -3.52 -4.37 -13.81
C ARG C 119 -4.87 -4.53 -13.12
N PHE C 120 -4.89 -4.83 -11.82
CA PHE C 120 -6.03 -5.51 -11.17
C PHE C 120 -6.46 -4.73 -9.91
N LEU C 121 -7.02 -3.53 -10.11
CA LEU C 121 -7.79 -2.79 -9.09
C LEU C 121 -7.02 -2.65 -7.78
N ASN C 122 -5.70 -2.79 -7.83
CA ASN C 122 -4.82 -2.77 -6.66
C ASN C 122 -5.21 -3.85 -5.64
N HIS C 123 -5.76 -4.97 -6.11
CA HIS C 123 -6.05 -6.14 -5.29
C HIS C 123 -4.98 -7.20 -5.51
N ASP C 124 -5.20 -8.40 -4.97
CA ASP C 124 -4.29 -9.54 -5.15
C ASP C 124 -4.78 -10.35 -6.34
N LEU C 125 -4.10 -10.23 -7.48
CA LEU C 125 -4.35 -11.15 -8.57
C LEU C 125 -3.63 -12.46 -8.29
N SER C 126 -4.36 -13.56 -8.35
CA SER C 126 -3.75 -14.88 -8.23
C SER C 126 -3.37 -15.31 -9.65
N ALA C 127 -2.13 -15.02 -10.04
CA ALA C 127 -1.64 -15.37 -11.36
C ALA C 127 -1.44 -16.87 -11.46
N THR C 128 -2.12 -17.52 -12.40
CA THR C 128 -2.20 -18.97 -12.54
C THR C 128 -2.18 -19.37 -14.01
N PRO C 129 -1.70 -20.57 -14.32
CA PRO C 129 -1.73 -21.07 -15.70
C PRO C 129 -3.12 -21.50 -16.13
N ASP C 130 -3.25 -21.70 -17.43
CA ASP C 130 -4.38 -22.43 -17.99
C ASP C 130 -4.35 -23.87 -17.47
N PHE C 131 -5.48 -24.33 -16.95
CA PHE C 131 -5.46 -25.65 -16.31
C PHE C 131 -5.26 -26.77 -17.32
N GLU C 132 -5.82 -26.64 -18.51
CA GLU C 132 -5.73 -27.76 -19.44
C GLU C 132 -4.30 -27.95 -19.96
N LEU C 133 -3.53 -26.86 -20.08
CA LEU C 133 -2.10 -27.00 -20.34
C LEU C 133 -1.41 -27.71 -19.18
N SER C 134 -1.69 -27.29 -17.95
CA SER C 134 -1.12 -27.99 -16.79
C SER C 134 -1.48 -29.48 -16.78
N LEU C 135 -2.73 -29.81 -17.13
CA LEU C 135 -3.12 -31.22 -17.25
C LEU C 135 -2.31 -31.92 -18.34
N ARG C 136 -2.17 -31.31 -19.52
CA ARG C 136 -1.34 -31.92 -20.56
C ARG C 136 0.09 -32.13 -20.08
N ALA C 137 0.63 -31.14 -19.37
CA ALA C 137 1.98 -31.29 -18.83
C ALA C 137 2.04 -32.48 -17.88
N TYR C 138 1.09 -32.56 -16.95
CA TYR C 138 1.10 -33.66 -16.01
C TYR C 138 1.04 -34.99 -16.75
N GLN C 139 0.11 -35.11 -17.70
CA GLN C 139 -0.07 -36.38 -18.37
C GLN C 139 1.15 -36.74 -19.23
N THR C 140 1.60 -35.78 -20.05
CA THR C 140 2.77 -36.01 -20.87
C THR C 140 3.99 -36.38 -20.03
N ALA C 141 4.15 -35.73 -18.89
CA ALA C 141 5.29 -36.07 -18.03
C ALA C 141 5.24 -37.54 -17.64
N LYS C 142 4.05 -38.04 -17.31
CA LYS C 142 3.91 -39.43 -16.91
C LYS C 142 4.29 -40.37 -18.04
N ARG C 143 3.84 -40.08 -19.26
CA ARG C 143 4.18 -40.93 -20.39
C ARG C 143 5.66 -40.86 -20.75
N LEU C 144 6.36 -39.79 -20.38
CA LEU C 144 7.80 -39.71 -20.58
C LEU C 144 8.60 -40.19 -19.37
N GLY C 145 7.95 -40.62 -18.30
CA GLY C 145 8.68 -41.06 -17.12
C GLY C 145 9.29 -39.95 -16.32
N ILE C 146 8.69 -38.77 -16.29
CA ILE C 146 9.21 -37.62 -15.57
C ILE C 146 8.32 -37.40 -14.34
N ASP C 147 8.95 -37.37 -13.17
CA ASP C 147 8.24 -37.00 -11.96
C ASP C 147 8.18 -35.47 -11.90
N LEU C 148 7.04 -34.94 -12.32
CA LEU C 148 6.80 -33.51 -12.37
C LEU C 148 6.59 -32.98 -10.96
N LYS C 149 7.33 -31.92 -10.60
CA LYS C 149 7.12 -31.25 -9.32
C LYS C 149 6.14 -30.09 -9.53
N VAL C 150 5.14 -30.00 -8.68
CA VAL C 150 4.06 -29.06 -8.87
C VAL C 150 4.00 -28.14 -7.65
N GLY C 151 3.82 -26.85 -7.89
CA GLY C 151 3.61 -25.91 -6.81
C GLY C 151 3.76 -24.50 -7.31
N ASN C 152 3.84 -23.57 -6.38
CA ASN C 152 4.02 -22.18 -6.75
C ASN C 152 5.49 -21.88 -6.99
N VAL C 153 5.72 -20.83 -7.77
CA VAL C 153 7.02 -20.14 -7.80
C VAL C 153 6.80 -18.70 -7.36
N PHE C 154 7.90 -18.10 -6.94
CA PHE C 154 7.96 -16.68 -6.65
C PHE C 154 8.68 -15.97 -7.80
N SER C 155 7.95 -15.08 -8.50
CA SER C 155 8.50 -14.25 -9.57
C SER C 155 9.01 -12.93 -8.99
N SER C 156 10.32 -12.78 -8.88
CA SER C 156 10.89 -11.60 -8.26
C SER C 156 11.38 -10.60 -9.31
N ASP C 157 11.18 -9.33 -9.00
CA ASP C 157 11.83 -8.23 -9.71
C ASP C 157 13.34 -8.17 -9.45
N PHE C 158 13.88 -9.06 -8.61
CA PHE C 158 15.28 -9.03 -8.20
C PHE C 158 15.89 -10.40 -8.45
N PHE C 159 17.03 -10.42 -9.12
CA PHE C 159 17.88 -11.60 -9.07
C PHE C 159 18.68 -11.63 -7.79
N TYR C 160 19.16 -10.46 -7.36
CA TYR C 160 19.91 -10.31 -6.13
C TYR C 160 18.92 -9.78 -5.10
N SER C 161 18.41 -10.69 -4.28
CA SER C 161 17.32 -10.36 -3.38
C SER C 161 17.81 -9.56 -2.19
N PHE C 162 17.02 -8.54 -1.82
CA PHE C 162 17.15 -7.86 -0.55
C PHE C 162 16.36 -8.54 0.58
N GLU C 163 15.79 -9.73 0.35
CA GLU C 163 14.95 -10.40 1.35
C GLU C 163 15.32 -11.89 1.45
N THR C 164 16.61 -12.20 1.54
CA THR C 164 17.01 -13.61 1.59
C THR C 164 16.51 -14.30 2.87
N HIS C 165 16.31 -13.54 3.94
CA HIS C 165 15.76 -14.10 5.17
C HIS C 165 14.33 -14.63 5.01
N ALA C 166 13.62 -14.24 3.94
CA ALA C 166 12.22 -14.63 3.70
C ALA C 166 12.06 -15.92 2.92
N PHE C 167 13.16 -16.52 2.46
CA PHE C 167 13.08 -17.71 1.62
C PHE C 167 12.43 -18.88 2.34
N ASP C 168 12.66 -18.99 3.65
CA ASP C 168 12.04 -20.08 4.41
C ASP C 168 10.53 -19.91 4.47
N LEU C 169 10.06 -18.69 4.73
CA LEU C 169 8.64 -18.40 4.70
C LEU C 169 8.06 -18.66 3.32
N MET C 170 8.84 -18.35 2.28
CA MET C 170 8.35 -18.55 0.92
C MET C 170 8.12 -20.03 0.66
N ALA C 171 9.06 -20.87 1.10
CA ALA C 171 9.00 -22.30 0.80
C ALA C 171 7.94 -22.98 1.65
N LYS C 172 7.80 -22.54 2.90
CA LYS C 172 6.72 -22.98 3.76
C LYS C 172 5.37 -22.84 3.06
N TYR C 173 5.18 -21.73 2.33
CA TYR C 173 3.94 -21.52 1.61
C TYR C 173 3.96 -22.15 0.23
N ASN C 174 4.66 -23.27 0.09
CA ASN C 174 4.61 -24.11 -1.11
C ASN C 174 5.17 -23.38 -2.35
N HIS C 175 6.11 -22.48 -2.17
CA HIS C 175 6.90 -22.00 -3.29
C HIS C 175 8.13 -22.88 -3.43
N LEU C 176 8.25 -23.54 -4.58
CA LEU C 176 9.36 -24.46 -4.77
C LEU C 176 10.62 -23.78 -5.28
N ALA C 177 10.50 -22.58 -5.85
CA ALA C 177 11.64 -21.95 -6.50
C ALA C 177 11.30 -20.50 -6.82
N ILE C 178 12.35 -19.71 -7.07
CA ILE C 178 12.26 -18.31 -7.47
C ILE C 178 12.71 -18.18 -8.91
N GLU C 179 11.96 -17.41 -9.69
CA GLU C 179 12.38 -16.97 -11.01
C GLU C 179 11.83 -15.56 -11.21
N MET C 180 11.80 -15.07 -12.46
CA MET C 180 11.57 -13.65 -12.66
C MET C 180 10.56 -13.32 -13.76
N GLU C 181 9.77 -14.29 -14.21
CA GLU C 181 8.89 -14.03 -15.36
C GLU C 181 7.50 -14.65 -15.25
N ALA C 182 7.31 -15.75 -14.52
CA ALA C 182 6.03 -16.47 -14.57
C ALA C 182 4.85 -15.57 -14.22
N ALA C 183 4.99 -14.74 -13.18
CA ALA C 183 3.86 -13.88 -12.82
C ALA C 183 3.50 -12.94 -13.97
N GLY C 184 4.49 -12.47 -14.72
CA GLY C 184 4.19 -11.62 -15.86
C GLY C 184 3.57 -12.40 -17.01
N LEU C 185 4.13 -13.56 -17.32
CA LEU C 185 3.56 -14.39 -18.37
C LEU C 185 2.11 -14.71 -18.09
N TYR C 186 1.81 -15.16 -16.86
CA TYR C 186 0.47 -15.63 -16.52
C TYR C 186 -0.54 -14.50 -16.55
N ALA C 187 -0.17 -13.32 -16.03
CA ALA C 187 -1.13 -12.22 -16.02
C ALA C 187 -1.41 -11.73 -17.42
N THR C 188 -0.44 -11.82 -18.33
CA THR C 188 -0.68 -11.37 -19.69
C THR C 188 -1.52 -12.39 -20.45
N ALA C 189 -1.24 -13.68 -20.28
CA ALA C 189 -2.10 -14.68 -20.89
C ALA C 189 -3.53 -14.58 -20.36
N MET C 190 -3.70 -14.29 -19.07
CA MET C 190 -5.01 -14.06 -18.49
C MET C 190 -5.66 -12.81 -19.06
N GLU C 191 -4.95 -11.68 -19.01
CA GLU C 191 -5.45 -10.44 -19.62
C GLU C 191 -5.94 -10.64 -21.06
N LEU C 192 -5.23 -11.47 -21.83
CA LEU C 192 -5.49 -11.56 -23.26
C LEU C 192 -6.27 -12.80 -23.64
N ASN C 193 -6.67 -13.61 -22.67
CA ASN C 193 -7.46 -14.81 -22.91
C ASN C 193 -6.67 -15.84 -23.72
N ALA C 194 -5.42 -16.06 -23.35
CA ALA C 194 -4.59 -17.05 -24.02
C ALA C 194 -4.09 -18.07 -23.00
N LYS C 195 -3.74 -19.26 -23.48
CA LYS C 195 -3.40 -20.38 -22.61
C LYS C 195 -1.90 -20.37 -22.35
N ALA C 196 -1.51 -20.45 -21.09
CA ALA C 196 -0.09 -20.37 -20.77
C ALA C 196 0.25 -21.25 -19.58
N LEU C 197 1.51 -21.68 -19.55
CA LEU C 197 2.06 -22.48 -18.48
C LEU C 197 3.55 -22.19 -18.40
N CYS C 198 4.11 -22.37 -17.23
CA CYS C 198 5.54 -22.16 -17.03
C CYS C 198 6.10 -23.40 -16.39
N LEU C 199 7.11 -24.00 -17.03
CA LEU C 199 7.91 -25.10 -16.49
C LEU C 199 9.31 -24.58 -16.17
N CYS C 200 9.83 -25.00 -15.02
CA CYS C 200 11.10 -24.49 -14.50
C CYS C 200 12.03 -25.65 -14.18
N SER C 201 13.24 -25.61 -14.71
CA SER C 201 14.23 -26.62 -14.42
C SER C 201 15.15 -26.11 -13.30
N VAL C 202 15.28 -26.90 -12.24
CA VAL C 202 16.11 -26.51 -11.11
C VAL C 202 17.58 -26.54 -11.52
N SER C 203 18.15 -25.38 -11.81
CA SER C 203 19.60 -25.28 -12.02
C SER C 203 20.31 -25.08 -10.69
N ASP C 204 19.98 -24.01 -9.97
CA ASP C 204 20.55 -23.78 -8.66
C ASP C 204 19.54 -24.11 -7.57
N HIS C 205 20.06 -24.52 -6.43
CA HIS C 205 19.25 -24.66 -5.21
C HIS C 205 19.83 -23.65 -4.23
N LEU C 206 19.05 -22.61 -3.93
CA LEU C 206 19.55 -21.52 -3.10
C LEU C 206 19.75 -21.93 -1.64
N ILE C 207 19.12 -23.00 -1.19
CA ILE C 207 19.29 -23.45 0.19
C ILE C 207 20.48 -24.39 0.31
N THR C 208 20.53 -25.44 -0.50
CA THR C 208 21.66 -26.37 -0.45
C THR C 208 22.91 -25.81 -1.11
N LYS C 209 22.78 -24.72 -1.88
CA LYS C 209 23.85 -24.12 -2.69
C LYS C 209 24.43 -25.11 -3.69
N GLU C 210 23.84 -26.30 -3.79
CA GLU C 210 24.28 -27.30 -4.74
C GLU C 210 23.86 -26.88 -6.15
N ALA C 211 24.75 -27.09 -7.13
CA ALA C 211 24.65 -26.34 -8.37
C ALA C 211 24.98 -27.12 -9.64
N LEU C 212 25.13 -28.45 -9.56
CA LEU C 212 25.29 -29.42 -10.67
C LEU C 212 26.23 -29.04 -11.82
N SER C 213 26.75 -30.05 -12.53
CA SER C 213 27.72 -29.82 -13.58
C SER C 213 27.06 -29.17 -14.81
N PRO C 214 27.83 -28.36 -15.58
CA PRO C 214 27.24 -27.69 -16.77
C PRO C 214 26.72 -28.70 -17.79
N LYS C 215 27.11 -29.96 -17.62
CA LYS C 215 26.74 -31.03 -18.53
C LYS C 215 25.47 -31.74 -18.11
N GLU C 216 25.28 -31.99 -16.82
CA GLU C 216 23.98 -32.45 -16.34
C GLU C 216 22.90 -31.39 -16.56
N ARG C 217 23.30 -30.13 -16.76
CA ARG C 217 22.34 -29.08 -17.07
C ARG C 217 21.69 -29.31 -18.43
N VAL C 218 22.50 -29.48 -19.47
CA VAL C 218 21.95 -29.66 -20.80
C VAL C 218 21.24 -31.01 -20.90
N GLU C 219 21.73 -32.03 -20.19
CA GLU C 219 21.03 -33.31 -20.20
C GLU C 219 19.66 -33.21 -19.53
N SER C 220 19.59 -32.50 -18.40
CA SER C 220 18.33 -32.34 -17.70
C SER C 220 17.42 -31.32 -18.38
N PHE C 221 17.99 -30.21 -18.86
CA PHE C 221 17.16 -29.22 -19.53
C PHE C 221 16.59 -29.80 -20.81
N ASP C 222 17.29 -30.79 -21.40
CA ASP C 222 16.75 -31.50 -22.55
C ASP C 222 15.49 -32.26 -22.20
N ASN C 223 15.41 -32.79 -20.98
CA ASN C 223 14.19 -33.48 -20.58
C ASN C 223 13.02 -32.51 -20.51
N MET C 224 13.26 -31.30 -20.00
CA MET C 224 12.21 -30.29 -20.00
C MET C 224 11.80 -29.92 -21.42
N ILE C 225 12.78 -29.70 -22.30
CA ILE C 225 12.48 -29.33 -23.69
C ILE C 225 11.64 -30.40 -24.34
N ILE C 226 12.02 -31.67 -24.13
CA ILE C 226 11.32 -32.79 -24.73
C ILE C 226 9.89 -32.86 -24.21
N LEU C 227 9.72 -32.66 -22.89
CA LEU C 227 8.38 -32.59 -22.30
C LEU C 227 7.55 -31.46 -22.90
N ALA C 228 8.19 -30.32 -23.17
CA ALA C 228 7.47 -29.20 -23.77
C ALA C 228 7.02 -29.54 -25.18
N LEU C 229 7.86 -30.23 -25.93
CA LEU C 229 7.55 -30.52 -27.33
C LEU C 229 6.52 -31.63 -27.45
N GLU C 230 6.60 -32.64 -26.57
CA GLU C 230 5.62 -33.71 -26.61
C GLU C 230 4.22 -33.21 -26.28
N MET C 231 4.09 -32.21 -25.38
CA MET C 231 2.76 -31.71 -25.08
C MET C 231 2.28 -30.70 -26.11
N MET C 232 3.18 -30.05 -26.83
CA MET C 232 2.80 -29.21 -27.96
C MET C 232 2.54 -30.03 -29.23
N SER C 233 2.44 -31.35 -29.12
CA SER C 233 2.31 -32.22 -30.28
C SER C 233 1.19 -33.24 -30.14
N MET D 1 16.02 23.85 25.67
CA MET D 1 15.44 22.58 26.11
C MET D 1 15.01 21.68 24.93
N THR D 2 13.89 21.99 24.30
CA THR D 2 13.66 21.32 23.03
C THR D 2 13.93 22.28 21.89
N PRO D 3 14.08 21.77 20.66
CA PRO D 3 14.37 22.68 19.53
C PRO D 3 13.28 23.70 19.25
N HIS D 4 12.03 23.45 19.63
CA HIS D 4 10.96 24.31 19.15
C HIS D 4 10.23 25.06 20.26
N ILE D 5 10.63 24.88 21.53
CA ILE D 5 10.05 25.60 22.67
C ILE D 5 11.18 26.06 23.59
N ASN D 6 11.14 27.34 24.00
CA ASN D 6 12.19 27.86 24.88
C ASN D 6 11.68 28.19 26.28
N ALA D 7 10.53 27.62 26.66
CA ALA D 7 10.08 27.70 28.05
C ALA D 7 11.01 26.95 28.99
N LYS D 8 11.01 27.38 30.24
CA LYS D 8 11.68 26.63 31.30
C LYS D 8 10.83 25.44 31.69
N ILE D 9 11.47 24.45 32.31
CA ILE D 9 10.74 23.31 32.85
C ILE D 9 9.79 23.82 33.94
N GLY D 10 8.58 23.28 33.95
CA GLY D 10 7.58 23.72 34.89
C GLY D 10 6.80 24.95 34.46
N ASP D 11 7.21 25.62 33.39
CA ASP D 11 6.43 26.75 32.90
C ASP D 11 5.03 26.34 32.46
N PHE D 12 4.83 25.09 32.07
CA PHE D 12 3.53 24.65 31.55
C PHE D 12 2.72 24.00 32.66
N TYR D 13 1.44 24.36 32.72
CA TYR D 13 0.48 23.63 33.51
C TYR D 13 0.19 22.29 32.84
N PRO D 14 -0.34 21.31 33.60
CA PRO D 14 -0.64 20.00 32.98
C PRO D 14 -1.82 20.03 32.00
N GLN D 15 -2.65 21.08 32.01
CA GLN D 15 -3.71 21.30 31.04
C GLN D 15 -3.32 22.37 30.02
N CYS D 16 -3.55 22.11 28.74
CA CYS D 16 -3.12 23.01 27.68
C CYS D 16 -4.15 23.12 26.57
N LEU D 17 -4.57 24.35 26.28
CA LEU D 17 -5.32 24.69 25.08
C LEU D 17 -4.38 24.90 23.89
N LEU D 18 -4.80 24.43 22.72
CA LEU D 18 -3.98 24.52 21.51
C LEU D 18 -4.76 25.16 20.38
N CYS D 19 -4.08 25.98 19.58
CA CYS D 19 -4.60 26.43 18.30
C CYS D 19 -3.46 26.52 17.31
N GLY D 20 -3.77 26.32 16.02
CA GLY D 20 -2.75 26.48 15.00
C GLY D 20 -2.13 27.86 14.99
N ASP D 21 -2.97 28.91 15.01
CA ASP D 21 -2.59 30.31 14.90
C ASP D 21 -2.06 30.90 16.20
N PRO D 22 -0.77 31.21 16.27
CA PRO D 22 -0.23 31.85 17.48
C PRO D 22 -0.82 33.23 17.76
N LEU D 23 -1.55 33.83 16.83
CA LEU D 23 -2.18 35.11 17.12
C LEU D 23 -3.51 34.93 17.83
N ARG D 24 -4.17 33.78 17.67
CA ARG D 24 -5.36 33.53 18.47
C ARG D 24 -4.99 33.08 19.86
N VAL D 25 -3.90 32.30 19.96
CA VAL D 25 -3.33 31.96 21.25
C VAL D 25 -3.13 33.22 22.08
N SER D 26 -2.33 34.15 21.57
CA SER D 26 -2.12 35.42 22.23
C SER D 26 -3.41 36.15 22.48
N TYR D 27 -4.38 36.03 21.56
CA TYR D 27 -5.69 36.63 21.77
C TYR D 27 -6.39 36.04 22.99
N ILE D 28 -6.22 34.74 23.23
CA ILE D 28 -6.87 34.12 24.39
C ILE D 28 -6.17 34.53 25.68
N ALA D 29 -4.85 34.70 25.65
CA ALA D 29 -4.14 35.13 26.85
C ALA D 29 -4.54 36.56 27.21
N LYS D 30 -4.78 37.39 26.21
CA LYS D 30 -5.10 38.78 26.48
C LYS D 30 -6.51 38.91 27.04
N LYS D 31 -7.48 38.32 26.35
CA LYS D 31 -8.88 38.60 26.65
C LYS D 31 -9.42 37.74 27.79
N PHE D 32 -8.88 36.53 28.00
CA PHE D 32 -9.57 35.55 28.84
C PHE D 32 -8.80 35.04 30.05
N LEU D 33 -7.54 35.38 30.23
CA LEU D 33 -6.77 34.79 31.32
C LEU D 33 -6.41 35.83 32.38
N GLN D 34 -6.16 35.33 33.59
CA GLN D 34 -5.56 36.12 34.67
C GLN D 34 -4.09 35.73 34.81
N ASP D 35 -3.26 36.73 35.14
CA ASP D 35 -1.81 36.53 35.31
C ASP D 35 -1.17 35.89 34.08
N ALA D 36 -1.68 36.24 32.90
CA ALA D 36 -1.15 35.71 31.66
C ALA D 36 0.33 36.05 31.53
N LYS D 37 1.15 35.02 31.31
CA LYS D 37 2.58 35.16 31.11
C LYS D 37 2.93 34.51 29.79
N GLU D 38 3.78 35.15 28.98
CA GLU D 38 4.37 34.50 27.82
C GLU D 38 5.55 33.65 28.28
N ILE D 39 5.62 32.42 27.77
CA ILE D 39 6.59 31.45 28.29
C ILE D 39 7.42 30.85 27.16
N THR D 40 6.98 31.01 25.92
CA THR D 40 7.77 30.47 24.82
C THR D 40 7.47 31.24 23.54
N ASN D 41 8.46 31.32 22.64
CA ASN D 41 8.23 32.07 21.41
C ASN D 41 9.16 31.69 20.26
N VAL D 42 9.75 30.48 20.28
CA VAL D 42 10.52 30.00 19.13
C VAL D 42 9.67 30.05 17.87
N ARG D 43 10.23 30.64 16.82
CA ARG D 43 9.57 30.75 15.51
C ARG D 43 8.27 31.55 15.59
N ASN D 44 8.17 32.48 16.54
CA ASN D 44 6.92 33.20 16.81
C ASN D 44 5.75 32.26 17.08
N MET D 45 5.99 30.99 17.43
CA MET D 45 4.89 30.12 17.85
C MET D 45 4.70 30.35 19.35
N LEU D 46 3.74 31.21 19.68
CA LEU D 46 3.60 31.76 21.03
C LEU D 46 2.92 30.78 21.98
N GLY D 47 3.40 30.76 23.22
CA GLY D 47 2.75 30.00 24.27
C GLY D 47 2.67 30.82 25.54
N PHE D 48 1.69 30.47 26.38
CA PHE D 48 1.40 31.23 27.59
C PHE D 48 1.04 30.31 28.75
N SER D 49 1.10 30.88 29.96
CA SER D 49 0.48 30.29 31.14
C SER D 49 -0.31 31.35 31.88
N GLY D 50 -1.37 30.92 32.53
CA GLY D 50 -2.23 31.84 33.24
C GLY D 50 -3.19 31.08 34.11
N LYS D 51 -4.16 31.81 34.65
CA LYS D 51 -5.26 31.24 35.42
C LYS D 51 -6.58 31.62 34.77
N TYR D 52 -7.52 30.68 34.79
CA TYR D 52 -8.91 30.94 34.47
C TYR D 52 -9.73 30.44 35.63
N LYS D 53 -10.59 31.31 36.17
CA LYS D 53 -11.42 31.01 37.35
C LYS D 53 -10.64 30.31 38.45
N GLY D 54 -9.52 30.93 38.84
CA GLY D 54 -8.60 30.41 39.83
C GLY D 54 -7.80 29.18 39.44
N ARG D 55 -7.78 28.81 38.16
CA ARG D 55 -7.20 27.52 37.80
C ARG D 55 -6.22 27.65 36.65
N GLY D 56 -5.06 27.02 36.81
CA GLY D 56 -3.99 27.20 35.84
C GLY D 56 -4.32 26.60 34.48
N ILE D 57 -4.03 27.36 33.43
CA ILE D 57 -4.23 26.91 32.04
C ILE D 57 -3.04 27.38 31.20
N SER D 58 -2.46 26.47 30.43
CA SER D 58 -1.47 26.87 29.46
C SER D 58 -2.09 26.94 28.07
N LEU D 59 -1.55 27.82 27.24
CA LEU D 59 -1.95 27.99 25.86
C LEU D 59 -0.71 27.75 25.00
N MET D 60 -0.92 27.19 23.82
CA MET D 60 0.23 26.90 22.98
C MET D 60 -0.23 26.83 21.54
N GLY D 61 0.44 27.55 20.66
CA GLY D 61 0.19 27.41 19.24
C GLY D 61 0.98 26.25 18.67
N HIS D 62 0.47 25.69 17.56
CA HIS D 62 1.11 24.50 17.02
C HIS D 62 1.19 24.47 15.49
N GLY D 63 0.87 25.57 14.81
CA GLY D 63 1.00 25.65 13.37
C GLY D 63 -0.05 24.82 12.64
N MET D 64 0.19 24.62 11.34
CA MET D 64 -0.75 23.94 10.45
C MET D 64 -0.22 22.57 10.03
N GLY D 65 -1.11 21.59 9.97
CA GLY D 65 -0.75 20.30 9.42
C GLY D 65 -0.34 19.30 10.50
N ILE D 66 -0.48 18.01 10.16
CA ILE D 66 -0.25 16.95 11.13
C ILE D 66 1.20 16.94 11.59
N ALA D 67 2.12 17.15 10.66
CA ALA D 67 3.55 17.11 10.97
C ALA D 67 3.93 18.14 12.04
N SER D 68 3.43 19.37 11.90
CA SER D 68 3.78 20.43 12.84
C SER D 68 3.06 20.27 14.18
N CYS D 69 1.77 19.95 14.14
CA CYS D 69 1.06 19.68 15.39
C CYS D 69 1.76 18.59 16.18
N THR D 70 2.19 17.52 15.50
CA THR D 70 2.88 16.41 16.16
C THR D 70 4.18 16.87 16.83
N ILE D 71 4.92 17.78 16.19
CA ILE D 71 6.17 18.29 16.78
C ILE D 71 5.91 18.90 18.14
N TYR D 72 4.92 19.79 18.20
CA TYR D 72 4.67 20.56 19.41
C TYR D 72 4.06 19.70 20.50
N VAL D 73 3.08 18.84 20.17
CA VAL D 73 2.46 18.13 21.28
C VAL D 73 3.36 17.01 21.79
N THR D 74 4.21 16.43 20.92
CA THR D 74 5.26 15.53 21.40
C THR D 74 6.14 16.23 22.44
N GLU D 75 6.65 17.41 22.12
CA GLU D 75 7.53 18.11 23.06
C GLU D 75 6.78 18.54 24.31
N LEU D 76 5.57 19.10 24.15
CA LEU D 76 4.76 19.44 25.31
C LEU D 76 4.66 18.26 26.29
N ILE D 77 4.31 17.08 25.78
CA ILE D 77 4.07 15.94 26.65
C ILE D 77 5.38 15.43 27.25
N LYS D 78 6.35 15.09 26.39
CA LYS D 78 7.56 14.40 26.89
C LYS D 78 8.43 15.32 27.73
N THR D 79 8.62 16.55 27.28
CA THR D 79 9.54 17.40 28.00
C THR D 79 8.83 18.22 29.08
N TYR D 80 7.75 18.90 28.73
CA TYR D 80 7.11 19.81 29.66
C TYR D 80 5.93 19.19 30.42
N GLN D 81 5.74 17.87 30.32
CA GLN D 81 4.83 17.12 31.18
C GLN D 81 3.36 17.55 31.06
N VAL D 82 2.95 18.04 29.89
CA VAL D 82 1.53 18.28 29.65
C VAL D 82 0.78 16.96 29.65
N LYS D 83 -0.32 16.89 30.42
CA LYS D 83 -1.15 15.70 30.48
C LYS D 83 -2.43 15.79 29.63
N GLU D 84 -3.11 16.94 29.62
CA GLU D 84 -4.38 17.11 28.93
C GLU D 84 -4.21 18.16 27.86
N LEU D 85 -4.68 17.86 26.64
CA LEU D 85 -4.51 18.75 25.50
C LEU D 85 -5.86 18.98 24.86
N LEU D 86 -6.35 20.20 24.94
CA LEU D 86 -7.61 20.56 24.29
C LEU D 86 -7.29 21.49 23.13
N ARG D 87 -7.52 21.00 21.92
CA ARG D 87 -7.29 21.74 20.70
C ARG D 87 -8.61 22.37 20.23
N ILE D 88 -8.54 23.63 19.78
CA ILE D 88 -9.69 24.31 19.21
C ILE D 88 -9.26 25.02 17.94
N GLY D 89 -10.14 25.01 16.94
CA GLY D 89 -9.84 25.69 15.70
C GLY D 89 -11.07 25.78 14.82
N THR D 90 -10.87 26.34 13.65
CA THR D 90 -11.91 26.38 12.63
C THR D 90 -11.78 25.17 11.72
N CYS D 91 -12.77 24.98 10.86
CA CYS D 91 -12.78 23.86 9.91
C CYS D 91 -13.72 24.19 8.77
N GLY D 92 -13.53 23.49 7.66
CA GLY D 92 -14.48 23.53 6.56
C GLY D 92 -15.52 22.44 6.67
N ALA D 93 -16.77 22.82 6.93
CA ALA D 93 -17.83 21.84 7.12
C ALA D 93 -18.11 21.11 5.83
N ILE D 94 -18.54 19.86 5.96
CA ILE D 94 -18.55 19.01 4.79
C ILE D 94 -19.83 18.17 4.76
N SER D 95 -20.60 18.22 5.84
CA SER D 95 -21.81 17.45 6.05
C SER D 95 -23.04 18.35 6.06
N PRO D 96 -24.18 17.85 5.54
CA PRO D 96 -25.43 18.60 5.71
C PRO D 96 -25.86 18.69 7.16
N LYS D 97 -25.34 17.85 8.04
CA LYS D 97 -25.75 17.80 9.42
C LYS D 97 -25.25 18.98 10.26
N VAL D 98 -24.28 19.76 9.76
CA VAL D 98 -23.74 20.89 10.51
C VAL D 98 -23.86 22.17 9.68
N GLY D 99 -24.16 23.28 10.36
CA GLY D 99 -24.15 24.59 9.76
C GLY D 99 -23.20 25.52 10.50
N LEU D 100 -23.03 26.73 9.94
CA LEU D 100 -22.09 27.72 10.46
C LEU D 100 -22.30 27.95 11.95
N LYS D 101 -21.20 28.24 12.64
CA LYS D 101 -21.15 28.50 14.09
C LYS D 101 -21.29 27.22 14.92
N ASP D 102 -21.64 26.10 14.29
CA ASP D 102 -21.65 24.82 15.00
C ASP D 102 -20.26 24.53 15.54
N ILE D 103 -20.23 23.98 16.76
CA ILE D 103 -19.01 23.47 17.37
C ILE D 103 -19.06 21.95 17.31
N ILE D 104 -18.05 21.36 16.68
CA ILE D 104 -17.96 19.92 16.50
C ILE D 104 -16.97 19.36 17.49
N MET D 105 -17.36 18.30 18.18
CA MET D 105 -16.44 17.48 18.93
C MET D 105 -16.03 16.27 18.07
N ALA D 106 -14.75 16.15 17.79
CA ALA D 106 -14.26 15.11 16.88
C ALA D 106 -14.02 13.83 17.67
N THR D 107 -14.93 12.87 17.55
CA THR D 107 -14.72 11.60 18.24
C THR D 107 -13.85 10.62 17.45
N GLY D 108 -13.58 10.91 16.20
CA GLY D 108 -12.58 10.18 15.46
C GLY D 108 -12.00 11.12 14.44
N ALA D 109 -10.75 10.89 14.08
CA ALA D 109 -10.08 11.71 13.06
C ALA D 109 -9.47 10.77 12.02
N SER D 110 -10.16 10.62 10.89
CA SER D 110 -9.62 9.94 9.73
C SER D 110 -8.55 10.82 9.07
N THR D 111 -7.77 10.22 8.16
CA THR D 111 -6.72 11.01 7.53
C THR D 111 -6.32 10.43 6.17
N ASP D 112 -5.80 11.32 5.32
CA ASP D 112 -5.12 10.91 4.10
C ASP D 112 -3.60 10.87 4.28
N SER D 113 -3.12 11.10 5.50
CA SER D 113 -1.72 11.03 5.89
C SER D 113 -1.26 9.58 5.94
N LYS D 114 0.05 9.39 5.83
CA LYS D 114 0.65 8.09 6.05
C LYS D 114 1.29 7.97 7.42
N THR D 115 1.14 8.98 8.28
CA THR D 115 1.82 8.99 9.59
C THR D 115 1.35 7.86 10.50
N ASN D 116 0.04 7.59 10.55
CA ASN D 116 -0.41 6.60 11.50
C ASN D 116 -0.06 5.19 11.06
N ARG D 117 -0.02 4.94 9.74
CA ARG D 117 0.46 3.67 9.23
C ARG D 117 1.94 3.49 9.55
N VAL D 118 2.72 4.59 9.47
CA VAL D 118 4.12 4.53 9.85
C VAL D 118 4.26 4.24 11.33
N ARG D 119 3.37 4.82 12.16
CA ARG D 119 3.35 4.55 13.60
C ARG D 119 2.90 3.14 13.91
N PHE D 120 1.94 2.60 13.12
CA PHE D 120 1.07 1.51 13.57
C PHE D 120 1.01 0.40 12.51
N LEU D 121 2.13 -0.30 12.30
CA LEU D 121 2.17 -1.61 11.66
C LEU D 121 1.72 -1.60 10.20
N ASN D 122 1.65 -0.43 9.55
CA ASN D 122 1.05 -0.23 8.24
C ASN D 122 -0.43 -0.64 8.22
N HIS D 123 -1.06 -0.71 9.39
CA HIS D 123 -2.47 -1.01 9.55
C HIS D 123 -3.28 0.27 9.68
N ASP D 124 -4.57 0.15 9.99
CA ASP D 124 -5.46 1.32 10.14
C ASP D 124 -5.59 1.66 11.62
N LEU D 125 -4.81 2.64 12.09
CA LEU D 125 -4.97 3.16 13.43
C LEU D 125 -6.21 4.06 13.48
N SER D 126 -7.16 3.73 14.34
CA SER D 126 -8.32 4.57 14.53
C SER D 126 -7.94 5.64 15.55
N ALA D 127 -7.87 6.88 15.12
CA ALA D 127 -7.34 7.95 15.93
C ALA D 127 -8.51 8.60 16.64
N THR D 128 -8.56 8.45 17.95
CA THR D 128 -9.69 8.83 18.77
C THR D 128 -9.21 9.61 19.98
N PRO D 129 -10.08 10.41 20.58
CA PRO D 129 -9.69 11.22 21.72
C PRO D 129 -9.88 10.47 23.04
N ASP D 130 -9.39 11.07 24.11
CA ASP D 130 -9.65 10.52 25.41
C ASP D 130 -11.14 10.60 25.73
N PHE D 131 -11.69 9.50 26.22
CA PHE D 131 -13.12 9.43 26.46
C PHE D 131 -13.55 10.38 27.58
N GLU D 132 -12.80 10.43 28.68
CA GLU D 132 -13.15 11.32 29.78
C GLU D 132 -13.16 12.77 29.32
N LEU D 133 -12.18 13.17 28.51
CA LEU D 133 -12.17 14.53 27.98
C LEU D 133 -13.42 14.79 27.17
N SER D 134 -13.79 13.85 26.29
CA SER D 134 -14.96 14.08 25.47
C SER D 134 -16.24 14.11 26.31
N LEU D 135 -16.29 13.33 27.39
CA LEU D 135 -17.41 13.40 28.32
C LEU D 135 -17.52 14.79 28.93
N ARG D 136 -16.38 15.34 29.36
CA ARG D 136 -16.40 16.63 30.03
C ARG D 136 -16.91 17.72 29.10
N ALA D 137 -16.51 17.67 27.81
CA ALA D 137 -16.95 18.67 26.84
C ALA D 137 -18.45 18.57 26.60
N TYR D 138 -18.95 17.35 26.38
CA TYR D 138 -20.40 17.18 26.19
C TYR D 138 -21.17 17.72 27.38
N GLN D 139 -20.73 17.39 28.60
CA GLN D 139 -21.42 17.87 29.79
C GLN D 139 -21.30 19.38 29.93
N THR D 140 -20.10 19.92 29.73
CA THR D 140 -19.91 21.37 29.82
C THR D 140 -20.68 22.08 28.73
N ALA D 141 -20.61 21.57 27.50
CA ALA D 141 -21.39 22.15 26.41
C ALA D 141 -22.89 22.09 26.71
N LYS D 142 -23.34 21.01 27.35
CA LYS D 142 -24.74 20.95 27.77
C LYS D 142 -25.06 22.05 28.79
N ARG D 143 -24.30 22.10 29.88
CA ARG D 143 -24.55 23.10 30.90
C ARG D 143 -24.51 24.53 30.34
N LEU D 144 -23.75 24.77 29.29
CA LEU D 144 -23.66 26.11 28.70
C LEU D 144 -24.72 26.36 27.63
N GLY D 145 -25.64 25.43 27.41
CA GLY D 145 -26.62 25.59 26.34
C GLY D 145 -26.01 25.66 24.96
N ILE D 146 -24.96 24.88 24.71
CA ILE D 146 -24.31 24.79 23.40
C ILE D 146 -24.75 23.49 22.74
N ASP D 147 -25.26 23.59 21.52
CA ASP D 147 -25.73 22.43 20.77
C ASP D 147 -24.52 21.77 20.13
N LEU D 148 -23.90 20.85 20.87
CA LEU D 148 -22.64 20.28 20.43
C LEU D 148 -22.89 19.16 19.43
N LYS D 149 -22.22 19.24 18.28
CA LYS D 149 -22.29 18.23 17.22
C LYS D 149 -21.13 17.25 17.34
N VAL D 150 -21.43 15.96 17.30
CA VAL D 150 -20.42 14.93 17.52
C VAL D 150 -20.29 14.08 16.28
N GLY D 151 -19.06 13.66 15.97
CA GLY D 151 -18.78 12.86 14.80
C GLY D 151 -17.30 12.84 14.49
N ASN D 152 -16.96 12.27 13.32
CA ASN D 152 -15.58 12.31 12.86
C ASN D 152 -15.29 13.62 12.13
N VAL D 153 -14.01 13.99 12.15
CA VAL D 153 -13.44 14.94 11.20
C VAL D 153 -12.48 14.17 10.30
N PHE D 154 -12.15 14.77 9.16
CA PHE D 154 -11.13 14.24 8.26
C PHE D 154 -9.90 15.15 8.32
N SER D 155 -8.79 14.59 8.78
CA SER D 155 -7.52 15.32 8.93
C SER D 155 -6.69 15.13 7.68
N SER D 156 -6.57 16.18 6.88
CA SER D 156 -5.97 16.06 5.56
C SER D 156 -4.59 16.69 5.55
N ASP D 157 -3.70 16.10 4.74
CA ASP D 157 -2.41 16.71 4.42
C ASP D 157 -2.55 17.88 3.44
N PHE D 158 -3.70 18.04 2.79
CA PHE D 158 -3.88 19.04 1.75
C PHE D 158 -4.90 20.09 2.18
N PHE D 159 -4.50 21.36 2.18
CA PHE D 159 -5.50 22.41 2.28
C PHE D 159 -6.21 22.59 0.94
N TYR D 160 -5.43 22.64 -0.14
CA TYR D 160 -5.97 22.68 -1.50
C TYR D 160 -6.11 21.24 -2.01
N SER D 161 -7.30 20.69 -1.81
CA SER D 161 -7.57 19.28 -2.04
C SER D 161 -7.55 18.93 -3.53
N PHE D 162 -6.97 17.76 -3.83
CA PHE D 162 -7.03 17.16 -5.16
C PHE D 162 -8.18 16.15 -5.29
N GLU D 163 -9.06 16.08 -4.29
CA GLU D 163 -10.12 15.09 -4.20
C GLU D 163 -11.40 15.73 -3.66
N THR D 164 -11.72 16.94 -4.13
CA THR D 164 -12.98 17.54 -3.70
C THR D 164 -14.18 16.67 -4.11
N HIS D 165 -14.01 15.79 -5.10
CA HIS D 165 -15.10 14.91 -5.49
C HIS D 165 -15.49 13.96 -4.36
N ALA D 166 -14.56 13.69 -3.44
CA ALA D 166 -14.76 12.70 -2.38
C ALA D 166 -15.46 13.26 -1.15
N PHE D 167 -15.69 14.57 -1.12
CA PHE D 167 -16.28 15.20 0.05
C PHE D 167 -17.65 14.61 0.40
N ASP D 168 -18.46 14.28 -0.61
CA ASP D 168 -19.75 13.65 -0.31
C ASP D 168 -19.54 12.29 0.35
N LEU D 169 -18.58 11.51 -0.16
CA LEU D 169 -18.30 10.22 0.45
C LEU D 169 -17.93 10.36 1.92
N MET D 170 -16.98 11.25 2.22
CA MET D 170 -16.59 11.47 3.61
C MET D 170 -17.80 11.75 4.49
N ALA D 171 -18.66 12.69 4.09
CA ALA D 171 -19.83 13.03 4.90
C ALA D 171 -20.76 11.84 5.06
N LYS D 172 -20.88 11.00 4.01
CA LYS D 172 -21.64 9.75 4.13
C LYS D 172 -21.16 8.93 5.32
N TYR D 173 -19.85 8.79 5.48
CA TYR D 173 -19.28 8.00 6.57
C TYR D 173 -19.12 8.79 7.87
N ASN D 174 -19.94 9.82 8.10
CA ASN D 174 -19.98 10.57 9.36
C ASN D 174 -18.76 11.50 9.56
N HIS D 175 -18.13 11.97 8.49
CA HIS D 175 -17.12 13.00 8.65
C HIS D 175 -17.80 14.36 8.53
N LEU D 176 -17.86 15.09 9.64
CA LEU D 176 -18.64 16.31 9.65
C LEU D 176 -17.86 17.51 9.13
N ALA D 177 -16.53 17.41 9.03
CA ALA D 177 -15.73 18.53 8.57
C ALA D 177 -14.31 18.06 8.22
N ILE D 178 -13.61 18.93 7.51
CA ILE D 178 -12.22 18.71 7.16
C ILE D 178 -11.36 19.73 7.90
N GLU D 179 -10.34 19.25 8.59
CA GLU D 179 -9.25 20.09 9.08
C GLU D 179 -7.95 19.32 8.83
N MET D 180 -6.86 19.73 9.52
CA MET D 180 -5.54 19.26 9.15
C MET D 180 -4.63 18.86 10.31
N GLU D 181 -5.15 18.59 11.50
CA GLU D 181 -4.30 18.34 12.67
C GLU D 181 -4.78 17.19 13.54
N ALA D 182 -6.12 17.06 13.66
CA ALA D 182 -6.70 16.20 14.70
C ALA D 182 -6.07 14.79 14.72
N ALA D 183 -5.82 14.22 13.55
CA ALA D 183 -5.30 12.85 13.50
C ALA D 183 -3.91 12.76 14.12
N GLY D 184 -3.11 13.81 13.95
CA GLY D 184 -1.79 13.81 14.54
C GLY D 184 -1.85 14.01 16.03
N LEU D 185 -2.69 14.94 16.46
CA LEU D 185 -2.91 15.16 17.89
C LEU D 185 -3.37 13.88 18.58
N TYR D 186 -4.40 13.22 18.04
CA TYR D 186 -4.88 12.00 18.67
C TYR D 186 -3.82 10.90 18.63
N ALA D 187 -3.15 10.71 17.49
CA ALA D 187 -2.15 9.67 17.41
C ALA D 187 -1.01 9.91 18.40
N THR D 188 -0.59 11.18 18.55
CA THR D 188 0.53 11.47 19.45
C THR D 188 0.12 11.33 20.91
N ALA D 189 -1.09 11.76 21.26
CA ALA D 189 -1.56 11.54 22.62
C ALA D 189 -1.74 10.06 22.93
N MET D 190 -2.10 9.26 21.93
CA MET D 190 -2.25 7.82 22.16
C MET D 190 -0.89 7.17 22.36
N GLU D 191 0.07 7.55 21.51
CA GLU D 191 1.43 7.07 21.64
C GLU D 191 2.02 7.37 23.02
N LEU D 192 1.73 8.54 23.55
CA LEU D 192 2.40 9.03 24.75
C LEU D 192 1.49 9.02 25.97
N ASN D 193 0.33 8.35 25.87
CA ASN D 193 -0.53 8.07 27.02
C ASN D 193 -1.07 9.35 27.66
N ALA D 194 -1.40 10.34 26.84
CA ALA D 194 -1.97 11.57 27.34
C ALA D 194 -3.40 11.72 26.84
N LYS D 195 -4.11 12.71 27.39
CA LYS D 195 -5.52 12.94 27.13
C LYS D 195 -5.65 14.09 26.13
N ALA D 196 -6.38 13.85 25.03
CA ALA D 196 -6.55 14.84 23.99
C ALA D 196 -7.98 14.83 23.47
N LEU D 197 -8.40 15.96 22.94
CA LEU D 197 -9.71 16.13 22.33
C LEU D 197 -9.63 17.36 21.45
N CYS D 198 -10.33 17.34 20.32
CA CYS D 198 -10.32 18.44 19.37
C CYS D 198 -11.73 18.98 19.21
N LEU D 199 -11.87 20.31 19.30
CA LEU D 199 -13.12 21.01 19.03
C LEU D 199 -12.94 21.97 17.86
N CYS D 200 -13.85 21.91 16.89
CA CYS D 200 -13.75 22.65 15.64
C CYS D 200 -14.95 23.56 15.46
N SER D 201 -14.69 24.84 15.19
CA SER D 201 -15.75 25.81 14.92
C SER D 201 -16.02 25.87 13.42
N VAL D 202 -17.27 25.66 13.03
CA VAL D 202 -17.66 25.75 11.63
C VAL D 202 -17.62 27.22 11.21
N SER D 203 -16.58 27.60 10.48
CA SER D 203 -16.43 28.95 9.94
C SER D 203 -16.82 29.03 8.47
N ASP D 204 -16.62 27.95 7.72
CA ASP D 204 -17.07 27.85 6.34
C ASP D 204 -17.77 26.52 6.15
N HIS D 205 -18.75 26.50 5.26
CA HIS D 205 -19.29 25.24 4.77
C HIS D 205 -18.80 25.07 3.35
N LEU D 206 -18.04 24.00 3.11
CA LEU D 206 -17.35 23.81 1.82
C LEU D 206 -18.30 23.38 0.71
N ILE D 207 -19.42 22.75 1.07
CA ILE D 207 -20.39 22.25 0.12
C ILE D 207 -21.35 23.37 -0.26
N THR D 208 -22.18 23.83 0.69
CA THR D 208 -23.13 24.90 0.40
C THR D 208 -22.48 26.28 0.27
N LYS D 209 -21.15 26.38 0.37
CA LYS D 209 -20.37 27.60 0.14
C LYS D 209 -20.72 28.76 1.07
N GLU D 210 -21.56 28.56 2.09
CA GLU D 210 -21.86 29.66 3.00
C GLU D 210 -20.72 29.85 3.99
N ALA D 211 -20.62 31.06 4.53
CA ALA D 211 -19.45 31.49 5.28
C ALA D 211 -19.84 32.53 6.30
N LEU D 212 -18.87 32.91 7.14
CA LEU D 212 -19.09 33.88 8.22
C LEU D 212 -18.20 35.09 8.01
N SER D 213 -18.78 36.28 8.23
CA SER D 213 -17.99 37.49 8.21
C SER D 213 -16.99 37.47 9.36
N PRO D 214 -15.82 38.11 9.19
CA PRO D 214 -14.82 38.15 10.28
C PRO D 214 -15.40 38.56 11.63
N LYS D 215 -16.50 39.31 11.66
CA LYS D 215 -17.12 39.67 12.94
C LYS D 215 -17.79 38.46 13.58
N GLU D 216 -18.56 37.70 12.79
CA GLU D 216 -19.14 36.46 13.30
C GLU D 216 -18.07 35.45 13.64
N ARG D 217 -16.87 35.57 13.05
CA ARG D 217 -15.78 34.63 13.29
C ARG D 217 -15.11 34.86 14.63
N VAL D 218 -14.86 36.12 14.99
CA VAL D 218 -14.37 36.42 16.32
C VAL D 218 -15.59 36.73 17.17
N GLU D 219 -16.34 35.69 17.49
CA GLU D 219 -17.58 35.72 18.26
C GLU D 219 -18.04 34.28 18.37
N SER D 220 -18.23 33.65 17.21
CA SER D 220 -18.27 32.19 17.15
C SER D 220 -17.05 31.59 17.84
N PHE D 221 -15.85 32.08 17.48
CA PHE D 221 -14.64 31.52 18.07
C PHE D 221 -14.59 31.74 19.57
N ASP D 222 -15.07 32.90 20.03
CA ASP D 222 -15.09 33.18 21.45
C ASP D 222 -16.01 32.22 22.21
N ASN D 223 -17.14 31.84 21.62
CA ASN D 223 -18.01 30.86 22.28
C ASN D 223 -17.27 29.56 22.54
N MET D 224 -16.46 29.12 21.57
CA MET D 224 -15.66 27.92 21.76
C MET D 224 -14.59 28.13 22.82
N ILE D 225 -13.96 29.31 22.82
CA ILE D 225 -12.97 29.61 23.84
C ILE D 225 -13.55 29.44 25.23
N ILE D 226 -14.72 30.04 25.46
CA ILE D 226 -15.39 29.90 26.75
C ILE D 226 -15.66 28.44 27.06
N LEU D 227 -16.08 27.67 26.05
CA LEU D 227 -16.33 26.25 26.27
C LEU D 227 -15.07 25.53 26.70
N ALA D 228 -13.98 25.75 25.96
CA ALA D 228 -12.70 25.14 26.30
C ALA D 228 -12.28 25.48 27.72
N LEU D 229 -12.40 26.76 28.10
CA LEU D 229 -11.91 27.20 29.40
C LEU D 229 -12.82 26.72 30.52
N GLU D 230 -14.12 26.60 30.24
CA GLU D 230 -15.03 26.10 31.26
C GLU D 230 -14.73 24.64 31.57
N MET D 231 -14.40 23.83 30.54
CA MET D 231 -14.10 22.44 30.86
C MET D 231 -12.73 22.30 31.51
N MET D 232 -11.80 23.20 31.20
CA MET D 232 -10.51 23.16 31.89
C MET D 232 -10.60 23.70 33.31
N SER D 233 -11.67 24.40 33.67
CA SER D 233 -11.84 25.00 34.99
C SER D 233 -12.55 24.06 35.97
N MET E 1 -11.56 -28.70 22.90
CA MET E 1 -10.11 -28.68 22.71
C MET E 1 -9.59 -27.38 22.05
N THR E 2 -10.42 -26.72 21.25
CA THR E 2 -10.12 -25.39 20.74
C THR E 2 -11.26 -24.44 21.07
N PRO E 3 -11.02 -23.14 21.03
CA PRO E 3 -12.11 -22.18 21.34
C PRO E 3 -13.35 -22.34 20.46
N HIS E 4 -13.23 -22.90 19.26
CA HIS E 4 -14.30 -22.88 18.27
C HIS E 4 -14.78 -24.26 17.88
N ILE E 5 -14.19 -25.32 18.46
CA ILE E 5 -14.49 -26.70 18.11
C ILE E 5 -14.37 -27.52 19.38
N ASN E 6 -15.43 -28.26 19.73
CA ASN E 6 -15.41 -29.04 20.97
C ASN E 6 -15.33 -30.53 20.69
N ALA E 7 -14.73 -30.92 19.57
CA ALA E 7 -14.52 -32.33 19.27
C ALA E 7 -13.31 -32.86 20.01
N LYS E 8 -13.24 -34.18 20.14
CA LYS E 8 -12.02 -34.81 20.61
C LYS E 8 -11.06 -34.98 19.44
N ILE E 9 -9.76 -34.95 19.74
CA ILE E 9 -8.76 -35.24 18.72
C ILE E 9 -8.86 -36.72 18.38
N GLY E 10 -8.98 -37.01 17.10
CA GLY E 10 -9.36 -38.33 16.67
C GLY E 10 -10.78 -38.44 16.18
N ASP E 11 -11.60 -37.41 16.44
CA ASP E 11 -12.97 -37.43 15.93
C ASP E 11 -13.06 -37.07 14.45
N PHE E 12 -12.08 -36.34 13.91
CA PHE E 12 -12.04 -36.00 12.49
C PHE E 12 -11.14 -36.98 11.76
N TYR E 13 -11.69 -37.61 10.72
CA TYR E 13 -10.87 -38.27 9.71
C TYR E 13 -9.94 -37.26 9.06
N PRO E 14 -8.85 -37.72 8.43
CA PRO E 14 -7.91 -36.77 7.82
C PRO E 14 -8.44 -36.16 6.53
N GLN E 15 -9.55 -36.64 5.99
CA GLN E 15 -10.22 -35.98 4.87
C GLN E 15 -11.54 -35.38 5.36
N CYS E 16 -11.73 -34.10 5.08
CA CYS E 16 -12.88 -33.36 5.57
C CYS E 16 -13.46 -32.53 4.45
N LEU E 17 -14.79 -32.54 4.35
CA LEU E 17 -15.52 -31.69 3.41
C LEU E 17 -16.06 -30.48 4.16
N LEU E 18 -15.99 -29.31 3.53
CA LEU E 18 -16.34 -28.05 4.17
C LEU E 18 -17.42 -27.32 3.37
N CYS E 19 -18.30 -26.62 4.09
CA CYS E 19 -19.28 -25.71 3.52
C CYS E 19 -19.46 -24.56 4.50
N GLY E 20 -19.89 -23.40 3.99
CA GLY E 20 -20.08 -22.27 4.89
C GLY E 20 -21.23 -22.47 5.86
N ASP E 21 -22.30 -23.10 5.37
CA ASP E 21 -23.55 -23.24 6.11
C ASP E 21 -23.59 -24.56 6.86
N PRO E 22 -23.60 -24.56 8.20
CA PRO E 22 -23.62 -25.83 8.93
C PRO E 22 -24.89 -26.63 8.70
N LEU E 23 -25.97 -25.97 8.25
CA LEU E 23 -27.17 -26.70 7.88
C LEU E 23 -26.99 -27.49 6.59
N ARG E 24 -26.20 -26.97 5.64
CA ARG E 24 -25.80 -27.77 4.49
C ARG E 24 -24.96 -28.96 4.92
N VAL E 25 -24.03 -28.74 5.85
CA VAL E 25 -23.29 -29.84 6.46
C VAL E 25 -24.25 -30.85 7.08
N SER E 26 -25.29 -30.37 7.78
CA SER E 26 -26.24 -31.27 8.43
C SER E 26 -27.04 -32.07 7.40
N TYR E 27 -27.41 -31.42 6.29
CA TYR E 27 -28.09 -32.09 5.20
C TYR E 27 -27.20 -33.17 4.58
N ILE E 28 -25.90 -32.90 4.45
CA ILE E 28 -25.03 -33.90 3.84
C ILE E 28 -24.88 -35.12 4.75
N ALA E 29 -24.87 -34.91 6.06
CA ALA E 29 -24.66 -36.03 6.97
C ALA E 29 -25.84 -36.98 6.96
N LYS E 30 -27.05 -36.45 6.85
CA LYS E 30 -28.19 -37.34 6.96
C LYS E 30 -28.60 -37.94 5.62
N LYS E 31 -28.10 -37.40 4.52
CA LYS E 31 -28.40 -37.99 3.22
C LYS E 31 -27.27 -38.84 2.65
N PHE E 32 -26.01 -38.60 3.04
CA PHE E 32 -24.89 -39.26 2.36
C PHE E 32 -23.93 -39.98 3.30
N LEU E 33 -23.73 -39.46 4.51
CA LEU E 33 -22.74 -40.02 5.42
C LEU E 33 -23.29 -41.24 6.16
N GLN E 34 -22.64 -42.39 5.99
CA GLN E 34 -23.03 -43.57 6.75
C GLN E 34 -22.41 -43.56 8.14
N ASP E 35 -23.20 -44.03 9.12
CA ASP E 35 -22.84 -44.00 10.53
C ASP E 35 -22.50 -42.59 10.97
N ALA E 36 -23.24 -41.62 10.44
CA ALA E 36 -22.96 -40.23 10.74
C ALA E 36 -23.16 -39.95 12.22
N LYS E 37 -22.17 -39.34 12.84
CA LYS E 37 -22.24 -38.86 14.21
C LYS E 37 -21.82 -37.40 14.23
N GLU E 38 -22.55 -36.60 15.01
CA GLU E 38 -22.16 -35.22 15.21
C GLU E 38 -20.98 -35.18 16.16
N ILE E 39 -19.92 -34.48 15.78
CA ILE E 39 -18.70 -34.45 16.58
C ILE E 39 -18.38 -33.08 17.14
N THR E 40 -19.04 -32.00 16.69
CA THR E 40 -18.77 -30.70 17.28
C THR E 40 -19.98 -29.81 17.04
N ASN E 41 -20.11 -28.76 17.85
CA ASN E 41 -21.27 -27.88 17.70
C ASN E 41 -21.05 -26.52 18.36
N VAL E 42 -19.82 -26.09 18.60
CA VAL E 42 -19.59 -24.74 19.09
C VAL E 42 -20.15 -23.73 18.10
N ARG E 43 -20.87 -22.73 18.62
CA ARG E 43 -21.42 -21.62 17.81
C ARG E 43 -22.38 -22.10 16.73
N ASN E 44 -23.07 -23.21 17.00
CA ASN E 44 -23.95 -23.87 16.04
C ASN E 44 -23.20 -24.29 14.77
N MET E 45 -21.87 -24.29 14.79
CA MET E 45 -21.10 -24.65 13.61
C MET E 45 -20.83 -26.16 13.72
N LEU E 46 -21.73 -26.91 13.10
CA LEU E 46 -21.76 -28.36 13.18
C LEU E 46 -20.65 -29.00 12.35
N GLY E 47 -20.06 -30.07 12.89
CA GLY E 47 -19.25 -30.96 12.11
C GLY E 47 -19.67 -32.40 12.39
N PHE E 48 -19.24 -33.29 11.50
CA PHE E 48 -19.69 -34.69 11.54
C PHE E 48 -18.55 -35.59 11.08
N SER E 49 -18.62 -36.85 11.51
CA SER E 49 -17.74 -37.91 11.04
C SER E 49 -18.58 -39.11 10.61
N GLY E 50 -18.20 -39.71 9.48
CA GLY E 50 -18.86 -40.91 9.03
C GLY E 50 -18.08 -41.60 7.92
N LYS E 51 -18.79 -42.49 7.23
CA LYS E 51 -18.25 -43.26 6.12
C LYS E 51 -18.98 -42.89 4.84
N TYR E 52 -18.23 -42.81 3.75
CA TYR E 52 -18.82 -42.80 2.42
C TYR E 52 -18.16 -43.92 1.64
N LYS E 53 -18.95 -44.90 1.23
CA LYS E 53 -18.47 -46.03 0.44
C LYS E 53 -17.30 -46.72 1.12
N GLY E 54 -17.43 -46.90 2.43
CA GLY E 54 -16.40 -47.52 3.25
C GLY E 54 -15.31 -46.59 3.74
N ARG E 55 -15.13 -45.42 3.13
CA ARG E 55 -14.03 -44.52 3.49
C ARG E 55 -14.45 -43.51 4.56
N GLY E 56 -13.62 -43.39 5.60
CA GLY E 56 -13.81 -42.40 6.64
C GLY E 56 -13.78 -40.96 6.13
N ILE E 57 -14.81 -40.20 6.45
CA ILE E 57 -14.98 -38.83 5.96
C ILE E 57 -15.55 -38.00 7.10
N SER E 58 -15.00 -36.79 7.29
CA SER E 58 -15.57 -35.80 8.18
C SER E 58 -16.14 -34.64 7.36
N LEU E 59 -17.04 -33.90 8.02
CA LEU E 59 -17.73 -32.74 7.46
C LEU E 59 -17.58 -31.60 8.47
N MET E 60 -17.40 -30.37 7.99
CA MET E 60 -17.26 -29.25 8.92
C MET E 60 -17.79 -27.97 8.30
N GLY E 61 -18.60 -27.24 9.06
CA GLY E 61 -18.99 -25.90 8.65
C GLY E 61 -17.91 -24.89 8.99
N HIS E 62 -17.81 -23.85 8.17
CA HIS E 62 -16.77 -22.86 8.44
C HIS E 62 -17.24 -21.42 8.37
N GLY E 63 -18.54 -21.16 8.27
CA GLY E 63 -19.03 -19.79 8.22
C GLY E 63 -18.70 -19.03 6.94
N MET E 64 -18.89 -17.71 7.03
CA MET E 64 -18.77 -16.83 5.88
C MET E 64 -17.55 -15.92 6.02
N GLY E 65 -16.83 -15.71 4.92
CA GLY E 65 -15.72 -14.79 4.93
C GLY E 65 -14.39 -15.48 5.20
N ILE E 66 -13.31 -14.79 4.84
CA ILE E 66 -11.96 -15.32 4.95
C ILE E 66 -11.56 -15.49 6.42
N ALA E 67 -11.86 -14.51 7.27
CA ALA E 67 -11.48 -14.64 8.66
C ALA E 67 -12.11 -15.87 9.28
N SER E 68 -13.44 -16.02 9.13
CA SER E 68 -14.14 -17.16 9.68
C SER E 68 -13.57 -18.47 9.13
N CYS E 69 -13.35 -18.53 7.81
CA CYS E 69 -12.84 -19.75 7.21
C CYS E 69 -11.47 -20.09 7.79
N THR E 70 -10.58 -19.09 7.85
CA THR E 70 -9.23 -19.30 8.37
C THR E 70 -9.24 -19.88 9.78
N ILE E 71 -10.14 -19.39 10.65
CA ILE E 71 -10.22 -19.93 12.01
C ILE E 71 -10.39 -21.44 11.97
N TYR E 72 -11.34 -21.92 11.19
CA TYR E 72 -11.72 -23.32 11.32
C TYR E 72 -10.73 -24.25 10.64
N VAL E 73 -10.14 -23.86 9.50
CA VAL E 73 -9.25 -24.82 8.86
C VAL E 73 -7.90 -24.83 9.56
N THR E 74 -7.47 -23.69 10.12
CA THR E 74 -6.33 -23.73 11.04
C THR E 74 -6.56 -24.76 12.15
N GLU E 75 -7.68 -24.68 12.85
CA GLU E 75 -7.91 -25.61 13.95
C GLU E 75 -8.03 -27.06 13.45
N LEU E 76 -8.69 -27.27 12.32
CA LEU E 76 -8.80 -28.62 11.78
C LEU E 76 -7.42 -29.21 11.48
N ILE E 77 -6.50 -28.37 11.02
CA ILE E 77 -5.17 -28.86 10.65
C ILE E 77 -4.28 -29.01 11.87
N LYS E 78 -4.13 -27.96 12.68
CA LYS E 78 -3.11 -28.04 13.73
C LYS E 78 -3.57 -28.85 14.94
N THR E 79 -4.86 -28.79 15.28
CA THR E 79 -5.33 -29.58 16.41
C THR E 79 -5.77 -30.96 15.96
N TYR E 80 -6.64 -31.04 14.96
CA TYR E 80 -7.33 -32.28 14.64
C TYR E 80 -6.70 -33.08 13.50
N GLN E 81 -5.59 -32.58 12.91
CA GLN E 81 -4.74 -33.34 11.99
C GLN E 81 -5.45 -33.69 10.66
N VAL E 82 -6.37 -32.83 10.23
CA VAL E 82 -6.90 -32.95 8.88
C VAL E 82 -5.82 -32.62 7.86
N LYS E 83 -5.73 -33.43 6.82
CA LYS E 83 -4.74 -33.21 5.77
C LYS E 83 -5.34 -32.68 4.48
N GLU E 84 -6.49 -33.18 4.06
CA GLU E 84 -7.19 -32.74 2.86
C GLU E 84 -8.46 -31.99 3.24
N LEU E 85 -8.66 -30.83 2.63
CA LEU E 85 -9.90 -30.06 2.82
C LEU E 85 -10.47 -29.77 1.45
N LEU E 86 -11.68 -30.26 1.20
CA LEU E 86 -12.38 -29.99 -0.06
C LEU E 86 -13.58 -29.12 0.28
N ARG E 87 -13.61 -27.91 -0.28
CA ARG E 87 -14.62 -26.93 0.02
C ARG E 87 -15.63 -26.84 -1.11
N ILE E 88 -16.92 -26.87 -0.76
CA ILE E 88 -18.00 -26.65 -1.71
C ILE E 88 -18.94 -25.58 -1.16
N GLY E 89 -19.54 -24.83 -2.07
CA GLY E 89 -20.42 -23.74 -1.70
C GLY E 89 -20.95 -23.09 -2.96
N THR E 90 -21.67 -21.98 -2.80
CA THR E 90 -22.22 -21.30 -3.96
C THR E 90 -21.33 -20.13 -4.37
N CYS E 91 -21.66 -19.52 -5.51
CA CYS E 91 -20.93 -18.34 -5.95
C CYS E 91 -21.82 -17.51 -6.87
N GLY E 92 -21.41 -16.27 -7.06
CA GLY E 92 -22.08 -15.38 -7.98
C GLY E 92 -21.27 -15.20 -9.25
N ALA E 93 -21.83 -15.63 -10.38
CA ALA E 93 -21.09 -15.62 -11.62
C ALA E 93 -20.84 -14.19 -12.10
N ILE E 94 -19.64 -13.96 -12.62
CA ILE E 94 -19.31 -12.69 -13.24
C ILE E 94 -18.82 -12.85 -14.68
N SER E 95 -18.63 -14.07 -15.14
CA SER E 95 -18.13 -14.30 -16.49
C SER E 95 -19.25 -14.82 -17.41
N PRO E 96 -19.23 -14.43 -18.69
CA PRO E 96 -20.17 -15.06 -19.63
C PRO E 96 -19.78 -16.47 -20.00
N LYS E 97 -18.60 -16.93 -19.57
CA LYS E 97 -18.16 -18.31 -19.81
C LYS E 97 -18.85 -19.32 -18.90
N VAL E 98 -19.66 -18.86 -17.94
CA VAL E 98 -20.39 -19.75 -17.04
C VAL E 98 -21.82 -19.26 -16.89
N GLY E 99 -22.74 -20.21 -16.67
CA GLY E 99 -24.11 -19.93 -16.33
C GLY E 99 -24.56 -20.68 -15.09
N LEU E 100 -25.85 -20.61 -14.78
CA LEU E 100 -26.37 -21.21 -13.57
C LEU E 100 -26.31 -22.73 -13.66
N LYS E 101 -26.10 -23.36 -12.50
CA LYS E 101 -25.91 -24.80 -12.29
C LYS E 101 -24.50 -25.27 -12.67
N ASP E 102 -23.68 -24.44 -13.31
CA ASP E 102 -22.27 -24.78 -13.53
C ASP E 102 -21.55 -25.01 -12.21
N ILE E 103 -20.59 -25.94 -12.24
CA ILE E 103 -19.66 -26.14 -11.15
C ILE E 103 -18.29 -25.63 -11.56
N ILE E 104 -17.69 -24.79 -10.73
CA ILE E 104 -16.43 -24.12 -11.00
C ILE E 104 -15.37 -24.74 -10.11
N MET E 105 -14.25 -25.13 -10.70
CA MET E 105 -13.08 -25.51 -9.92
C MET E 105 -12.15 -24.30 -9.92
N ALA E 106 -11.87 -23.77 -8.73
CA ALA E 106 -11.06 -22.57 -8.59
C ALA E 106 -9.60 -22.97 -8.54
N THR E 107 -8.87 -22.74 -9.64
CA THR E 107 -7.43 -23.00 -9.67
C THR E 107 -6.64 -21.82 -9.15
N GLY E 108 -7.28 -20.68 -8.92
CA GLY E 108 -6.69 -19.61 -8.14
C GLY E 108 -7.78 -18.80 -7.48
N ALA E 109 -7.44 -18.16 -6.36
CA ALA E 109 -8.37 -17.29 -5.65
C ALA E 109 -7.70 -15.94 -5.42
N SER E 110 -7.98 -15.00 -6.30
CA SER E 110 -7.67 -13.61 -6.06
C SER E 110 -8.52 -13.07 -4.91
N THR E 111 -8.11 -11.92 -4.36
CA THR E 111 -8.80 -11.38 -3.20
C THR E 111 -8.56 -9.88 -3.09
N ASP E 112 -9.55 -9.17 -2.51
CA ASP E 112 -9.37 -7.83 -1.98
C ASP E 112 -9.05 -7.83 -0.49
N SER E 113 -8.74 -8.99 0.08
CA SER E 113 -8.36 -9.06 1.48
C SER E 113 -6.92 -8.56 1.62
N LYS E 114 -6.60 -8.06 2.82
CA LYS E 114 -5.21 -7.79 3.15
C LYS E 114 -4.50 -9.01 3.73
N THR E 115 -5.23 -10.10 3.99
CA THR E 115 -4.71 -11.15 4.87
C THR E 115 -3.49 -11.82 4.27
N ASN E 116 -3.49 -12.01 2.96
CA ASN E 116 -2.36 -12.65 2.33
C ASN E 116 -1.14 -11.72 2.27
N ARG E 117 -1.36 -10.39 2.23
CA ARG E 117 -0.23 -9.46 2.34
C ARG E 117 0.36 -9.45 3.75
N VAL E 118 -0.51 -9.51 4.76
CA VAL E 118 -0.04 -9.60 6.13
C VAL E 118 0.74 -10.89 6.34
N ARG E 119 0.26 -12.00 5.76
CA ARG E 119 0.98 -13.27 5.88
C ARG E 119 2.28 -13.27 5.08
N PHE E 120 2.29 -12.62 3.93
CA PHE E 120 3.29 -12.95 2.92
C PHE E 120 4.07 -11.71 2.48
N LEU E 121 4.78 -11.07 3.42
CA LEU E 121 5.79 -10.07 3.13
C LEU E 121 5.24 -8.85 2.42
N ASN E 122 3.93 -8.61 2.55
CA ASN E 122 3.23 -7.55 1.84
C ASN E 122 3.42 -7.63 0.32
N HIS E 123 3.74 -8.82 -0.21
CA HIS E 123 3.79 -9.12 -1.63
C HIS E 123 2.48 -9.78 -2.09
N ASP E 124 2.44 -10.20 -3.37
CA ASP E 124 1.28 -10.85 -3.98
C ASP E 124 1.42 -12.37 -3.87
N LEU E 125 0.74 -12.95 -2.89
CA LEU E 125 0.67 -14.40 -2.77
C LEU E 125 -0.41 -14.91 -3.71
N SER E 126 -0.02 -15.79 -4.63
CA SER E 126 -0.92 -16.43 -5.59
C SER E 126 -1.56 -17.63 -4.89
N ALA E 127 -2.77 -17.47 -4.38
CA ALA E 127 -3.43 -18.49 -3.56
C ALA E 127 -4.02 -19.54 -4.48
N THR E 128 -3.48 -20.76 -4.39
CA THR E 128 -3.76 -21.87 -5.29
C THR E 128 -4.13 -23.13 -4.51
N PRO E 129 -4.90 -24.02 -5.11
CA PRO E 129 -5.17 -25.33 -4.50
C PRO E 129 -4.03 -26.31 -4.74
N ASP E 130 -4.15 -27.46 -4.07
CA ASP E 130 -3.26 -28.59 -4.31
C ASP E 130 -3.55 -29.21 -5.67
N PHE E 131 -2.51 -29.46 -6.47
CA PHE E 131 -2.78 -29.81 -7.86
C PHE E 131 -3.35 -31.22 -7.98
N GLU E 132 -2.87 -32.16 -7.17
CA GLU E 132 -3.39 -33.53 -7.22
C GLU E 132 -4.88 -33.54 -6.88
N LEU E 133 -5.28 -32.85 -5.81
CA LEU E 133 -6.70 -32.73 -5.48
C LEU E 133 -7.50 -32.18 -6.66
N SER E 134 -6.94 -31.22 -7.39
CA SER E 134 -7.67 -30.64 -8.51
C SER E 134 -7.73 -31.62 -9.69
N LEU E 135 -6.68 -32.43 -9.87
CA LEU E 135 -6.70 -33.49 -10.86
C LEU E 135 -7.79 -34.52 -10.57
N ARG E 136 -7.87 -34.96 -9.31
CA ARG E 136 -8.95 -35.87 -8.91
C ARG E 136 -10.31 -35.26 -9.20
N ALA E 137 -10.50 -33.99 -8.84
CA ALA E 137 -11.75 -33.32 -9.15
C ALA E 137 -12.05 -33.41 -10.65
N TYR E 138 -11.06 -33.10 -11.49
CA TYR E 138 -11.26 -33.11 -12.93
C TYR E 138 -11.62 -34.50 -13.42
N GLN E 139 -10.83 -35.51 -13.04
CA GLN E 139 -11.11 -36.87 -13.45
C GLN E 139 -12.45 -37.36 -12.92
N THR E 140 -12.76 -37.04 -11.66
CA THR E 140 -14.03 -37.48 -11.11
C THR E 140 -15.19 -36.85 -11.84
N ALA E 141 -15.13 -35.55 -12.13
CA ALA E 141 -16.23 -34.89 -12.81
C ALA E 141 -16.50 -35.53 -14.17
N LYS E 142 -15.44 -35.89 -14.90
CA LYS E 142 -15.58 -36.56 -16.21
C LYS E 142 -16.28 -37.89 -16.08
N ARG E 143 -15.92 -38.67 -15.06
CA ARG E 143 -16.58 -39.94 -14.82
C ARG E 143 -18.07 -39.75 -14.55
N LEU E 144 -18.45 -38.65 -13.89
CA LEU E 144 -19.85 -38.39 -13.56
C LEU E 144 -20.57 -37.60 -14.64
N GLY E 145 -19.92 -37.29 -15.75
CA GLY E 145 -20.59 -36.51 -16.77
C GLY E 145 -20.77 -35.06 -16.43
N ILE E 146 -19.93 -34.51 -15.54
CA ILE E 146 -20.00 -33.12 -15.15
C ILE E 146 -19.03 -32.32 -16.02
N ASP E 147 -19.55 -31.26 -16.67
CA ASP E 147 -18.72 -30.33 -17.44
C ASP E 147 -18.14 -29.30 -16.48
N LEU E 148 -16.96 -29.60 -15.97
CA LEU E 148 -16.37 -28.79 -14.91
C LEU E 148 -15.75 -27.53 -15.53
N LYS E 149 -16.21 -26.37 -15.08
CA LYS E 149 -15.63 -25.09 -15.49
C LYS E 149 -14.48 -24.78 -14.56
N VAL E 150 -13.36 -24.36 -15.12
CA VAL E 150 -12.12 -24.20 -14.36
C VAL E 150 -11.65 -22.78 -14.56
N GLY E 151 -11.16 -22.16 -13.50
CA GLY E 151 -10.65 -20.81 -13.58
C GLY E 151 -10.48 -20.23 -12.19
N ASN E 152 -10.15 -18.93 -12.18
CA ASN E 152 -9.97 -18.20 -10.94
C ASN E 152 -11.33 -17.73 -10.42
N VAL E 153 -11.41 -17.60 -9.09
CA VAL E 153 -12.50 -16.89 -8.43
C VAL E 153 -11.89 -15.69 -7.72
N PHE E 154 -12.74 -14.72 -7.41
CA PHE E 154 -12.39 -13.56 -6.61
C PHE E 154 -13.02 -13.75 -5.23
N SER E 155 -12.17 -13.92 -4.21
CA SER E 155 -12.61 -13.99 -2.80
C SER E 155 -12.65 -12.58 -2.21
N SER E 156 -13.84 -12.08 -1.96
CA SER E 156 -14.02 -10.73 -1.50
C SER E 156 -14.44 -10.70 -0.04
N ASP E 157 -13.98 -9.68 0.67
CA ASP E 157 -14.44 -9.36 2.01
C ASP E 157 -15.85 -8.79 2.03
N PHE E 158 -16.50 -8.61 0.87
CA PHE E 158 -17.79 -7.95 0.77
C PHE E 158 -18.76 -8.80 0.00
N PHE E 159 -19.81 -9.26 0.67
CA PHE E 159 -20.97 -9.75 -0.05
C PHE E 159 -21.64 -8.59 -0.79
N TYR E 160 -21.86 -7.47 -0.12
CA TYR E 160 -22.45 -6.30 -0.78
C TYR E 160 -21.30 -5.43 -1.29
N SER E 161 -20.99 -5.59 -2.58
CA SER E 161 -19.79 -5.04 -3.16
C SER E 161 -19.86 -3.52 -3.30
N PHE E 162 -18.68 -2.88 -3.18
CA PHE E 162 -18.54 -1.46 -3.47
C PHE E 162 -17.84 -1.20 -4.79
N GLU E 163 -17.40 -2.25 -5.47
CA GLU E 163 -16.75 -2.15 -6.77
C GLU E 163 -17.44 -3.04 -7.78
N THR E 164 -18.77 -2.88 -7.88
CA THR E 164 -19.50 -3.63 -8.88
C THR E 164 -19.06 -3.25 -10.29
N HIS E 165 -18.61 -2.00 -10.49
CA HIS E 165 -18.06 -1.56 -11.76
C HIS E 165 -16.88 -2.41 -12.23
N ALA E 166 -16.23 -3.13 -11.33
CA ALA E 166 -15.03 -3.88 -11.66
C ALA E 166 -15.28 -5.32 -12.11
N PHE E 167 -16.52 -5.79 -12.12
CA PHE E 167 -16.76 -7.21 -12.41
C PHE E 167 -16.27 -7.59 -13.80
N ASP E 168 -16.52 -6.73 -14.79
CA ASP E 168 -16.07 -6.98 -16.16
C ASP E 168 -14.57 -7.24 -16.21
N LEU E 169 -13.79 -6.39 -15.55
CA LEU E 169 -12.34 -6.55 -15.57
C LEU E 169 -11.90 -7.87 -14.93
N MET E 170 -12.52 -8.25 -13.81
CA MET E 170 -12.24 -9.54 -13.19
C MET E 170 -12.53 -10.70 -14.14
N ALA E 171 -13.65 -10.62 -14.88
CA ALA E 171 -13.95 -11.66 -15.87
C ALA E 171 -12.92 -11.69 -16.96
N LYS E 172 -12.57 -10.51 -17.49
CA LYS E 172 -11.50 -10.42 -18.47
C LYS E 172 -10.26 -11.18 -18.02
N TYR E 173 -9.92 -11.09 -16.73
CA TYR E 173 -8.77 -11.79 -16.16
C TYR E 173 -9.12 -13.19 -15.65
N ASN E 174 -10.09 -13.85 -16.28
CA ASN E 174 -10.40 -15.26 -16.04
C ASN E 174 -10.86 -15.52 -14.60
N HIS E 175 -11.64 -14.60 -14.04
CA HIS E 175 -12.38 -14.88 -12.82
C HIS E 175 -13.82 -15.20 -13.22
N LEU E 176 -14.22 -16.43 -12.94
CA LEU E 176 -15.54 -16.90 -13.35
C LEU E 176 -16.65 -16.45 -12.40
N ALA E 177 -16.33 -16.22 -11.12
CA ALA E 177 -17.35 -16.00 -10.11
C ALA E 177 -16.74 -15.33 -8.88
N ILE E 178 -17.60 -14.73 -8.06
CA ILE E 178 -17.22 -14.15 -6.78
C ILE E 178 -17.78 -15.02 -5.65
N GLU E 179 -16.94 -15.33 -4.67
CA GLU E 179 -17.37 -15.88 -3.39
C GLU E 179 -16.49 -15.23 -2.32
N MET E 180 -16.42 -15.83 -1.12
CA MET E 180 -15.82 -15.12 -0.01
C MET E 180 -14.86 -15.94 0.88
N GLU E 181 -14.44 -17.14 0.47
CA GLU E 181 -13.55 -17.93 1.35
C GLU E 181 -12.35 -18.55 0.66
N ALA E 182 -12.37 -18.81 -0.63
CA ALA E 182 -11.35 -19.66 -1.26
C ALA E 182 -9.93 -19.15 -1.02
N ALA E 183 -9.72 -17.84 -0.97
CA ALA E 183 -8.35 -17.37 -0.79
C ALA E 183 -7.87 -17.58 0.64
N GLY E 184 -8.79 -17.58 1.60
CA GLY E 184 -8.43 -17.92 2.96
C GLY E 184 -8.11 -19.40 3.13
N LEU E 185 -8.92 -20.26 2.55
CA LEU E 185 -8.67 -21.69 2.63
C LEU E 185 -7.35 -22.04 1.96
N TYR E 186 -7.14 -21.53 0.74
CA TYR E 186 -5.91 -21.83 -0.01
C TYR E 186 -4.68 -21.33 0.74
N ALA E 187 -4.73 -20.11 1.25
CA ALA E 187 -3.57 -19.56 1.96
C ALA E 187 -3.33 -20.30 3.28
N THR E 188 -4.39 -20.64 4.00
CA THR E 188 -4.23 -21.37 5.27
C THR E 188 -3.62 -22.75 5.02
N ALA E 189 -4.00 -23.42 3.93
CA ALA E 189 -3.48 -24.75 3.66
C ALA E 189 -2.05 -24.69 3.13
N MET E 190 -1.71 -23.64 2.38
CA MET E 190 -0.33 -23.42 2.00
C MET E 190 0.52 -23.15 3.22
N GLU E 191 0.03 -22.29 4.12
CA GLU E 191 0.75 -22.03 5.38
C GLU E 191 1.09 -23.31 6.14
N LEU E 192 0.19 -24.30 6.12
CA LEU E 192 0.28 -25.42 7.04
C LEU E 192 0.46 -26.76 6.34
N ASN E 193 0.90 -26.75 5.08
CA ASN E 193 1.32 -27.96 4.36
C ASN E 193 0.17 -28.93 4.08
N ALA E 194 -1.06 -28.43 3.94
CA ALA E 194 -2.22 -29.29 3.71
C ALA E 194 -2.74 -29.11 2.28
N LYS E 195 -3.68 -29.98 1.90
CA LYS E 195 -4.17 -30.07 0.53
C LYS E 195 -5.61 -29.58 0.47
N ALA E 196 -5.84 -28.53 -0.31
CA ALA E 196 -7.15 -27.89 -0.33
C ALA E 196 -7.62 -27.68 -1.77
N LEU E 197 -8.93 -27.66 -1.94
CA LEU E 197 -9.56 -27.37 -3.22
C LEU E 197 -10.94 -26.77 -2.98
N CYS E 198 -11.31 -25.78 -3.77
CA CYS E 198 -12.62 -25.14 -3.68
C CYS E 198 -13.44 -25.41 -4.94
N LEU E 199 -14.68 -25.88 -4.74
CA LEU E 199 -15.66 -26.02 -5.81
C LEU E 199 -16.86 -25.13 -5.50
N CYS E 200 -17.41 -24.49 -6.52
CA CYS E 200 -18.51 -23.54 -6.34
C CYS E 200 -19.61 -23.83 -7.36
N SER E 201 -20.85 -23.77 -6.91
CA SER E 201 -22.00 -23.94 -7.80
C SER E 201 -22.59 -22.57 -8.08
N VAL E 202 -22.81 -22.26 -9.36
CA VAL E 202 -23.36 -20.96 -9.74
C VAL E 202 -24.87 -20.94 -9.45
N SER E 203 -25.24 -20.24 -8.39
CA SER E 203 -26.64 -20.08 -8.01
C SER E 203 -27.20 -18.71 -8.34
N ASP E 204 -26.35 -17.76 -8.75
CA ASP E 204 -26.70 -16.38 -9.08
C ASP E 204 -25.73 -15.89 -10.15
N HIS E 205 -26.23 -15.20 -11.17
CA HIS E 205 -25.38 -14.52 -12.16
C HIS E 205 -25.43 -13.03 -11.85
N LEU E 206 -24.30 -12.47 -11.40
CA LEU E 206 -24.30 -11.08 -10.99
C LEU E 206 -24.34 -10.10 -12.17
N ILE E 207 -23.98 -10.53 -13.39
CA ILE E 207 -24.11 -9.65 -14.55
C ILE E 207 -25.56 -9.63 -15.06
N THR E 208 -26.07 -10.78 -15.49
CA THR E 208 -27.41 -10.81 -16.08
C THR E 208 -28.51 -10.72 -15.05
N LYS E 209 -28.21 -11.00 -13.78
CA LYS E 209 -29.15 -11.03 -12.64
C LYS E 209 -30.05 -12.27 -12.62
N GLU E 210 -29.78 -13.31 -13.40
CA GLU E 210 -30.55 -14.54 -13.28
C GLU E 210 -30.20 -15.26 -11.97
N ALA E 211 -31.13 -16.07 -11.47
CA ALA E 211 -30.97 -16.69 -10.16
C ALA E 211 -31.76 -18.00 -10.05
N LEU E 212 -31.18 -18.97 -9.37
CA LEU E 212 -31.87 -20.24 -9.11
C LEU E 212 -32.91 -20.06 -8.03
N SER E 213 -34.07 -20.70 -8.24
CA SER E 213 -35.08 -20.84 -7.21
C SER E 213 -34.55 -21.74 -6.09
N PRO E 214 -35.15 -21.66 -4.90
CA PRO E 214 -34.66 -22.51 -3.78
C PRO E 214 -34.65 -24.00 -4.10
N LYS E 215 -35.62 -24.49 -4.86
CA LYS E 215 -35.62 -25.90 -5.28
C LYS E 215 -34.43 -26.19 -6.19
N GLU E 216 -34.14 -25.26 -7.11
CA GLU E 216 -33.05 -25.46 -8.06
C GLU E 216 -31.69 -25.37 -7.36
N ARG E 217 -31.57 -24.49 -6.37
CA ARG E 217 -30.35 -24.45 -5.55
C ARG E 217 -30.04 -25.82 -4.98
N VAL E 218 -31.04 -26.48 -4.38
CA VAL E 218 -30.79 -27.76 -3.72
C VAL E 218 -30.35 -28.80 -4.74
N GLU E 219 -31.16 -29.00 -5.79
CA GLU E 219 -30.81 -29.97 -6.84
C GLU E 219 -29.40 -29.73 -7.35
N SER E 220 -29.08 -28.47 -7.66
CA SER E 220 -27.76 -28.12 -8.13
C SER E 220 -26.69 -28.44 -7.09
N PHE E 221 -26.95 -28.13 -5.82
CA PHE E 221 -25.96 -28.38 -4.78
C PHE E 221 -25.71 -29.87 -4.60
N ASP E 222 -26.77 -30.70 -4.71
CA ASP E 222 -26.60 -32.15 -4.64
C ASP E 222 -25.52 -32.63 -5.63
N ASN E 223 -25.58 -32.13 -6.87
CA ASN E 223 -24.60 -32.53 -7.89
C ASN E 223 -23.16 -32.28 -7.43
N MET E 224 -22.87 -31.07 -6.95
CA MET E 224 -21.55 -30.79 -6.39
C MET E 224 -21.23 -31.67 -5.20
N ILE E 225 -22.22 -31.95 -4.34
CA ILE E 225 -21.99 -32.80 -3.18
C ILE E 225 -21.48 -34.17 -3.63
N ILE E 226 -22.17 -34.78 -4.60
CA ILE E 226 -21.77 -36.11 -5.08
C ILE E 226 -20.40 -36.04 -5.74
N LEU E 227 -20.15 -35.01 -6.55
CA LEU E 227 -18.81 -34.80 -7.07
C LEU E 227 -17.78 -34.77 -5.96
N ALA E 228 -18.09 -34.08 -4.85
CA ALA E 228 -17.12 -33.98 -3.76
C ALA E 228 -16.90 -35.31 -3.05
N LEU E 229 -17.98 -36.07 -2.81
CA LEU E 229 -17.82 -37.29 -2.05
C LEU E 229 -17.21 -38.40 -2.90
N GLU E 230 -17.48 -38.38 -4.21
CA GLU E 230 -16.88 -39.35 -5.11
C GLU E 230 -15.37 -39.16 -5.24
N MET E 231 -14.89 -37.91 -5.29
CA MET E 231 -13.44 -37.76 -5.34
C MET E 231 -12.77 -38.00 -3.99
N MET E 232 -13.53 -38.15 -2.89
CA MET E 232 -12.96 -38.42 -1.57
C MET E 232 -13.01 -39.89 -1.16
N SER E 233 -13.67 -40.76 -1.92
CA SER E 233 -13.86 -42.15 -1.51
C SER E 233 -12.81 -43.07 -2.13
N MET F 1 31.96 -16.04 -13.53
CA MET F 1 32.29 -15.00 -12.55
C MET F 1 31.02 -14.27 -12.10
N THR F 2 30.08 -14.02 -13.00
CA THR F 2 28.69 -13.76 -12.66
C THR F 2 27.82 -14.62 -13.55
N PRO F 3 26.56 -14.86 -13.17
CA PRO F 3 25.67 -15.62 -14.06
C PRO F 3 25.30 -14.90 -15.35
N HIS F 4 25.50 -13.58 -15.42
CA HIS F 4 25.02 -12.84 -16.58
C HIS F 4 26.13 -12.17 -17.39
N ILE F 5 27.37 -12.19 -16.90
CA ILE F 5 28.51 -11.63 -17.62
C ILE F 5 29.68 -12.61 -17.52
N ASN F 6 30.25 -12.98 -18.66
CA ASN F 6 31.40 -13.88 -18.67
C ASN F 6 32.69 -13.15 -19.01
N ALA F 7 32.85 -11.92 -18.51
CA ALA F 7 34.12 -11.21 -18.67
C ALA F 7 35.01 -11.46 -17.46
N LYS F 8 36.31 -11.34 -17.68
CA LYS F 8 37.26 -11.49 -16.60
C LYS F 8 37.45 -10.16 -15.89
N ILE F 9 37.73 -10.22 -14.58
CA ILE F 9 37.92 -9.02 -13.79
C ILE F 9 39.05 -8.18 -14.39
N GLY F 10 38.74 -6.90 -14.64
CA GLY F 10 39.67 -6.00 -15.29
C GLY F 10 39.39 -5.73 -16.75
N ASP F 11 38.48 -6.49 -17.38
CA ASP F 11 38.13 -6.23 -18.76
C ASP F 11 37.34 -4.94 -18.94
N PHE F 12 36.67 -4.47 -17.89
CA PHE F 12 35.85 -3.26 -17.93
C PHE F 12 36.64 -2.06 -17.43
N TYR F 13 36.69 -1.01 -18.23
CA TYR F 13 37.14 0.25 -17.73
C TYR F 13 36.15 0.76 -16.68
N PRO F 14 36.58 1.65 -15.78
CA PRO F 14 35.67 2.15 -14.74
C PRO F 14 34.57 3.08 -15.28
N GLN F 15 34.61 3.44 -16.55
CA GLN F 15 33.52 4.16 -17.20
C GLN F 15 32.82 3.22 -18.18
N CYS F 16 31.49 3.19 -18.11
CA CYS F 16 30.75 2.25 -18.94
C CYS F 16 29.51 2.91 -19.52
N LEU F 17 29.36 2.79 -20.83
CA LEU F 17 28.16 3.16 -21.54
C LEU F 17 27.19 1.99 -21.54
N LEU F 18 25.90 2.29 -21.34
CA LEU F 18 24.87 1.25 -21.25
C LEU F 18 23.80 1.48 -22.31
N CYS F 19 23.38 0.39 -22.95
CA CYS F 19 22.24 0.40 -23.85
C CYS F 19 21.40 -0.83 -23.54
N GLY F 20 20.14 -0.79 -23.97
CA GLY F 20 19.30 -1.96 -23.85
C GLY F 20 19.59 -2.97 -24.94
N ASP F 21 19.85 -2.48 -26.16
CA ASP F 21 19.91 -3.31 -27.35
C ASP F 21 21.35 -3.74 -27.55
N PRO F 22 21.69 -5.03 -27.40
CA PRO F 22 23.08 -5.43 -27.63
C PRO F 22 23.53 -5.19 -29.06
N LEU F 23 22.61 -5.17 -30.02
CA LEU F 23 22.97 -4.82 -31.40
C LEU F 23 23.41 -3.37 -31.52
N ARG F 24 22.89 -2.48 -30.68
CA ARG F 24 23.37 -1.11 -30.71
C ARG F 24 24.74 -1.00 -30.03
N VAL F 25 24.91 -1.75 -28.94
CA VAL F 25 26.21 -1.82 -28.27
C VAL F 25 27.28 -2.27 -29.24
N SER F 26 26.95 -3.21 -30.11
CA SER F 26 27.87 -3.67 -31.15
C SER F 26 28.19 -2.58 -32.16
N TYR F 27 27.15 -1.90 -32.65
CA TYR F 27 27.34 -0.77 -33.57
C TYR F 27 28.31 0.26 -33.00
N ILE F 28 28.14 0.64 -31.72
CA ILE F 28 29.00 1.66 -31.15
C ILE F 28 30.43 1.18 -31.03
N ALA F 29 30.65 -0.14 -30.99
CA ALA F 29 32.02 -0.66 -30.88
C ALA F 29 32.75 -0.59 -32.22
N LYS F 30 32.10 -1.04 -33.30
CA LYS F 30 32.76 -1.11 -34.59
C LYS F 30 32.95 0.28 -35.21
N LYS F 31 32.08 1.25 -34.88
CA LYS F 31 32.09 2.53 -35.57
C LYS F 31 32.82 3.63 -34.82
N PHE F 32 32.61 3.74 -33.50
CA PHE F 32 33.14 4.86 -32.76
C PHE F 32 34.31 4.51 -31.85
N LEU F 33 34.64 3.24 -31.68
CA LEU F 33 35.73 2.88 -30.79
C LEU F 33 36.90 2.29 -31.58
N GLN F 34 38.11 2.53 -31.05
CA GLN F 34 39.33 1.91 -31.55
C GLN F 34 39.77 0.81 -30.61
N ASP F 35 40.32 -0.26 -31.19
CA ASP F 35 40.82 -1.42 -30.43
C ASP F 35 39.70 -2.07 -29.62
N ALA F 36 38.48 -2.07 -30.16
CA ALA F 36 37.35 -2.58 -29.41
C ALA F 36 37.27 -4.09 -29.54
N LYS F 37 37.24 -4.80 -28.41
CA LYS F 37 37.02 -6.23 -28.42
C LYS F 37 35.84 -6.60 -27.52
N GLU F 38 35.12 -7.63 -27.95
CA GLU F 38 34.03 -8.22 -27.19
C GLU F 38 34.57 -8.93 -25.95
N ILE F 39 34.14 -8.47 -24.77
CA ILE F 39 34.55 -9.08 -23.51
C ILE F 39 33.46 -9.92 -22.86
N THR F 40 32.22 -9.86 -23.36
CA THR F 40 31.17 -10.68 -22.76
C THR F 40 30.05 -10.88 -23.77
N ASN F 41 29.39 -12.05 -23.67
CA ASN F 41 28.36 -12.43 -24.63
C ASN F 41 27.25 -13.29 -24.03
N VAL F 42 27.12 -13.39 -22.71
CA VAL F 42 26.12 -14.28 -22.13
C VAL F 42 24.73 -13.86 -22.59
N ARG F 43 23.92 -14.87 -22.95
CA ARG F 43 22.55 -14.65 -23.42
C ARG F 43 22.52 -13.65 -24.58
N ASN F 44 23.60 -13.57 -25.36
CA ASN F 44 23.72 -12.63 -26.46
C ASN F 44 23.71 -11.18 -25.98
N MET F 45 24.01 -10.94 -24.71
CA MET F 45 24.05 -9.58 -24.18
C MET F 45 25.51 -9.11 -24.23
N LEU F 46 25.85 -8.43 -25.32
CA LEU F 46 27.23 -8.16 -25.64
C LEU F 46 27.79 -7.03 -24.78
N GLY F 47 29.09 -7.10 -24.53
CA GLY F 47 29.80 -6.02 -23.87
C GLY F 47 31.21 -5.91 -24.39
N PHE F 48 31.70 -4.67 -24.45
CA PHE F 48 32.96 -4.33 -25.11
C PHE F 48 33.80 -3.41 -24.24
N SER F 49 35.11 -3.47 -24.46
CA SER F 49 36.05 -2.47 -23.96
C SER F 49 36.90 -2.00 -25.14
N GLY F 50 37.15 -0.69 -25.19
CA GLY F 50 37.86 -0.08 -26.31
C GLY F 50 38.36 1.31 -25.96
N LYS F 51 38.53 2.15 -26.99
CA LYS F 51 39.11 3.48 -26.84
C LYS F 51 38.36 4.51 -27.69
N TYR F 52 38.10 5.68 -27.10
CA TYR F 52 37.60 6.85 -27.83
C TYR F 52 38.49 8.04 -27.48
N LYS F 53 39.01 8.71 -28.51
CA LYS F 53 39.95 9.81 -28.38
C LYS F 53 41.05 9.50 -27.36
N GLY F 54 41.65 8.31 -27.52
CA GLY F 54 42.74 7.84 -26.68
C GLY F 54 42.35 7.30 -25.33
N ARG F 55 41.09 7.40 -24.91
CA ARG F 55 40.67 7.07 -23.56
C ARG F 55 39.91 5.75 -23.51
N GLY F 56 40.07 5.03 -22.41
CA GLY F 56 39.48 3.70 -22.26
C GLY F 56 38.01 3.79 -21.85
N ILE F 57 37.16 3.05 -22.56
CA ILE F 57 35.71 3.10 -22.35
C ILE F 57 35.14 1.70 -22.58
N SER F 58 34.16 1.31 -21.75
CA SER F 58 33.48 0.03 -21.87
C SER F 58 32.01 0.22 -22.23
N LEU F 59 31.45 -0.77 -22.92
CA LEU F 59 30.08 -0.74 -23.40
C LEU F 59 29.35 -1.98 -22.92
N MET F 60 28.08 -1.84 -22.57
CA MET F 60 27.38 -3.00 -22.05
C MET F 60 25.90 -2.93 -22.40
N GLY F 61 25.38 -4.02 -22.94
CA GLY F 61 23.94 -4.15 -23.09
C GLY F 61 23.29 -4.59 -21.79
N HIS F 62 22.03 -4.18 -21.59
CA HIS F 62 21.34 -4.52 -20.35
C HIS F 62 19.88 -4.90 -20.55
N GLY F 63 19.47 -5.26 -21.77
CA GLY F 63 18.10 -5.70 -21.96
C GLY F 63 17.09 -4.60 -21.64
N MET F 64 15.83 -5.01 -21.51
CA MET F 64 14.73 -4.07 -21.31
C MET F 64 14.11 -4.22 -19.93
N GLY F 65 13.95 -3.11 -19.24
CA GLY F 65 13.15 -3.05 -18.02
C GLY F 65 14.01 -2.99 -16.77
N ILE F 66 13.34 -2.62 -15.66
CA ILE F 66 14.03 -2.35 -14.41
C ILE F 66 14.70 -3.62 -13.86
N ALA F 67 14.03 -4.77 -13.99
CA ALA F 67 14.60 -6.01 -13.49
C ALA F 67 15.90 -6.34 -14.22
N SER F 68 15.87 -6.27 -15.56
CA SER F 68 17.03 -6.63 -16.36
C SER F 68 18.18 -5.65 -16.13
N CYS F 69 17.86 -4.35 -16.10
CA CYS F 69 18.87 -3.32 -15.87
C CYS F 69 19.55 -3.51 -14.53
N THR F 70 18.76 -3.78 -13.50
CA THR F 70 19.31 -3.92 -12.16
C THR F 70 20.30 -5.07 -12.09
N ILE F 71 19.99 -6.17 -12.78
CA ILE F 71 20.89 -7.33 -12.78
C ILE F 71 22.28 -6.94 -13.29
N TYR F 72 22.34 -6.25 -14.44
CA TYR F 72 23.63 -5.98 -15.06
C TYR F 72 24.34 -4.79 -14.40
N VAL F 73 23.59 -3.75 -14.05
CA VAL F 73 24.21 -2.64 -13.33
C VAL F 73 24.80 -3.12 -12.01
N THR F 74 24.05 -3.97 -11.28
CA THR F 74 24.55 -4.60 -10.06
C THR F 74 25.88 -5.31 -10.28
N GLU F 75 25.95 -6.15 -11.30
CA GLU F 75 27.16 -6.95 -11.46
C GLU F 75 28.33 -6.09 -11.91
N LEU F 76 28.07 -5.10 -12.78
CA LEU F 76 29.14 -4.21 -13.23
C LEU F 76 29.79 -3.48 -12.07
N ILE F 77 29.02 -3.11 -11.06
CA ILE F 77 29.58 -2.34 -9.96
C ILE F 77 30.27 -3.27 -8.97
N LYS F 78 29.50 -4.21 -8.38
CA LYS F 78 30.01 -5.04 -7.32
C LYS F 78 31.08 -6.02 -7.77
N THR F 79 31.06 -6.46 -9.02
CA THR F 79 32.08 -7.40 -9.49
C THR F 79 33.13 -6.78 -10.38
N TYR F 80 32.74 -5.99 -11.38
CA TYR F 80 33.68 -5.43 -12.35
C TYR F 80 34.14 -4.01 -12.01
N GLN F 81 33.77 -3.50 -10.84
CA GLN F 81 34.25 -2.21 -10.31
C GLN F 81 34.05 -1.05 -11.29
N VAL F 82 32.99 -1.11 -12.08
CA VAL F 82 32.57 0.06 -12.85
C VAL F 82 32.07 1.12 -11.88
N LYS F 83 32.49 2.37 -12.08
CA LYS F 83 32.18 3.43 -11.14
C LYS F 83 31.29 4.52 -11.73
N GLU F 84 31.28 4.71 -13.05
CA GLU F 84 30.39 5.64 -13.72
C GLU F 84 29.60 4.87 -14.76
N LEU F 85 28.28 4.98 -14.71
CA LEU F 85 27.44 4.34 -15.71
C LEU F 85 26.61 5.42 -16.38
N LEU F 86 26.71 5.49 -17.70
CA LEU F 86 25.92 6.40 -18.51
C LEU F 86 25.06 5.54 -19.43
N ARG F 87 23.76 5.67 -19.31
CA ARG F 87 22.85 4.91 -20.16
C ARG F 87 22.24 5.85 -21.18
N ILE F 88 22.12 5.37 -22.42
CA ILE F 88 21.56 6.15 -23.51
C ILE F 88 20.60 5.26 -24.29
N GLY F 89 19.46 5.81 -24.67
CA GLY F 89 18.45 5.03 -25.36
C GLY F 89 17.35 5.92 -25.91
N THR F 90 16.28 5.28 -26.31
CA THR F 90 15.12 5.97 -26.85
C THR F 90 14.01 6.06 -25.79
N CYS F 91 13.03 6.93 -26.01
CA CYS F 91 11.82 6.91 -25.22
C CYS F 91 10.61 7.29 -26.04
N GLY F 92 9.52 7.46 -25.32
CA GLY F 92 8.32 8.05 -25.85
C GLY F 92 8.00 9.34 -25.11
N ALA F 93 8.14 10.46 -25.80
CA ALA F 93 7.84 11.73 -25.17
C ALA F 93 6.36 11.84 -24.86
N ILE F 94 6.04 12.41 -23.72
CA ILE F 94 4.66 12.64 -23.32
C ILE F 94 4.38 14.09 -23.00
N SER F 95 5.38 14.97 -23.13
CA SER F 95 5.27 16.39 -22.83
C SER F 95 5.35 17.23 -24.10
N PRO F 96 4.65 18.39 -24.14
CA PRO F 96 4.79 19.30 -25.28
C PRO F 96 6.07 20.11 -25.23
N LYS F 97 6.80 20.04 -24.14
CA LYS F 97 8.06 20.77 -24.02
C LYS F 97 9.16 20.13 -24.85
N VAL F 98 8.97 18.90 -25.34
CA VAL F 98 9.96 18.25 -26.17
C VAL F 98 9.30 17.75 -27.45
N GLY F 99 10.11 17.67 -28.50
CA GLY F 99 9.71 17.08 -29.76
C GLY F 99 10.79 16.15 -30.30
N LEU F 100 10.61 15.64 -31.51
CA LEU F 100 11.49 14.59 -32.03
C LEU F 100 12.95 15.06 -32.11
N LYS F 101 13.86 14.10 -31.92
CA LYS F 101 15.31 14.29 -31.97
C LYS F 101 15.88 15.01 -30.75
N ASP F 102 15.00 15.57 -29.91
CA ASP F 102 15.46 16.12 -28.63
C ASP F 102 16.17 15.06 -27.82
N ILE F 103 17.11 15.50 -26.98
CA ILE F 103 17.77 14.63 -26.01
C ILE F 103 17.39 15.10 -24.62
N ILE F 104 16.94 14.15 -23.79
CA ILE F 104 16.48 14.41 -22.43
C ILE F 104 17.54 13.87 -21.46
N MET F 105 17.94 14.71 -20.53
CA MET F 105 18.67 14.28 -19.35
C MET F 105 17.68 14.08 -18.21
N ALA F 106 17.59 12.86 -17.71
CA ALA F 106 16.69 12.54 -16.61
C ALA F 106 17.38 12.85 -15.29
N THR F 107 16.97 13.95 -14.63
CA THR F 107 17.41 14.25 -13.28
C THR F 107 16.47 13.67 -12.24
N GLY F 108 15.42 12.98 -12.67
CA GLY F 108 14.52 12.25 -11.81
C GLY F 108 13.88 11.13 -12.59
N ALA F 109 13.69 9.97 -11.95
CA ALA F 109 13.02 8.82 -12.56
C ALA F 109 11.90 8.38 -11.62
N SER F 110 10.70 8.89 -11.87
CA SER F 110 9.53 8.35 -11.22
C SER F 110 9.24 6.97 -11.80
N THR F 111 8.36 6.22 -11.14
CA THR F 111 8.15 4.82 -11.52
C THR F 111 6.79 4.33 -11.01
N ASP F 112 6.32 3.25 -11.61
CA ASP F 112 5.18 2.51 -11.10
C ASP F 112 5.59 1.12 -10.63
N SER F 113 6.88 0.86 -10.62
CA SER F 113 7.44 -0.38 -10.11
C SER F 113 7.45 -0.35 -8.58
N LYS F 114 7.43 -1.54 -7.98
CA LYS F 114 7.54 -1.61 -6.54
C LYS F 114 8.97 -1.80 -6.08
N THR F 115 9.95 -1.80 -7.00
CA THR F 115 11.31 -2.17 -6.65
C THR F 115 11.90 -1.23 -5.61
N ASN F 116 11.60 0.07 -5.72
CA ASN F 116 12.25 1.02 -4.81
C ASN F 116 11.57 1.07 -3.47
N ARG F 117 10.26 0.80 -3.44
CA ARG F 117 9.57 0.53 -2.17
C ARG F 117 10.17 -0.69 -1.48
N VAL F 118 10.49 -1.73 -2.24
CA VAL F 118 11.14 -2.89 -1.63
C VAL F 118 12.48 -2.49 -1.07
N ARG F 119 13.28 -1.77 -1.87
CA ARG F 119 14.62 -1.40 -1.45
C ARG F 119 14.61 -0.55 -0.19
N PHE F 120 13.60 0.31 -0.04
CA PHE F 120 13.73 1.53 0.74
C PHE F 120 12.50 1.74 1.65
N LEU F 121 12.27 0.77 2.56
CA LEU F 121 11.37 0.93 3.69
C LEU F 121 9.93 1.20 3.29
N ASN F 122 9.53 0.85 2.06
CA ASN F 122 8.19 1.13 1.54
C ASN F 122 7.83 2.60 1.60
N HIS F 123 8.84 3.47 1.62
CA HIS F 123 8.68 4.89 1.45
C HIS F 123 8.92 5.25 -0.03
N ASP F 124 8.96 6.55 -0.32
CA ASP F 124 9.16 7.05 -1.69
C ASP F 124 10.65 7.37 -1.84
N LEU F 125 11.39 6.51 -2.53
CA LEU F 125 12.76 6.82 -2.91
C LEU F 125 12.73 7.72 -4.13
N SER F 126 13.23 8.95 -4.00
CA SER F 126 13.45 9.81 -5.14
C SER F 126 14.72 9.33 -5.85
N ALA F 127 14.51 8.62 -6.96
CA ALA F 127 15.60 8.01 -7.69
C ALA F 127 16.21 9.05 -8.61
N THR F 128 17.44 9.46 -8.33
CA THR F 128 18.08 10.56 -9.05
C THR F 128 19.46 10.15 -9.54
N PRO F 129 20.00 10.90 -10.51
CA PRO F 129 21.37 10.64 -10.96
C PRO F 129 22.42 11.36 -10.14
N ASP F 130 23.65 10.91 -10.30
CA ASP F 130 24.76 11.65 -9.72
C ASP F 130 24.83 13.06 -10.32
N PHE F 131 24.89 14.07 -9.44
CA PHE F 131 24.86 15.46 -9.91
C PHE F 131 26.04 15.78 -10.80
N GLU F 132 27.25 15.45 -10.35
CA GLU F 132 28.44 15.82 -11.10
C GLU F 132 28.38 15.29 -12.52
N LEU F 133 27.92 14.04 -12.69
CA LEU F 133 27.82 13.46 -14.02
C LEU F 133 26.81 14.21 -14.87
N SER F 134 25.70 14.66 -14.27
CA SER F 134 24.76 15.46 -15.02
C SER F 134 25.33 16.83 -15.37
N LEU F 135 26.17 17.39 -14.50
CA LEU F 135 26.89 18.61 -14.81
C LEU F 135 27.84 18.41 -15.97
N ARG F 136 28.54 17.27 -16.00
CA ARG F 136 29.36 16.95 -17.17
C ARG F 136 28.49 16.87 -18.42
N ALA F 137 27.30 16.25 -18.32
CA ALA F 137 26.44 16.14 -19.48
C ALA F 137 25.99 17.52 -19.96
N TYR F 138 25.49 18.34 -19.04
CA TYR F 138 25.05 19.67 -19.41
C TYR F 138 26.17 20.46 -20.08
N GLN F 139 27.37 20.44 -19.49
CA GLN F 139 28.47 21.23 -20.01
C GLN F 139 28.94 20.69 -21.35
N THR F 140 29.18 19.37 -21.43
CA THR F 140 29.52 18.75 -22.71
C THR F 140 28.49 19.08 -23.79
N ALA F 141 27.21 18.89 -23.47
CA ALA F 141 26.13 19.25 -24.41
C ALA F 141 26.34 20.65 -24.98
N LYS F 142 26.55 21.63 -24.08
CA LYS F 142 26.76 23.01 -24.50
C LYS F 142 27.93 23.13 -25.47
N ARG F 143 29.08 22.54 -25.12
CA ARG F 143 30.23 22.57 -26.02
C ARG F 143 29.91 21.92 -27.36
N LEU F 144 29.12 20.85 -27.36
CA LEU F 144 28.76 20.19 -28.60
C LEU F 144 27.57 20.85 -29.30
N GLY F 145 27.03 21.93 -28.75
CA GLY F 145 25.90 22.60 -29.37
C GLY F 145 24.54 22.02 -29.09
N ILE F 146 24.41 21.02 -28.22
CA ILE F 146 23.13 20.38 -27.95
C ILE F 146 22.40 21.16 -26.86
N ASP F 147 21.13 21.49 -27.12
CA ASP F 147 20.26 22.08 -26.11
C ASP F 147 19.60 20.94 -25.34
N LEU F 148 20.15 20.61 -24.18
CA LEU F 148 19.62 19.49 -23.41
C LEU F 148 18.28 19.85 -22.80
N LYS F 149 17.32 18.94 -22.92
CA LYS F 149 16.06 19.04 -22.20
C LYS F 149 16.25 18.37 -20.84
N VAL F 150 15.98 19.10 -19.77
CA VAL F 150 16.21 18.57 -18.43
C VAL F 150 14.89 18.41 -17.71
N GLY F 151 14.70 17.26 -17.09
CA GLY F 151 13.51 17.04 -16.29
C GLY F 151 13.42 15.59 -15.86
N ASN F 152 12.22 15.21 -15.43
CA ASN F 152 11.96 13.85 -15.00
C ASN F 152 11.58 12.97 -16.18
N VAL F 153 11.91 11.69 -16.09
CA VAL F 153 11.27 10.69 -16.92
C VAL F 153 10.42 9.80 -16.02
N PHE F 154 9.50 9.07 -16.63
CA PHE F 154 8.71 8.09 -15.90
C PHE F 154 9.17 6.70 -16.36
N SER F 155 9.76 5.94 -15.45
CA SER F 155 10.22 4.57 -15.72
C SER F 155 9.07 3.61 -15.42
N SER F 156 8.56 2.97 -16.45
CA SER F 156 7.43 2.06 -16.29
C SER F 156 7.86 0.60 -16.47
N ASP F 157 7.18 -0.28 -15.71
CA ASP F 157 7.18 -1.71 -15.97
C ASP F 157 6.39 -2.09 -17.21
N PHE F 158 5.69 -1.15 -17.84
CA PHE F 158 4.80 -1.46 -18.97
C PHE F 158 5.22 -0.68 -20.21
N PHE F 159 5.52 -1.41 -21.29
CA PHE F 159 5.61 -0.77 -22.60
C PHE F 159 4.22 -0.46 -23.14
N TYR F 160 3.32 -1.44 -23.07
CA TYR F 160 1.91 -1.21 -23.34
C TYR F 160 1.25 -0.74 -22.05
N SER F 161 1.10 0.57 -21.92
CA SER F 161 0.55 1.15 -20.70
C SER F 161 -0.94 0.84 -20.58
N PHE F 162 -1.36 0.56 -19.36
CA PHE F 162 -2.77 0.55 -19.02
C PHE F 162 -3.23 1.90 -18.46
N GLU F 163 -2.38 2.94 -18.55
CA GLU F 163 -2.71 4.24 -17.97
C GLU F 163 -2.31 5.37 -18.91
N THR F 164 -2.68 5.24 -20.20
CA THR F 164 -2.42 6.32 -21.14
C THR F 164 -3.26 7.55 -20.83
N HIS F 165 -4.35 7.39 -20.09
CA HIS F 165 -5.13 8.53 -19.63
C HIS F 165 -4.37 9.39 -18.61
N ALA F 166 -3.32 8.85 -18.01
CA ALA F 166 -2.55 9.57 -17.01
C ALA F 166 -1.33 10.30 -17.58
N PHE F 167 -1.09 10.24 -18.91
CA PHE F 167 0.11 10.86 -19.49
C PHE F 167 0.09 12.37 -19.34
N ASP F 168 -1.07 13.02 -19.50
CA ASP F 168 -1.11 14.46 -19.32
C ASP F 168 -0.77 14.87 -17.88
N LEU F 169 -1.21 14.07 -16.90
CA LEU F 169 -0.85 14.30 -15.51
C LEU F 169 0.65 14.08 -15.25
N MET F 170 1.25 13.09 -15.92
CA MET F 170 2.71 12.95 -15.82
C MET F 170 3.43 14.17 -16.40
N ALA F 171 3.00 14.65 -17.56
CA ALA F 171 3.60 15.84 -18.16
C ALA F 171 3.41 17.05 -17.26
N LYS F 172 2.22 17.18 -16.67
CA LYS F 172 1.98 18.24 -15.72
C LYS F 172 3.09 18.29 -14.66
N TYR F 173 3.55 17.11 -14.22
CA TYR F 173 4.53 17.01 -13.15
C TYR F 173 5.95 16.93 -13.67
N ASN F 174 6.21 17.48 -14.84
CA ASN F 174 7.57 17.61 -15.37
C ASN F 174 8.17 16.26 -15.75
N HIS F 175 7.33 15.34 -16.23
CA HIS F 175 7.80 14.10 -16.86
C HIS F 175 7.83 14.31 -18.37
N LEU F 176 9.05 14.37 -18.93
CA LEU F 176 9.19 14.69 -20.35
C LEU F 176 8.96 13.47 -21.24
N ALA F 177 9.34 12.28 -20.78
CA ALA F 177 9.19 11.06 -21.57
C ALA F 177 8.92 9.88 -20.65
N ILE F 178 8.49 8.78 -21.27
CA ILE F 178 8.42 7.47 -20.63
C ILE F 178 9.52 6.59 -21.22
N GLU F 179 10.26 5.92 -20.35
CA GLU F 179 11.09 4.78 -20.76
C GLU F 179 10.91 3.72 -19.67
N MET F 180 11.86 2.77 -19.58
CA MET F 180 11.60 1.60 -18.75
C MET F 180 12.72 1.15 -17.83
N GLU F 181 13.78 1.94 -17.63
CA GLU F 181 14.95 1.46 -16.88
C GLU F 181 15.56 2.45 -15.89
N ALA F 182 15.37 3.76 -16.05
CA ALA F 182 16.18 4.72 -15.32
C ALA F 182 15.98 4.63 -13.80
N ALA F 183 14.77 4.36 -13.34
CA ALA F 183 14.56 4.24 -11.89
C ALA F 183 15.37 3.10 -11.30
N GLY F 184 15.54 2.01 -12.05
CA GLY F 184 16.39 0.93 -11.57
C GLY F 184 17.88 1.27 -11.65
N LEU F 185 18.31 1.79 -12.80
CA LEU F 185 19.65 2.33 -12.92
C LEU F 185 19.96 3.26 -11.75
N TYR F 186 19.10 4.25 -11.53
CA TYR F 186 19.39 5.24 -10.52
C TYR F 186 19.36 4.64 -9.13
N ALA F 187 18.37 3.78 -8.83
CA ALA F 187 18.31 3.16 -7.51
C ALA F 187 19.49 2.22 -7.29
N THR F 188 19.91 1.51 -8.33
CA THR F 188 21.03 0.58 -8.14
C THR F 188 22.33 1.33 -7.91
N ALA F 189 22.54 2.41 -8.68
CA ALA F 189 23.76 3.19 -8.49
C ALA F 189 23.78 3.84 -7.11
N MET F 190 22.60 4.27 -6.64
CA MET F 190 22.45 4.77 -5.29
C MET F 190 22.77 3.70 -4.25
N GLU F 191 22.16 2.52 -4.42
CA GLU F 191 22.40 1.40 -3.49
C GLU F 191 23.89 1.16 -3.30
N LEU F 192 24.67 1.23 -4.38
CA LEU F 192 26.05 0.74 -4.35
C LEU F 192 27.06 1.87 -4.44
N ASN F 193 26.65 3.10 -4.15
CA ASN F 193 27.56 4.25 -4.09
C ASN F 193 28.28 4.46 -5.43
N ALA F 194 27.55 4.33 -6.54
CA ALA F 194 28.11 4.55 -7.86
C ALA F 194 27.39 5.70 -8.58
N LYS F 195 28.01 6.19 -9.65
CA LYS F 195 27.54 7.38 -10.37
C LYS F 195 26.85 7.00 -11.67
N ALA F 196 25.61 7.44 -11.82
CA ALA F 196 24.81 7.01 -12.96
C ALA F 196 24.08 8.19 -13.57
N LEU F 197 23.85 8.10 -14.87
CA LEU F 197 23.07 9.09 -15.59
C LEU F 197 22.34 8.38 -16.71
N CYS F 198 21.20 8.93 -17.10
CA CYS F 198 20.40 8.40 -18.18
C CYS F 198 20.07 9.53 -19.15
N LEU F 199 20.39 9.34 -20.43
CA LEU F 199 20.02 10.25 -21.50
C LEU F 199 19.01 9.61 -22.45
N CYS F 200 17.97 10.38 -22.77
CA CYS F 200 16.93 9.96 -23.70
C CYS F 200 17.01 10.64 -25.04
N SER F 201 16.81 9.87 -26.10
CA SER F 201 16.61 10.41 -27.44
C SER F 201 15.16 10.21 -27.81
N VAL F 202 14.45 11.32 -28.04
CA VAL F 202 13.07 11.24 -28.48
C VAL F 202 13.00 10.63 -29.89
N SER F 203 12.74 9.31 -29.94
CA SER F 203 12.48 8.60 -31.18
C SER F 203 10.99 8.55 -31.54
N ASP F 204 10.12 8.64 -30.54
CA ASP F 204 8.68 8.64 -30.71
C ASP F 204 8.10 9.68 -29.76
N HIS F 205 7.05 10.36 -30.21
CA HIS F 205 6.28 11.26 -29.37
C HIS F 205 4.88 10.66 -29.23
N LEU F 206 4.54 10.24 -28.01
CA LEU F 206 3.30 9.53 -27.78
C LEU F 206 2.08 10.42 -27.66
N ILE F 207 2.24 11.75 -27.62
CA ILE F 207 1.09 12.63 -27.54
C ILE F 207 0.67 13.04 -28.94
N THR F 208 1.58 13.69 -29.68
CA THR F 208 1.30 14.06 -31.07
C THR F 208 1.14 12.84 -31.97
N LYS F 209 1.67 11.69 -31.56
CA LYS F 209 1.61 10.46 -32.35
C LYS F 209 2.40 10.58 -33.64
N GLU F 210 3.56 11.24 -33.55
CA GLU F 210 4.54 11.26 -34.62
C GLU F 210 5.73 10.41 -34.20
N ALA F 211 6.50 9.99 -35.20
CA ALA F 211 7.67 9.16 -34.96
C ALA F 211 8.73 9.53 -35.98
N LEU F 212 9.96 9.03 -35.77
CA LEU F 212 11.04 9.24 -36.71
C LEU F 212 11.13 8.08 -37.70
N SER F 213 11.41 8.40 -38.96
CA SER F 213 11.71 7.38 -39.96
C SER F 213 12.97 6.63 -39.57
N PRO F 214 13.16 5.40 -40.06
CA PRO F 214 14.33 4.63 -39.61
C PRO F 214 15.65 5.31 -39.95
N LYS F 215 15.70 6.14 -40.98
CA LYS F 215 16.93 6.86 -41.29
C LYS F 215 17.25 7.87 -40.19
N GLU F 216 16.27 8.70 -39.83
CA GLU F 216 16.51 9.77 -38.86
C GLU F 216 16.83 9.22 -37.48
N ARG F 217 16.31 8.03 -37.14
CA ARG F 217 16.64 7.41 -35.87
C ARG F 217 18.14 7.15 -35.74
N VAL F 218 18.76 6.69 -36.83
CA VAL F 218 20.19 6.42 -36.81
C VAL F 218 20.98 7.71 -36.67
N GLU F 219 20.55 8.77 -37.35
CA GLU F 219 21.30 10.01 -37.26
C GLU F 219 21.04 10.71 -35.93
N SER F 220 19.80 10.66 -35.44
CA SER F 220 19.50 11.17 -34.10
C SER F 220 20.27 10.41 -33.03
N PHE F 221 20.36 9.08 -33.15
CA PHE F 221 21.06 8.34 -32.12
C PHE F 221 22.56 8.57 -32.20
N ASP F 222 23.10 8.80 -33.39
CA ASP F 222 24.53 9.08 -33.53
C ASP F 222 24.92 10.31 -32.72
N ASN F 223 24.07 11.33 -32.72
CA ASN F 223 24.40 12.55 -31.98
C ASN F 223 24.38 12.33 -30.48
N MET F 224 23.49 11.46 -29.97
CA MET F 224 23.54 11.10 -28.57
C MET F 224 24.75 10.24 -28.24
N ILE F 225 25.18 9.37 -29.16
CA ILE F 225 26.37 8.56 -28.91
C ILE F 225 27.59 9.47 -28.73
N ILE F 226 27.77 10.42 -29.64
CA ILE F 226 28.93 11.30 -29.56
C ILE F 226 28.92 12.07 -28.26
N LEU F 227 27.74 12.53 -27.83
CA LEU F 227 27.61 13.22 -26.55
C LEU F 227 28.13 12.34 -25.42
N ALA F 228 27.65 11.09 -25.37
CA ALA F 228 28.08 10.13 -24.36
C ALA F 228 29.59 9.97 -24.38
N LEU F 229 30.15 9.60 -25.53
CA LEU F 229 31.58 9.36 -25.64
C LEU F 229 32.39 10.62 -25.28
N GLU F 230 31.88 11.81 -25.63
CA GLU F 230 32.62 13.03 -25.34
C GLU F 230 32.63 13.36 -23.85
N MET F 231 31.57 13.01 -23.11
CA MET F 231 31.61 13.33 -21.69
C MET F 231 32.34 12.29 -20.88
N MET F 232 32.75 11.17 -21.47
CA MET F 232 33.56 10.19 -20.78
C MET F 232 35.03 10.21 -21.18
N SER F 233 35.38 10.94 -22.23
CA SER F 233 36.76 11.01 -22.66
C SER F 233 37.57 11.94 -21.77
C MOH G . 13.26 25.93 8.62
O MOH G . 13.75 24.70 8.14
C MOH H . 12.97 22.13 10.62
O MOH H . 12.51 21.10 9.78
C MOH I . -18.94 -12.93 20.15
O MOH I . -17.73 -13.07 19.48
C MOH J . -14.22 -14.13 18.20
O MOH J . -13.93 -15.46 18.59
#